data_3GF2
# 
_entry.id   3GF2 
# 
_audit_conform.dict_name       mmcif_pdbx.dic 
_audit_conform.dict_version    5.380 
_audit_conform.dict_location   http://mmcif.pdb.org/dictionaries/ascii/mmcif_pdbx.dic 
# 
loop_
_database_2.database_id 
_database_2.database_code 
_database_2.pdbx_database_accession 
_database_2.pdbx_DOI 
PDB   3GF2         pdb_00003gf2 10.2210/pdb3gf2/pdb 
RCSB  RCSB051778   ?            ?                   
WWPDB D_1000051778 ?            ?                   
# 
loop_
_pdbx_database_related.db_name 
_pdbx_database_related.db_id 
_pdbx_database_related.details 
_pdbx_database_related.content_type 
PDB      2eb7           'native form'                             unspecified 
PDB      2yr2           'Crystal belong to different space group' unspecified 
PDB      3gez           'native form'                             unspecified 
PDB      3GFI           'ST1710-DNA complex'                      unspecified 
PDB      3GFJ           R89A                                      unspecified 
PDB      3GFL           R90A                                      unspecified 
PDB      3GFM           K91A                                      unspecified 
TargetDB Sto001001710.4 .                                         unspecified 
# 
_pdbx_database_status.entry_id                        3GF2 
_pdbx_database_status.deposit_site                    RCSB 
_pdbx_database_status.process_site                    PDBJ 
_pdbx_database_status.recvd_initial_deposition_date   2009-02-26 
_pdbx_database_status.status_code                     REL 
_pdbx_database_status.status_code_sf                  REL 
_pdbx_database_status.status_code_mr                  ? 
_pdbx_database_status.SG_entry                        Y 
_pdbx_database_status.pdb_format_compatible           Y 
_pdbx_database_status.status_code_cs                  ? 
_pdbx_database_status.methods_development_category    ? 
_pdbx_database_status.status_code_nmr_data            ? 
# 
loop_
_audit_author.name 
_audit_author.pdbx_ordinal 
'Kumarevel, T.'                                          1 
'Tanaka, T.'                                             2 
'Yokoyama, S.'                                           3 
'RIKEN Structural Genomics/Proteomics Initiative (RSGI)' 4 
# 
loop_
_citation.id 
_citation.title 
_citation.journal_abbrev 
_citation.journal_volume 
_citation.page_first 
_citation.page_last 
_citation.year 
_citation.journal_id_ASTM 
_citation.country 
_citation.journal_id_ISSN 
_citation.journal_id_CSD 
_citation.book_publisher 
_citation.pdbx_database_id_PubMed 
_citation.pdbx_database_id_DOI 
primary 'ST1710-DNA complex crystal structure reveals the DNA binding mechanism of the MarR family of regulators.' 
'Nucleic Acids Res.' 37  4723 4735 2009 NARHAD UK 0305-1048 0389 ? 19509310 10.1093/nar/gkp496        
1       'Crystal structure of the MarR family regulatory protein, ST1710, from Sulfolobus tokodaii strain 7.'      J.Struct.Biol. 
161 9    17   2008 JSBIEM US 1047-8477 0803 ? 17933554 10.1016/j.jsb.2007.08.017 
# 
loop_
_citation_author.citation_id 
_citation_author.name 
_citation_author.ordinal 
_citation_author.identifier_ORCID 
primary 'Kumarevel, T.'  1  ? 
primary 'Tanaka, T.'     2  ? 
primary 'Umehara, T.'    3  ? 
primary 'Yokoyama, S.'   4  ? 
1       'Kumarevel, T.'  5  ? 
1       'Tanaka, T.'     6  ? 
1       'Nishio, M.'     7  ? 
1       'Gopinath, S.C.' 8  ? 
1       'Takio, K.'      9  ? 
1       'Shinkai, A.'    10 ? 
1       'Kumar, P.K.'    11 ? 
1       'Yokoyama, S.'   12 ? 
# 
_cell.length_a           46.135 
_cell.length_b           46.135 
_cell.length_c           137.640 
_cell.angle_alpha        90.000 
_cell.angle_beta         90.000 
_cell.angle_gamma        90.000 
_cell.entry_id           3GF2 
_cell.pdbx_unique_axis   ? 
_cell.Z_PDB              8 
_cell.length_a_esd       ? 
_cell.length_b_esd       ? 
_cell.length_c_esd       ? 
_cell.angle_alpha_esd    ? 
_cell.angle_beta_esd     ? 
_cell.angle_gamma_esd    ? 
# 
_symmetry.space_group_name_H-M             'P 41 21 2' 
_symmetry.entry_id                         3GF2 
_symmetry.pdbx_full_space_group_name_H-M   ? 
_symmetry.Int_Tables_number                92 
_symmetry.cell_setting                     ? 
_symmetry.space_group_name_Hall            ? 
# 
loop_
_entity.id 
_entity.type 
_entity.src_method 
_entity.pdbx_description 
_entity.formula_weight 
_entity.pdbx_number_of_molecules 
_entity.pdbx_ec 
_entity.pdbx_mutation 
_entity.pdbx_fragment 
_entity.details 
1 polymer     man '146aa long hypothetical transcriptional regulator' 16879.564 1   ? ? ? ? 
2 non-polymer syn '2-HYDROXYBENZOIC ACID'                             138.121   1   ? ? ? ? 
3 water       nat water                                               18.015    152 ? ? ? ? 
# 
_entity_name_com.entity_id   1 
_entity_name_com.name        'Transcription regulator ST1710' 
# 
_entity_poly.entity_id                      1 
_entity_poly.type                           'polypeptide(L)' 
_entity_poly.nstd_linkage                   no 
_entity_poly.nstd_monomer                   no 
_entity_poly.pdbx_seq_one_letter_code       
;MLESNENRIQIMSTIAKIYRAMSRELNRRLGELNLSYLDFLVLRATSDGPKTMAYLANRYFVTQSAITASVDKLEEMGLV
VRVRDREDRRKILIEITEKGLETFNKGIEIYKKLANEVTGDLSEDEVILVLDKISKILKRIEEISQ
;
_entity_poly.pdbx_seq_one_letter_code_can   
;MLESNENRIQIMSTIAKIYRAMSRELNRRLGELNLSYLDFLVLRATSDGPKTMAYLANRYFVTQSAITASVDKLEEMGLV
VRVRDREDRRKILIEITEKGLETFNKGIEIYKKLANEVTGDLSEDEVILVLDKISKILKRIEEISQ
;
_entity_poly.pdbx_strand_id                 A 
_entity_poly.pdbx_target_identifier         Sto001001710.4 
# 
loop_
_entity_poly_seq.entity_id 
_entity_poly_seq.num 
_entity_poly_seq.mon_id 
_entity_poly_seq.hetero 
1 1   MET n 
1 2   LEU n 
1 3   GLU n 
1 4   SER n 
1 5   ASN n 
1 6   GLU n 
1 7   ASN n 
1 8   ARG n 
1 9   ILE n 
1 10  GLN n 
1 11  ILE n 
1 12  MET n 
1 13  SER n 
1 14  THR n 
1 15  ILE n 
1 16  ALA n 
1 17  LYS n 
1 18  ILE n 
1 19  TYR n 
1 20  ARG n 
1 21  ALA n 
1 22  MET n 
1 23  SER n 
1 24  ARG n 
1 25  GLU n 
1 26  LEU n 
1 27  ASN n 
1 28  ARG n 
1 29  ARG n 
1 30  LEU n 
1 31  GLY n 
1 32  GLU n 
1 33  LEU n 
1 34  ASN n 
1 35  LEU n 
1 36  SER n 
1 37  TYR n 
1 38  LEU n 
1 39  ASP n 
1 40  PHE n 
1 41  LEU n 
1 42  VAL n 
1 43  LEU n 
1 44  ARG n 
1 45  ALA n 
1 46  THR n 
1 47  SER n 
1 48  ASP n 
1 49  GLY n 
1 50  PRO n 
1 51  LYS n 
1 52  THR n 
1 53  MET n 
1 54  ALA n 
1 55  TYR n 
1 56  LEU n 
1 57  ALA n 
1 58  ASN n 
1 59  ARG n 
1 60  TYR n 
1 61  PHE n 
1 62  VAL n 
1 63  THR n 
1 64  GLN n 
1 65  SER n 
1 66  ALA n 
1 67  ILE n 
1 68  THR n 
1 69  ALA n 
1 70  SER n 
1 71  VAL n 
1 72  ASP n 
1 73  LYS n 
1 74  LEU n 
1 75  GLU n 
1 76  GLU n 
1 77  MET n 
1 78  GLY n 
1 79  LEU n 
1 80  VAL n 
1 81  VAL n 
1 82  ARG n 
1 83  VAL n 
1 84  ARG n 
1 85  ASP n 
1 86  ARG n 
1 87  GLU n 
1 88  ASP n 
1 89  ARG n 
1 90  ARG n 
1 91  LYS n 
1 92  ILE n 
1 93  LEU n 
1 94  ILE n 
1 95  GLU n 
1 96  ILE n 
1 97  THR n 
1 98  GLU n 
1 99  LYS n 
1 100 GLY n 
1 101 LEU n 
1 102 GLU n 
1 103 THR n 
1 104 PHE n 
1 105 ASN n 
1 106 LYS n 
1 107 GLY n 
1 108 ILE n 
1 109 GLU n 
1 110 ILE n 
1 111 TYR n 
1 112 LYS n 
1 113 LYS n 
1 114 LEU n 
1 115 ALA n 
1 116 ASN n 
1 117 GLU n 
1 118 VAL n 
1 119 THR n 
1 120 GLY n 
1 121 ASP n 
1 122 LEU n 
1 123 SER n 
1 124 GLU n 
1 125 ASP n 
1 126 GLU n 
1 127 VAL n 
1 128 ILE n 
1 129 LEU n 
1 130 VAL n 
1 131 LEU n 
1 132 ASP n 
1 133 LYS n 
1 134 ILE n 
1 135 SER n 
1 136 LYS n 
1 137 ILE n 
1 138 LEU n 
1 139 LYS n 
1 140 ARG n 
1 141 ILE n 
1 142 GLU n 
1 143 GLU n 
1 144 ILE n 
1 145 SER n 
1 146 GLN n 
# 
_entity_src_gen.entity_id                          1 
_entity_src_gen.pdbx_src_id                        1 
_entity_src_gen.pdbx_alt_source_flag               sample 
_entity_src_gen.pdbx_seq_type                      ? 
_entity_src_gen.pdbx_beg_seq_num                   ? 
_entity_src_gen.pdbx_end_seq_num                   ? 
_entity_src_gen.gene_src_common_name               ? 
_entity_src_gen.gene_src_genus                     ? 
_entity_src_gen.pdbx_gene_src_gene                 ST1710 
_entity_src_gen.gene_src_species                   ? 
_entity_src_gen.gene_src_strain                    ? 
_entity_src_gen.gene_src_tissue                    ? 
_entity_src_gen.gene_src_tissue_fraction           ? 
_entity_src_gen.gene_src_details                   ? 
_entity_src_gen.pdbx_gene_src_fragment             ? 
_entity_src_gen.pdbx_gene_src_scientific_name      'Sulfolobus tokodaii' 
_entity_src_gen.pdbx_gene_src_ncbi_taxonomy_id     111955 
_entity_src_gen.pdbx_gene_src_variant              ? 
_entity_src_gen.pdbx_gene_src_cell_line            ? 
_entity_src_gen.pdbx_gene_src_atcc                 ? 
_entity_src_gen.pdbx_gene_src_organ                ? 
_entity_src_gen.pdbx_gene_src_organelle            ? 
_entity_src_gen.pdbx_gene_src_cell                 ? 
_entity_src_gen.pdbx_gene_src_cellular_location    ? 
_entity_src_gen.host_org_common_name               ? 
_entity_src_gen.pdbx_host_org_scientific_name      'Escherichia coli' 
_entity_src_gen.pdbx_host_org_ncbi_taxonomy_id     562 
_entity_src_gen.host_org_genus                     ? 
_entity_src_gen.pdbx_host_org_gene                 ? 
_entity_src_gen.pdbx_host_org_organ                ? 
_entity_src_gen.host_org_species                   ? 
_entity_src_gen.pdbx_host_org_tissue               ? 
_entity_src_gen.pdbx_host_org_tissue_fraction      ? 
_entity_src_gen.pdbx_host_org_strain               'BL-21 CodonPlus (DE3)-RIL-X' 
_entity_src_gen.pdbx_host_org_variant              ? 
_entity_src_gen.pdbx_host_org_cell_line            ? 
_entity_src_gen.pdbx_host_org_atcc                 ? 
_entity_src_gen.pdbx_host_org_culture_collection   ? 
_entity_src_gen.pdbx_host_org_cell                 ? 
_entity_src_gen.pdbx_host_org_organelle            ? 
_entity_src_gen.pdbx_host_org_cellular_location    ? 
_entity_src_gen.pdbx_host_org_vector_type          plasmid 
_entity_src_gen.pdbx_host_org_vector               ? 
_entity_src_gen.host_org_details                   ? 
_entity_src_gen.expression_system_id               ? 
_entity_src_gen.plasmid_name                       pET21a 
_entity_src_gen.plasmid_details                    ? 
_entity_src_gen.pdbx_description                   ? 
# 
_struct_ref.id                         1 
_struct_ref.db_name                    UNP 
_struct_ref.db_code                    Q96ZY1_SULTO 
_struct_ref.pdbx_db_accession          Q96ZY1 
_struct_ref.entity_id                  1 
_struct_ref.pdbx_seq_one_letter_code   
;MLESNENRIQIMSTIAKIYRAMSRELNRRLGELNLSYLDFLVLRATSDGPKTMAYLANRYFVTQSAITASVDKLEEMGLV
VRVRDREDRRKILIEITEKGLETFNKGIEIYKKLANEVTGDLSEDEVILVLDKISKILKRIEEISQ
;
_struct_ref.pdbx_align_begin           1 
_struct_ref.pdbx_db_isoform            ? 
# 
_struct_ref_seq.align_id                      1 
_struct_ref_seq.ref_id                        1 
_struct_ref_seq.pdbx_PDB_id_code              3GF2 
_struct_ref_seq.pdbx_strand_id                A 
_struct_ref_seq.seq_align_beg                 1 
_struct_ref_seq.pdbx_seq_align_beg_ins_code   ? 
_struct_ref_seq.seq_align_end                 146 
_struct_ref_seq.pdbx_seq_align_end_ins_code   ? 
_struct_ref_seq.pdbx_db_accession             Q96ZY1 
_struct_ref_seq.db_align_beg                  1 
_struct_ref_seq.pdbx_db_align_beg_ins_code    ? 
_struct_ref_seq.db_align_end                  146 
_struct_ref_seq.pdbx_db_align_end_ins_code    ? 
_struct_ref_seq.pdbx_auth_seq_align_beg       1 
_struct_ref_seq.pdbx_auth_seq_align_end       146 
# 
loop_
_chem_comp.id 
_chem_comp.type 
_chem_comp.mon_nstd_flag 
_chem_comp.name 
_chem_comp.pdbx_synonyms 
_chem_comp.formula 
_chem_comp.formula_weight 
ALA 'L-peptide linking' y ALANINE                 ?                'C3 H7 N O2'     89.093  
ARG 'L-peptide linking' y ARGININE                ?                'C6 H15 N4 O2 1' 175.209 
ASN 'L-peptide linking' y ASPARAGINE              ?                'C4 H8 N2 O3'    132.118 
ASP 'L-peptide linking' y 'ASPARTIC ACID'         ?                'C4 H7 N O4'     133.103 
GLN 'L-peptide linking' y GLUTAMINE               ?                'C5 H10 N2 O3'   146.144 
GLU 'L-peptide linking' y 'GLUTAMIC ACID'         ?                'C5 H9 N O4'     147.129 
GLY 'peptide linking'   y GLYCINE                 ?                'C2 H5 N O2'     75.067  
HOH non-polymer         . WATER                   ?                'H2 O'           18.015  
ILE 'L-peptide linking' y ISOLEUCINE              ?                'C6 H13 N O2'    131.173 
LEU 'L-peptide linking' y LEUCINE                 ?                'C6 H13 N O2'    131.173 
LYS 'L-peptide linking' y LYSINE                  ?                'C6 H15 N2 O2 1' 147.195 
MET 'L-peptide linking' y METHIONINE              ?                'C5 H11 N O2 S'  149.211 
PHE 'L-peptide linking' y PHENYLALANINE           ?                'C9 H11 N O2'    165.189 
PRO 'L-peptide linking' y PROLINE                 ?                'C5 H9 N O2'     115.130 
SAL non-polymer         . '2-HYDROXYBENZOIC ACID' 'SALICYLIC ACID' 'C7 H6 O3'       138.121 
SER 'L-peptide linking' y SERINE                  ?                'C3 H7 N O3'     105.093 
THR 'L-peptide linking' y THREONINE               ?                'C4 H9 N O3'     119.119 
TYR 'L-peptide linking' y TYROSINE                ?                'C9 H11 N O3'    181.189 
VAL 'L-peptide linking' y VALINE                  ?                'C5 H11 N O2'    117.146 
# 
_exptl.crystals_number   1 
_exptl.entry_id          3GF2 
_exptl.method            'X-RAY DIFFRACTION' 
# 
_exptl_crystal.id                    1 
_exptl_crystal.pdbx_mosaicity        ? 
_exptl_crystal.pdbx_mosaicity_esd    ? 
_exptl_crystal.density_Matthews      2.17 
_exptl_crystal.density_diffrn        ? 
_exptl_crystal.density_meas          ? 
_exptl_crystal.density_meas_temp     ? 
_exptl_crystal.density_percent_sol   43.30 
_exptl_crystal.size_max              ? 
_exptl_crystal.size_mid              ? 
_exptl_crystal.size_min              ? 
_exptl_crystal.size_rad              ? 
_exptl_crystal.description           ? 
_exptl_crystal.F_000                 ? 
_exptl_crystal.preparation           ? 
# 
_exptl_crystal_grow.crystal_id      1 
_exptl_crystal_grow.method          'VAPOR DIFFUSION, SITTING DROP' 
_exptl_crystal_grow.pH              6.5 
_exptl_crystal_grow.temp            293 
_exptl_crystal_grow.temp_details    ? 
_exptl_crystal_grow.pdbx_details    
'18% PEG 8000, 0.2M Calcium acetate, 0.1M Sodium Cacodylate, pH 6.5, VAPOR DIFFUSION, SITTING DROP, temperature 293K' 
_exptl_crystal_grow.pdbx_pH_range   . 
# 
_diffrn.id                     1 
_diffrn.ambient_temp           180 
_diffrn.ambient_temp_details   ? 
_diffrn.crystal_id             1 
# 
_diffrn_detector.diffrn_id              1 
_diffrn_detector.detector               'IMAGE PLATE' 
_diffrn_detector.type                   'RIGAKU RAXIS VII' 
_diffrn_detector.pdbx_collection_date   2008-10-14 
_diffrn_detector.details                ? 
# 
_diffrn_radiation.diffrn_id                        1 
_diffrn_radiation.wavelength_id                    1 
_diffrn_radiation.pdbx_diffrn_protocol             'SINGLE WAVELENGTH' 
_diffrn_radiation.monochromator                    ? 
_diffrn_radiation.pdbx_monochromatic_or_laue_m_l   M 
_diffrn_radiation.pdbx_scattering_type             x-ray 
# 
_diffrn_radiation_wavelength.id           1 
_diffrn_radiation_wavelength.wavelength   1.54178 
_diffrn_radiation_wavelength.wt           1.0 
# 
_diffrn_source.diffrn_id                   1 
_diffrn_source.source                      'ROTATING ANODE' 
_diffrn_source.type                        'RIGAKU FR-D' 
_diffrn_source.pdbx_wavelength             ? 
_diffrn_source.pdbx_wavelength_list        1.54178 
_diffrn_source.pdbx_synchrotron_site       ? 
_diffrn_source.pdbx_synchrotron_beamline   ? 
# 
_reflns.entry_id                     3GF2 
_reflns.B_iso_Wilson_estimate        27.300 
_reflns.observed_criterion_sigma_F   2 
_reflns.observed_criterion_sigma_I   2 
_reflns.d_resolution_high            1.80 
_reflns.d_resolution_low             40 
_reflns.number_all                   13381 
_reflns.number_obs                   13381 
_reflns.percent_possible_obs         91.3 
_reflns.pdbx_Rmerge_I_obs            ? 
_reflns.pdbx_Rsym_value              0.100 
_reflns.pdbx_netI_over_sigmaI        ? 
_reflns.pdbx_redundancy              13.4 
_reflns.R_free_details               ? 
_reflns.limit_h_max                  ? 
_reflns.limit_h_min                  ? 
_reflns.limit_k_max                  ? 
_reflns.limit_k_min                  ? 
_reflns.limit_l_max                  ? 
_reflns.limit_l_min                  ? 
_reflns.observed_criterion_F_max     ? 
_reflns.observed_criterion_F_min     ? 
_reflns.pdbx_chi_squared             ? 
_reflns.pdbx_scaling_rejects         ? 
_reflns.pdbx_diffrn_id               1 
_reflns.pdbx_ordinal                 1 
# 
_reflns_shell.d_res_high             1.80 
_reflns_shell.d_res_low              1.86 
_reflns_shell.percent_possible_obs   ? 
_reflns_shell.percent_possible_all   99.8 
_reflns_shell.Rmerge_I_obs           ? 
_reflns_shell.meanI_over_sigI_obs    ? 
_reflns_shell.pdbx_Rsym_value        0.264 
_reflns_shell.pdbx_redundancy        7.6 
_reflns_shell.number_unique_all      1425 
_reflns_shell.number_measured_all    ? 
_reflns_shell.number_measured_obs    ? 
_reflns_shell.number_unique_obs      ? 
_reflns_shell.pdbx_chi_squared       ? 
_reflns_shell.pdbx_diffrn_id         ? 
_reflns_shell.pdbx_ordinal           1 
# 
_refine.entry_id                                 3GF2 
_refine.ls_d_res_high                            1.800 
_refine.ls_d_res_low                             19.760 
_refine.pdbx_ls_sigma_F                          0.00 
_refine.pdbx_data_cutoff_high_absF               271895.000 
_refine.pdbx_data_cutoff_low_absF                0.000 
_refine.ls_percent_reflns_obs                    90.300 
_refine.ls_number_reflns_obs                     13138 
_refine.pdbx_ls_cross_valid_method               THROUGHOUT 
_refine.pdbx_R_Free_selection_details            RANDOM 
_refine.ls_R_factor_R_work                       0.233 
_refine.ls_R_factor_R_free                       0.265 
_refine.ls_percent_reflns_R_free                 6.800 
_refine.ls_number_reflns_R_free                  892 
_refine.ls_R_factor_R_free_error                 0.009 
_refine.B_iso_mean                               29.642 
_refine.solvent_model_param_bsol                 55.181 
_refine.solvent_model_param_ksol                 0.374 
_refine.pdbx_isotropic_thermal_model             RESTRAINED 
_refine.aniso_B[1][1]                            -0.550 
_refine.aniso_B[2][2]                            -0.550 
_refine.aniso_B[3][3]                            1.100 
_refine.aniso_B[1][2]                            0.000 
_refine.aniso_B[1][3]                            0.000 
_refine.aniso_B[2][3]                            0.000 
_refine.solvent_model_details                    'FLAT MODEL' 
_refine.pdbx_method_to_determine_struct          . 
_refine.B_iso_max                                63.17 
_refine.B_iso_min                                10.78 
_refine.occupancy_max                            1.00 
_refine.occupancy_min                            1.00 
_refine.pdbx_ls_sigma_I                          ? 
_refine.ls_number_reflns_all                     13381 
_refine.ls_R_factor_all                          0.233 
_refine.ls_R_factor_obs                          0.233 
_refine.ls_redundancy_reflns_obs                 ? 
_refine.ls_number_parameters                     ? 
_refine.ls_number_restraints                     ? 
_refine.ls_R_factor_R_free_error_details         ? 
_refine.pdbx_starting_model                      2EB7 
_refine.pdbx_stereochem_target_val_spec_case     ? 
_refine.pdbx_stereochemistry_target_values       'Engh & Huber' 
_refine.details                                  ? 
_refine.correlation_coeff_Fo_to_Fc               ? 
_refine.correlation_coeff_Fo_to_Fc_free          ? 
_refine.pdbx_solvent_vdw_probe_radii             ? 
_refine.pdbx_solvent_ion_probe_radii             ? 
_refine.pdbx_solvent_shrinkage_radii             ? 
_refine.overall_SU_R_Cruickshank_DPI             ? 
_refine.overall_SU_R_free                        ? 
_refine.overall_SU_ML                            ? 
_refine.overall_SU_B                             ? 
_refine.pdbx_overall_ESU_R_Free                  ? 
_refine.pdbx_data_cutoff_high_rms_absF           ? 
_refine.pdbx_overall_ESU_R                       ? 
_refine.ls_wR_factor_R_free                      ? 
_refine.ls_wR_factor_R_work                      ? 
_refine.overall_FOM_free_R_set                   ? 
_refine.overall_FOM_work_R_set                   ? 
_refine.pdbx_refine_id                           'X-RAY DIFFRACTION' 
_refine.pdbx_overall_phase_error                 ? 
_refine.pdbx_diffrn_id                           1 
_refine.pdbx_TLS_residual_ADP_flag               ? 
_refine.pdbx_overall_SU_R_free_Cruickshank_DPI   ? 
_refine.pdbx_overall_SU_R_Blow_DPI               ? 
_refine.pdbx_overall_SU_R_free_Blow_DPI          ? 
# 
_refine_analyze.entry_id                        3GF2 
_refine_analyze.Luzzati_coordinate_error_obs    0.220 
_refine_analyze.Luzzati_sigma_a_obs             -0.040 
_refine_analyze.Luzzati_d_res_low_obs           5.000 
_refine_analyze.Luzzati_coordinate_error_free   0.260 
_refine_analyze.Luzzati_sigma_a_free            0.040 
_refine_analyze.Luzzati_d_res_low_free          ? 
_refine_analyze.number_disordered_residues      ? 
_refine_analyze.occupancy_sum_non_hydrogen      ? 
_refine_analyze.occupancy_sum_hydrogen          ? 
_refine_analyze.pdbx_Luzzati_d_res_high_obs     ? 
_refine_analyze.pdbx_refine_id                  'X-RAY DIFFRACTION' 
# 
_refine_hist.pdbx_refine_id                   'X-RAY DIFFRACTION' 
_refine_hist.cycle_id                         LAST 
_refine_hist.pdbx_number_atoms_protein        1142 
_refine_hist.pdbx_number_atoms_nucleic_acid   0 
_refine_hist.pdbx_number_atoms_ligand         10 
_refine_hist.number_atoms_solvent             152 
_refine_hist.number_atoms_total               1304 
_refine_hist.d_res_high                       1.800 
_refine_hist.d_res_low                        19.760 
# 
loop_
_refine_ls_restr.type 
_refine_ls_restr.number 
_refine_ls_restr.dev_ideal 
_refine_ls_restr.dev_ideal_target 
_refine_ls_restr.weight 
_refine_ls_restr.pdbx_refine_id 
_refine_ls_restr.pdbx_restraint_function 
c_bond_d           ? 0.007  ?     ? 'X-RAY DIFFRACTION' ? 
c_angle_deg        ? 1.000  ?     ? 'X-RAY DIFFRACTION' ? 
c_dihedral_angle_d ? 17.100 ?     ? 'X-RAY DIFFRACTION' ? 
c_improper_angle_d ? 0.700  ?     ? 'X-RAY DIFFRACTION' ? 
c_mcbond_it        ? 1.160  1.500 ? 'X-RAY DIFFRACTION' ? 
c_mcangle_it       ? 1.630  2.000 ? 'X-RAY DIFFRACTION' ? 
c_scbond_it        ? 2.320  2.000 ? 'X-RAY DIFFRACTION' ? 
c_scangle_it       ? 3.320  2.500 ? 'X-RAY DIFFRACTION' ? 
# 
_refine_ls_shell.d_res_high                       1.800 
_refine_ls_shell.d_res_low                        1.910 
_refine_ls_shell.pdbx_total_number_of_bins_used   6 
_refine_ls_shell.percent_reflns_obs               96.400 
_refine_ls_shell.number_reflns_R_work             2258 
_refine_ls_shell.R_factor_all                     ? 
_refine_ls_shell.R_factor_R_work                  0.296 
_refine_ls_shell.R_factor_R_free                  0.260 
_refine_ls_shell.percent_reflns_R_free            1.100 
_refine_ls_shell.number_reflns_R_free             26 
_refine_ls_shell.R_factor_R_free_error            0.051 
_refine_ls_shell.number_reflns_all                2284 
_refine_ls_shell.number_reflns_obs                ? 
_refine_ls_shell.redundancy_reflns_obs            ? 
_refine_ls_shell.pdbx_refine_id                   'X-RAY DIFFRACTION' 
# 
loop_
_pdbx_xplor_file.serial_no 
_pdbx_xplor_file.param_file 
_pdbx_xplor_file.topol_file 
_pdbx_xplor_file.pdbx_refine_id 
1 protein_rep.param protein.top     'X-RAY DIFFRACTION' 
2 water_rep.param   water.top       'X-RAY DIFFRACTION' 
3 dna-rna_rep.param dna-rna_rep.top 'X-RAY DIFFRACTION' 
4 ion.param         ion.top         'X-RAY DIFFRACTION' 
5 SAL-par.param     SAL-top.top     'X-RAY DIFFRACTION' 
# 
_struct.entry_id                  3GF2 
_struct.title                     'Crystal structure of the hypothetical regulator ST1710 complexed with sodium salicylate' 
_struct.pdbx_model_details        ? 
_struct.pdbx_CASP_flag            ? 
_struct.pdbx_model_type_details   ? 
# 
_struct_keywords.entry_id        3GF2 
_struct_keywords.pdbx_keywords   TRANSCRIPTION 
_struct_keywords.text            
;Transcription regulator, ST1710, MarR, DNA-binding, Transcription, Transcription regulation, Structural Genomics, NPPSFA, National Project on Protein Structural and Functional Analyses, RIKEN Structural Genomics/Proteomics Initiative, RSGI
;
# 
loop_
_struct_asym.id 
_struct_asym.pdbx_blank_PDB_chainid_flag 
_struct_asym.pdbx_modified 
_struct_asym.entity_id 
_struct_asym.details 
A N N 1 ? 
B N N 2 ? 
C N N 3 ? 
# 
_struct_biol.id        1 
_struct_biol.details   ? 
# 
loop_
_struct_conf.conf_type_id 
_struct_conf.id 
_struct_conf.pdbx_PDB_helix_id 
_struct_conf.beg_label_comp_id 
_struct_conf.beg_label_asym_id 
_struct_conf.beg_label_seq_id 
_struct_conf.pdbx_beg_PDB_ins_code 
_struct_conf.end_label_comp_id 
_struct_conf.end_label_asym_id 
_struct_conf.end_label_seq_id 
_struct_conf.pdbx_end_PDB_ins_code 
_struct_conf.beg_auth_comp_id 
_struct_conf.beg_auth_asym_id 
_struct_conf.beg_auth_seq_id 
_struct_conf.end_auth_comp_id 
_struct_conf.end_auth_asym_id 
_struct_conf.end_auth_seq_id 
_struct_conf.pdbx_PDB_helix_class 
_struct_conf.details 
_struct_conf.pdbx_PDB_helix_length 
HELX_P HELX_P1 1 GLU A 6   ? GLY A 31  ? GLU A 6   GLY A 31  1 ? 26 
HELX_P HELX_P2 2 GLU A 32  ? ASN A 34  ? GLU A 32  ASN A 34  5 ? 3  
HELX_P HELX_P3 3 SER A 36  ? SER A 47  ? SER A 36  SER A 47  1 ? 12 
HELX_P HELX_P4 4 THR A 52  ? TYR A 60  ? THR A 52  TYR A 60  1 ? 9  
HELX_P HELX_P5 5 THR A 63  ? MET A 77  ? THR A 63  MET A 77  1 ? 15 
HELX_P HELX_P6 6 THR A 97  ? THR A 119 ? THR A 97  THR A 119 1 ? 23 
HELX_P HELX_P7 7 SER A 123 ? GLN A 146 ? SER A 123 GLN A 146 1 ? 24 
# 
_struct_conf_type.id          HELX_P 
_struct_conf_type.criteria    ? 
_struct_conf_type.reference   ? 
# 
_struct_sheet.id               A 
_struct_sheet.type             ? 
_struct_sheet.number_strands   2 
_struct_sheet.details          ? 
# 
_struct_sheet_order.sheet_id     A 
_struct_sheet_order.range_id_1   1 
_struct_sheet_order.range_id_2   2 
_struct_sheet_order.offset       ? 
_struct_sheet_order.sense        anti-parallel 
# 
loop_
_struct_sheet_range.sheet_id 
_struct_sheet_range.id 
_struct_sheet_range.beg_label_comp_id 
_struct_sheet_range.beg_label_asym_id 
_struct_sheet_range.beg_label_seq_id 
_struct_sheet_range.pdbx_beg_PDB_ins_code 
_struct_sheet_range.end_label_comp_id 
_struct_sheet_range.end_label_asym_id 
_struct_sheet_range.end_label_seq_id 
_struct_sheet_range.pdbx_end_PDB_ins_code 
_struct_sheet_range.beg_auth_comp_id 
_struct_sheet_range.beg_auth_asym_id 
_struct_sheet_range.beg_auth_seq_id 
_struct_sheet_range.end_auth_comp_id 
_struct_sheet_range.end_auth_asym_id 
_struct_sheet_range.end_auth_seq_id 
A 1 VAL A 80 ? ARG A 84 ? VAL A 80 ARG A 84 
A 2 ILE A 92 ? ILE A 96 ? ILE A 92 ILE A 96 
# 
_pdbx_struct_sheet_hbond.sheet_id                A 
_pdbx_struct_sheet_hbond.range_id_1              1 
_pdbx_struct_sheet_hbond.range_id_2              2 
_pdbx_struct_sheet_hbond.range_1_label_atom_id   N 
_pdbx_struct_sheet_hbond.range_1_label_comp_id   VAL 
_pdbx_struct_sheet_hbond.range_1_label_asym_id   A 
_pdbx_struct_sheet_hbond.range_1_label_seq_id    83 
_pdbx_struct_sheet_hbond.range_1_PDB_ins_code    ? 
_pdbx_struct_sheet_hbond.range_1_auth_atom_id    N 
_pdbx_struct_sheet_hbond.range_1_auth_comp_id    VAL 
_pdbx_struct_sheet_hbond.range_1_auth_asym_id    A 
_pdbx_struct_sheet_hbond.range_1_auth_seq_id     83 
_pdbx_struct_sheet_hbond.range_2_label_atom_id   O 
_pdbx_struct_sheet_hbond.range_2_label_comp_id   LEU 
_pdbx_struct_sheet_hbond.range_2_label_asym_id   A 
_pdbx_struct_sheet_hbond.range_2_label_seq_id    93 
_pdbx_struct_sheet_hbond.range_2_PDB_ins_code    ? 
_pdbx_struct_sheet_hbond.range_2_auth_atom_id    O 
_pdbx_struct_sheet_hbond.range_2_auth_comp_id    LEU 
_pdbx_struct_sheet_hbond.range_2_auth_asym_id    A 
_pdbx_struct_sheet_hbond.range_2_auth_seq_id     93 
# 
_struct_site.id                   AC1 
_struct_site.pdbx_evidence_code   Software 
_struct_site.pdbx_auth_asym_id    A 
_struct_site.pdbx_auth_comp_id    SAL 
_struct_site.pdbx_auth_seq_id     147 
_struct_site.pdbx_auth_ins_code   ? 
_struct_site.pdbx_num_residues    9 
_struct_site.details              'BINDING SITE FOR RESIDUE SAL A 147' 
# 
loop_
_struct_site_gen.id 
_struct_site_gen.site_id 
_struct_site_gen.pdbx_num_res 
_struct_site_gen.label_comp_id 
_struct_site_gen.label_asym_id 
_struct_site_gen.label_seq_id 
_struct_site_gen.pdbx_auth_ins_code 
_struct_site_gen.auth_comp_id 
_struct_site_gen.auth_asym_id 
_struct_site_gen.auth_seq_id 
_struct_site_gen.label_atom_id 
_struct_site_gen.label_alt_id 
_struct_site_gen.symmetry 
_struct_site_gen.details 
1 AC1 9 SER A 13  ? SER A 13  . ? 8_554 ? 
2 AC1 9 ALA A 16  ? ALA A 16  . ? 8_554 ? 
3 AC1 9 LYS A 17  ? LYS A 17  . ? 8_554 ? 
4 AC1 9 ARG A 20  ? ARG A 20  . ? 8_554 ? 
5 AC1 9 TYR A 37  ? TYR A 37  . ? 1_555 ? 
6 AC1 9 LEU A 41  ? LEU A 41  . ? 1_555 ? 
7 AC1 9 ARG A 44  ? ARG A 44  . ? 1_555 ? 
8 AC1 9 GLU A 76  ? GLU A 76  . ? 6_444 ? 
9 AC1 9 TYR A 111 ? TYR A 111 . ? 1_555 ? 
# 
_atom_sites.entry_id                    3GF2 
_atom_sites.fract_transf_matrix[1][1]   0.02084000 
_atom_sites.fract_transf_matrix[1][2]   -0.00456655 
_atom_sites.fract_transf_matrix[1][3]   0.00383275 
_atom_sites.fract_transf_matrix[2][1]   -0.00222877 
_atom_sites.fract_transf_matrix[2][2]   0.00695725 
_atom_sites.fract_transf_matrix[2][3]   0.02040780 
_atom_sites.fract_transf_matrix[3][1]   -0.00185330 
_atom_sites.fract_transf_matrix[3][2]   -0.00670823 
_atom_sites.fract_transf_matrix[3][3]   0.00208451 
_atom_sites.fract_transf_vector[1]      0.088926 
_atom_sites.fract_transf_vector[2]      -0.141293 
_atom_sites.fract_transf_vector[3]      -0.170857 
# 
loop_
_atom_type.symbol 
C 
N 
O 
S 
# 
loop_
_atom_site.group_PDB 
_atom_site.id 
_atom_site.type_symbol 
_atom_site.label_atom_id 
_atom_site.label_alt_id 
_atom_site.label_comp_id 
_atom_site.label_asym_id 
_atom_site.label_entity_id 
_atom_site.label_seq_id 
_atom_site.pdbx_PDB_ins_code 
_atom_site.Cartn_x 
_atom_site.Cartn_y 
_atom_site.Cartn_z 
_atom_site.occupancy 
_atom_site.B_iso_or_equiv 
_atom_site.pdbx_formal_charge 
_atom_site.auth_seq_id 
_atom_site.auth_comp_id 
_atom_site.auth_asym_id 
_atom_site.auth_atom_id 
_atom_site.pdbx_PDB_model_num 
ATOM   1    N N     . GLU A 1 6   ? -2.824  29.736  -0.544  1.00 39.42 ? 6   GLU A N     1 
ATOM   2    C CA    . GLU A 1 6   ? -4.117  29.750  0.199   1.00 37.35 ? 6   GLU A CA    1 
ATOM   3    C C     . GLU A 1 6   ? -4.321  28.442  0.957   1.00 35.23 ? 6   GLU A C     1 
ATOM   4    O O     . GLU A 1 6   ? -3.423  27.602  1.027   1.00 33.50 ? 6   GLU A O     1 
ATOM   5    C CB    . GLU A 1 6   ? -5.287  29.964  -0.762  1.00 40.11 ? 6   GLU A CB    1 
ATOM   6    C CG    . GLU A 1 6   ? -6.266  31.035  -0.329  1.00 43.79 ? 6   GLU A CG    1 
ATOM   7    C CD    . GLU A 1 6   ? -6.789  30.836  1.089   1.00 44.64 ? 6   GLU A CD    1 
ATOM   8    O OE1   . GLU A 1 6   ? -5.990  30.938  2.049   1.00 46.79 ? 6   GLU A OE1   1 
ATOM   9    O OE2   . GLU A 1 6   ? -8.003  30.576  1.239   1.00 45.89 ? 6   GLU A OE2   1 
ATOM   10   N N     . ASN A 1 7   ? -5.512  28.270  1.519   1.00 32.93 ? 7   ASN A N     1 
ATOM   11   C CA    . ASN A 1 7   ? -5.805  27.076  2.299   1.00 31.34 ? 7   ASN A CA    1 
ATOM   12   C C     . ASN A 1 7   ? -5.949  25.782  1.514   1.00 29.76 ? 7   ASN A C     1 
ATOM   13   O O     . ASN A 1 7   ? -5.544  24.727  1.996   1.00 27.29 ? 7   ASN A O     1 
ATOM   14   C CB    . ASN A 1 7   ? -7.062  27.288  3.144   1.00 32.01 ? 7   ASN A CB    1 
ATOM   15   C CG    . ASN A 1 7   ? -6.936  28.468  4.085   1.00 34.50 ? 7   ASN A CG    1 
ATOM   16   O OD1   . ASN A 1 7   ? -5.884  28.692  4.681   1.00 32.28 ? 7   ASN A OD1   1 
ATOM   17   N ND2   . ASN A 1 7   ? -8.019  29.221  4.236   1.00 34.39 ? 7   ASN A ND2   1 
ATOM   18   N N     . ARG A 1 8   ? -6.530  25.851  0.323   1.00 27.91 ? 8   ARG A N     1 
ATOM   19   C CA    . ARG A 1 8   ? -6.718  24.646  -0.472  1.00 28.09 ? 8   ARG A CA    1 
ATOM   20   C C     . ARG A 1 8   ? -5.383  24.105  -0.967  1.00 28.16 ? 8   ARG A C     1 
ATOM   21   O O     . ARG A 1 8   ? -5.187  22.898  -1.020  1.00 26.30 ? 8   ARG A O     1 
ATOM   22   C CB    . ARG A 1 8   ? -7.683  24.918  -1.630  1.00 27.81 ? 8   ARG A CB    1 
ATOM   23   C CG    . ARG A 1 8   ? -9.090  25.260  -1.142  1.00 29.37 ? 8   ARG A CG    1 
ATOM   24   C CD    . ARG A 1 8   ? -10.045 25.636  -2.270  1.00 29.92 ? 8   ARG A CD    1 
ATOM   25   N NE    . ARG A 1 8   ? -11.331 26.089  -1.739  1.00 29.16 ? 8   ARG A NE    1 
ATOM   26   C CZ    . ARG A 1 8   ? -12.343 25.290  -1.409  1.00 28.56 ? 8   ARG A CZ    1 
ATOM   27   N NH1   . ARG A 1 8   ? -12.242 23.973  -1.561  1.00 27.04 ? 8   ARG A NH1   1 
ATOM   28   N NH2   . ARG A 1 8   ? -13.455 25.808  -0.908  1.00 28.26 ? 8   ARG A NH2   1 
ATOM   29   N N     . ILE A 1 9   ? -4.458  24.995  -1.318  1.00 28.32 ? 9   ILE A N     1 
ATOM   30   C CA    . ILE A 1 9   ? -3.143  24.554  -1.763  1.00 28.23 ? 9   ILE A CA    1 
ATOM   31   C C     . ILE A 1 9   ? -2.402  23.967  -0.559  1.00 27.30 ? 9   ILE A C     1 
ATOM   32   O O     . ILE A 1 9   ? -1.746  22.931  -0.667  1.00 23.61 ? 9   ILE A O     1 
ATOM   33   C CB    . ILE A 1 9   ? -2.329  25.733  -2.374  1.00 32.77 ? 9   ILE A CB    1 
ATOM   34   C CG1   . ILE A 1 9   ? -0.848  25.357  -2.518  1.00 34.64 ? 9   ILE A CG1   1 
ATOM   35   C CG2   . ILE A 1 9   ? -2.499  26.969  -1.525  1.00 35.82 ? 9   ILE A CG2   1 
ATOM   36   C CD1   . ILE A 1 9   ? -0.010  25.539  -1.261  1.00 38.44 ? 9   ILE A CD1   1 
ATOM   37   N N     . GLN A 1 10  ? -2.522  24.616  0.595   1.00 25.43 ? 10  GLN A N     1 
ATOM   38   C CA    . GLN A 1 10  ? -1.848  24.121  1.787   1.00 25.98 ? 10  GLN A CA    1 
ATOM   39   C C     . GLN A 1 10  ? -2.338  22.744  2.227   1.00 25.34 ? 10  GLN A C     1 
ATOM   40   O O     . GLN A 1 10  ? -1.554  21.953  2.751   1.00 25.07 ? 10  GLN A O     1 
ATOM   41   C CB    . GLN A 1 10  ? -1.980  25.111  2.947   1.00 28.75 ? 10  GLN A CB    1 
ATOM   42   C CG    . GLN A 1 10  ? -1.110  24.736  4.146   1.00 31.87 ? 10  GLN A CG    1 
ATOM   43   C CD    . GLN A 1 10  ? -1.037  25.825  5.197   1.00 35.01 ? 10  GLN A CD    1 
ATOM   44   O OE1   . GLN A 1 10  ? -0.478  25.621  6.279   1.00 36.73 ? 10  GLN A OE1   1 
ATOM   45   N NE2   . GLN A 1 10  ? -1.593  26.991  4.886   1.00 36.54 ? 10  GLN A NE2   1 
ATOM   46   N N     . ILE A 1 11  ? -3.616  22.438  2.023   1.00 25.87 ? 11  ILE A N     1 
ATOM   47   C CA    . ILE A 1 11  ? -4.102  21.113  2.422   1.00 26.08 ? 11  ILE A CA    1 
ATOM   48   C C     . ILE A 1 11  ? -3.405  20.045  1.590   1.00 25.43 ? 11  ILE A C     1 
ATOM   49   O O     . ILE A 1 11  ? -2.986  19.002  2.105   1.00 24.79 ? 11  ILE A O     1 
ATOM   50   C CB    . ILE A 1 11  ? -5.629  20.946  2.218   1.00 29.14 ? 11  ILE A CB    1 
ATOM   51   C CG1   . ILE A 1 11  ? -6.402  21.758  3.255   1.00 31.58 ? 11  ILE A CG1   1 
ATOM   52   C CG2   . ILE A 1 11  ? -6.001  19.473  2.341   1.00 32.65 ? 11  ILE A CG2   1 
ATOM   53   C CD1   . ILE A 1 11  ? -7.904  21.536  3.202   1.00 32.93 ? 11  ILE A CD1   1 
ATOM   54   N N     . MET A 1 12  ? -3.276  20.306  0.295   1.00 22.75 ? 12  MET A N     1 
ATOM   55   C CA    . MET A 1 12  ? -2.638  19.347  -0.590  1.00 22.17 ? 12  MET A CA    1 
ATOM   56   C C     . MET A 1 12  ? -1.130  19.245  -0.314  1.00 23.45 ? 12  MET A C     1 
ATOM   57   O O     . MET A 1 12  ? -0.567  18.152  -0.307  1.00 22.22 ? 12  MET A O     1 
ATOM   58   C CB    . MET A 1 12  ? -2.925  19.733  -2.045  1.00 19.53 ? 12  MET A CB    1 
ATOM   59   C CG    . MET A 1 12  ? -4.436  19.909  -2.339  1.00 19.08 ? 12  MET A CG    1 
ATOM   60   S SD    . MET A 1 12  ? -5.507  18.503  -1.807  1.00 13.21 ? 12  MET A SD    1 
ATOM   61   C CE    . MET A 1 12  ? -4.940  17.257  -2.905  1.00 19.94 ? 12  MET A CE    1 
ATOM   62   N N     . SER A 1 13  ? -0.478  20.379  -0.070  1.00 23.26 ? 13  SER A N     1 
ATOM   63   C CA    . SER A 1 13  ? 0.954   20.371  0.214   1.00 24.49 ? 13  SER A CA    1 
ATOM   64   C C     . SER A 1 13  ? 1.252   19.688  1.553   1.00 23.03 ? 13  SER A C     1 
ATOM   65   O O     . SER A 1 13  ? 2.303   19.068  1.718   1.00 21.85 ? 13  SER A O     1 
ATOM   66   C CB    . SER A 1 13  ? 1.508   21.801  0.222   1.00 26.56 ? 13  SER A CB    1 
ATOM   67   O OG    . SER A 1 13  ? 0.874   22.597  1.205   1.00 31.07 ? 13  SER A OG    1 
ATOM   68   N N     . THR A 1 14  ? 0.329   19.802  2.507   1.00 22.41 ? 14  THR A N     1 
ATOM   69   C CA    . THR A 1 14  ? 0.510   19.168  3.814   1.00 21.51 ? 14  THR A CA    1 
ATOM   70   C C     . THR A 1 14  ? 0.294   17.665  3.649   1.00 21.78 ? 14  THR A C     1 
ATOM   71   O O     . THR A 1 14  ? 0.997   16.857  4.254   1.00 20.28 ? 14  THR A O     1 
ATOM   72   C CB    . THR A 1 14  ? -0.480  19.729  4.864   1.00 23.64 ? 14  THR A CB    1 
ATOM   73   O OG1   . THR A 1 14  ? -0.325  21.152  4.948   1.00 24.27 ? 14  THR A OG1   1 
ATOM   74   C CG2   . THR A 1 14  ? -0.197  19.133  6.240   1.00 22.50 ? 14  THR A CG2   1 
ATOM   75   N N     . ILE A 1 15  ? -0.667  17.291  2.809   1.00 20.91 ? 15  ILE A N     1 
ATOM   76   C CA    . ILE A 1 15  ? -0.923  15.872  2.549   1.00 21.18 ? 15  ILE A CA    1 
ATOM   77   C C     . ILE A 1 15  ? 0.355   15.247  1.968   1.00 22.83 ? 15  ILE A C     1 
ATOM   78   O O     . ILE A 1 15  ? 0.761   14.148  2.361   1.00 20.29 ? 15  ILE A O     1 
ATOM   79   C CB    . ILE A 1 15  ? -2.120  15.701  1.576   1.00 20.96 ? 15  ILE A CB    1 
ATOM   80   C CG1   . ILE A 1 15  ? -3.424  15.915  2.349   1.00 21.06 ? 15  ILE A CG1   1 
ATOM   81   C CG2   . ILE A 1 15  ? -2.110  14.312  0.937   1.00 22.72 ? 15  ILE A CG2   1 
ATOM   82   C CD1   . ILE A 1 15  ? -4.697  15.881  1.500   1.00 22.31 ? 15  ILE A CD1   1 
ATOM   83   N N     . ALA A 1 16  ? 1.005   15.969  1.060   1.00 22.63 ? 16  ALA A N     1 
ATOM   84   C CA    . ALA A 1 16  ? 2.244   15.498  0.444   1.00 22.21 ? 16  ALA A CA    1 
ATOM   85   C C     . ALA A 1 16  ? 3.372   15.355  1.465   1.00 21.98 ? 16  ALA A C     1 
ATOM   86   O O     . ALA A 1 16  ? 4.097   14.355  1.460   1.00 20.41 ? 16  ALA A O     1 
ATOM   87   C CB    . ALA A 1 16  ? 2.670   16.451  -0.679  1.00 25.11 ? 16  ALA A CB    1 
ATOM   88   N N     . LYS A 1 17  ? 3.530   16.350  2.340   1.00 20.45 ? 17  LYS A N     1 
ATOM   89   C CA    . LYS A 1 17  ? 4.583   16.302  3.354   1.00 20.73 ? 17  LYS A CA    1 
ATOM   90   C C     . LYS A 1 17  ? 4.329   15.161  4.333   1.00 20.54 ? 17  LYS A C     1 
ATOM   91   O O     . LYS A 1 17  ? 5.268   14.512  4.813   1.00 19.71 ? 17  LYS A O     1 
ATOM   92   C CB    . LYS A 1 17  ? 4.667   17.631  4.124   1.00 23.12 ? 17  LYS A CB    1 
ATOM   93   C CG    . LYS A 1 17  ? 5.236   18.792  3.312   1.00 25.05 ? 17  LYS A CG    1 
ATOM   94   C CD    . LYS A 1 17  ? 5.408   20.032  4.177   1.00 29.64 ? 17  LYS A CD    1 
ATOM   95   C CE    . LYS A 1 17  ? 5.998   21.189  3.378   1.00 30.20 ? 17  LYS A CE    1 
ATOM   96   N NZ    . LYS A 1 17  ? 5.076   21.625  2.303   1.00 31.77 ? 17  LYS A NZ    1 
ATOM   97   N N     . ILE A 1 18  ? 3.060   14.927  4.648   1.00 18.68 ? 18  ILE A N     1 
ATOM   98   C CA    . ILE A 1 18  ? 2.727   13.843  5.563   1.00 18.66 ? 18  ILE A CA    1 
ATOM   99   C C     . ILE A 1 18  ? 3.105   12.531  4.892   1.00 19.45 ? 18  ILE A C     1 
ATOM   100  O O     . ILE A 1 18  ? 3.731   11.662  5.506   1.00 20.15 ? 18  ILE A O     1 
ATOM   101  C CB    . ILE A 1 18  ? 1.218   13.828  5.913   1.00 20.46 ? 18  ILE A CB    1 
ATOM   102  C CG1   . ILE A 1 18  ? 0.882   15.018  6.824   1.00 20.53 ? 18  ILE A CG1   1 
ATOM   103  C CG2   . ILE A 1 18  ? 0.852   12.507  6.589   1.00 19.11 ? 18  ILE A CG2   1 
ATOM   104  C CD1   . ILE A 1 18  ? -0.606  15.162  7.140   1.00 21.83 ? 18  ILE A CD1   1 
ATOM   105  N N     . TYR A 1 19  ? 2.740   12.386  3.624   1.00 18.96 ? 19  TYR A N     1 
ATOM   106  C CA    . TYR A 1 19  ? 3.057   11.155  2.919   1.00 20.38 ? 19  TYR A CA    1 
ATOM   107  C C     . TYR A 1 19  ? 4.552   10.846  2.901   1.00 21.76 ? 19  TYR A C     1 
ATOM   108  O O     . TYR A 1 19  ? 4.948   9.708   3.135   1.00 20.36 ? 19  TYR A O     1 
ATOM   109  C CB    . TYR A 1 19  ? 2.541   11.193  1.481   1.00 23.24 ? 19  TYR A CB    1 
ATOM   110  C CG    . TYR A 1 19  ? 3.049   10.018  0.679   1.00 24.03 ? 19  TYR A CG    1 
ATOM   111  C CD1   . TYR A 1 19  ? 2.469   8.755   0.808   1.00 24.48 ? 19  TYR A CD1   1 
ATOM   112  C CD2   . TYR A 1 19  ? 4.154   10.154  -0.155  1.00 26.61 ? 19  TYR A CD2   1 
ATOM   113  C CE1   . TYR A 1 19  ? 2.988   7.656   0.120   1.00 28.09 ? 19  TYR A CE1   1 
ATOM   114  C CE2   . TYR A 1 19  ? 4.681   9.071   -0.841  1.00 28.53 ? 19  TYR A CE2   1 
ATOM   115  C CZ    . TYR A 1 19  ? 4.095   7.825   -0.700  1.00 27.19 ? 19  TYR A CZ    1 
ATOM   116  O OH    . TYR A 1 19  ? 4.631   6.758   -1.377  1.00 33.02 ? 19  TYR A OH    1 
ATOM   117  N N     . ARG A 1 20  ? 5.386   11.847  2.620   1.00 21.71 ? 20  ARG A N     1 
ATOM   118  C CA    . ARG A 1 20  ? 6.821   11.609  2.562   1.00 21.80 ? 20  ARG A CA    1 
ATOM   119  C C     . ARG A 1 20  ? 7.412   11.184  3.905   1.00 21.56 ? 20  ARG A C     1 
ATOM   120  O O     . ARG A 1 20  ? 8.260   10.287  3.969   1.00 20.24 ? 20  ARG A O     1 
ATOM   121  C CB    . ARG A 1 20  ? 7.559   12.854  2.055   1.00 22.79 ? 20  ARG A CB    1 
ATOM   122  C CG    . ARG A 1 20  ? 7.100   13.332  0.690   1.00 24.23 ? 20  ARG A CG    1 
ATOM   123  C CD    . ARG A 1 20  ? 8.035   14.383  0.110   1.00 27.90 ? 20  ARG A CD    1 
ATOM   124  N NE    . ARG A 1 20  ? 7.424   15.016  -1.051  1.00 30.01 ? 20  ARG A NE    1 
ATOM   125  C CZ    . ARG A 1 20  ? 6.731   16.148  -1.012  1.00 27.93 ? 20  ARG A CZ    1 
ATOM   126  N NH1   . ARG A 1 20  ? 6.565   16.791  0.133   1.00 30.06 ? 20  ARG A NH1   1 
ATOM   127  N NH2   . ARG A 1 20  ? 6.182   16.626  -2.119  1.00 32.28 ? 20  ARG A NH2   1 
ATOM   128  N N     . ALA A 1 21  ? 6.971   11.838  4.975   1.00 19.93 ? 21  ALA A N     1 
ATOM   129  C CA    . ALA A 1 21  ? 7.469   11.524  6.308   1.00 20.47 ? 21  ALA A CA    1 
ATOM   130  C C     . ALA A 1 21  ? 6.995   10.135  6.732   1.00 20.66 ? 21  ALA A C     1 
ATOM   131  O O     . ALA A 1 21  ? 7.742   9.377   7.354   1.00 21.87 ? 21  ALA A O     1 
ATOM   132  C CB    . ALA A 1 21  ? 6.995   12.582  7.306   1.00 20.83 ? 21  ALA A CB    1 
ATOM   133  N N     . MET A 1 22  ? 5.753   9.801   6.405   1.00 21.10 ? 22  MET A N     1 
ATOM   134  C CA    . MET A 1 22  ? 5.224   8.483   6.742   1.00 20.47 ? 22  MET A CA    1 
ATOM   135  C C     . MET A 1 22  ? 5.967   7.408   5.957   1.00 21.88 ? 22  MET A C     1 
ATOM   136  O O     . MET A 1 22  ? 6.277   6.331   6.481   1.00 22.88 ? 22  MET A O     1 
ATOM   137  C CB    . MET A 1 22  ? 3.727   8.414   6.423   1.00 21.60 ? 22  MET A CB    1 
ATOM   138  C CG    . MET A 1 22  ? 2.825   8.997   7.501   1.00 21.24 ? 22  MET A CG    1 
ATOM   139  S SD    . MET A 1 22  ? 2.871   8.086   9.070   1.00 16.64 ? 22  MET A SD    1 
ATOM   140  C CE    . MET A 1 22  ? 2.135   6.559   8.628   1.00 23.36 ? 22  MET A CE    1 
ATOM   141  N N     . SER A 1 23  ? 6.242   7.703   4.691   1.00 23.15 ? 23  SER A N     1 
ATOM   142  C CA    . SER A 1 23  ? 6.941   6.758   3.832   1.00 24.39 ? 23  SER A CA    1 
ATOM   143  C C     . SER A 1 23  ? 8.310   6.439   4.419   1.00 23.67 ? 23  SER A C     1 
ATOM   144  O O     . SER A 1 23  ? 8.716   5.277   4.490   1.00 21.00 ? 23  SER A O     1 
ATOM   145  C CB    . SER A 1 23  ? 7.090   7.336   2.420   1.00 25.26 ? 23  SER A CB    1 
ATOM   146  O OG    . SER A 1 23  ? 7.791   6.436   1.583   1.00 33.11 ? 23  SER A OG    1 
ATOM   147  N N     . ARG A 1 24  ? 9.022   7.476   4.845   1.00 22.37 ? 24  ARG A N     1 
ATOM   148  C CA    . ARG A 1 24  ? 10.340  7.282   5.426   1.00 24.46 ? 24  ARG A CA    1 
ATOM   149  C C     . ARG A 1 24  ? 10.270  6.396   6.667   1.00 22.40 ? 24  ARG A C     1 
ATOM   150  O O     . ARG A 1 24  ? 11.054  5.457   6.814   1.00 22.73 ? 24  ARG A O     1 
ATOM   151  C CB    . ARG A 1 24  ? 10.970  8.631   5.800   1.00 24.46 ? 24  ARG A CB    1 
ATOM   152  C CG    . ARG A 1 24  ? 12.372  8.500   6.390   1.00 28.07 ? 24  ARG A CG    1 
ATOM   153  C CD    . ARG A 1 24  ? 12.803  9.770   7.112   1.00 32.08 ? 24  ARG A CD    1 
ATOM   154  N NE    . ARG A 1 24  ? 12.916  10.915  6.216   1.00 34.07 ? 24  ARG A NE    1 
ATOM   155  C CZ    . ARG A 1 24  ? 13.939  11.117  5.391   1.00 37.21 ? 24  ARG A CZ    1 
ATOM   156  N NH1   . ARG A 1 24  ? 14.946  10.247  5.345   1.00 40.41 ? 24  ARG A NH1   1 
ATOM   157  N NH2   . ARG A 1 24  ? 13.962  12.193  4.615   1.00 37.98 ? 24  ARG A NH2   1 
ATOM   158  N N     . GLU A 1 25  ? 9.321   6.681   7.555   1.00 22.78 ? 25  GLU A N     1 
ATOM   159  C CA    . GLU A 1 25  ? 9.198   5.918   8.793   1.00 21.54 ? 25  GLU A CA    1 
ATOM   160  C C     . GLU A 1 25  ? 8.697   4.494   8.576   1.00 22.49 ? 25  GLU A C     1 
ATOM   161  O O     . GLU A 1 25  ? 9.130   3.570   9.268   1.00 21.13 ? 25  GLU A O     1 
ATOM   162  C CB    . GLU A 1 25  ? 8.278   6.656   9.774   1.00 23.24 ? 25  GLU A CB    1 
ATOM   163  C CG    . GLU A 1 25  ? 8.221   6.058   11.178  1.00 22.49 ? 25  GLU A CG    1 
ATOM   164  C CD    . GLU A 1 25  ? 9.576   6.029   11.877  1.00 24.36 ? 25  GLU A CD    1 
ATOM   165  O OE1   . GLU A 1 25  ? 10.518  6.710   11.423  1.00 26.72 ? 25  GLU A OE1   1 
ATOM   166  O OE2   . GLU A 1 25  ? 9.693   5.331   12.901  1.00 25.96 ? 25  GLU A OE2   1 
ATOM   167  N N     . LEU A 1 26  ? 7.785   4.315   7.625   1.00 22.63 ? 26  LEU A N     1 
ATOM   168  C CA    . LEU A 1 26  ? 7.253   2.987   7.333   1.00 23.38 ? 26  LEU A CA    1 
ATOM   169  C C     . LEU A 1 26  ? 8.354   2.111   6.744   1.00 25.50 ? 26  LEU A C     1 
ATOM   170  O O     . LEU A 1 26  ? 8.464   0.933   7.069   1.00 23.25 ? 26  LEU A O     1 
ATOM   171  C CB    . LEU A 1 26  ? 6.076   3.081   6.361   1.00 25.39 ? 26  LEU A CB    1 
ATOM   172  C CG    . LEU A 1 26  ? 4.761   3.565   6.971   1.00 26.97 ? 26  LEU A CG    1 
ATOM   173  C CD1   . LEU A 1 26  ? 3.715   3.752   5.872   1.00 28.90 ? 26  LEU A CD1   1 
ATOM   174  C CD2   . LEU A 1 26  ? 4.281   2.554   8.011   1.00 27.32 ? 26  LEU A CD2   1 
ATOM   175  N N     . ASN A 1 27  ? 9.181   2.683   5.878   1.00 25.05 ? 27  ASN A N     1 
ATOM   176  C CA    . ASN A 1 27  ? 10.270  1.904   5.315   1.00 25.07 ? 27  ASN A CA    1 
ATOM   177  C C     . ASN A 1 27  ? 11.198  1.463   6.438   1.00 25.00 ? 27  ASN A C     1 
ATOM   178  O O     . ASN A 1 27  ? 11.754  0.366   6.409   1.00 23.66 ? 27  ASN A O     1 
ATOM   179  C CB    . ASN A 1 27  ? 11.047  2.721   4.280   1.00 24.38 ? 27  ASN A CB    1 
ATOM   180  C CG    . ASN A 1 27  ? 10.451  2.607   2.897   1.00 26.83 ? 27  ASN A CG    1 
ATOM   181  O OD1   . ASN A 1 27  ? 9.906   3.572   2.352   1.00 29.73 ? 27  ASN A OD1   1 
ATOM   182  N ND2   . ASN A 1 27  ? 10.542  1.415   2.318   1.00 22.18 ? 27  ASN A ND2   1 
ATOM   183  N N     . ARG A 1 28  ? 11.362  2.319   7.436   1.00 22.59 ? 28  ARG A N     1 
ATOM   184  C CA    . ARG A 1 28  ? 12.229  1.981   8.551   1.00 24.53 ? 28  ARG A CA    1 
ATOM   185  C C     . ARG A 1 28  ? 11.626  0.864   9.406   1.00 23.53 ? 28  ARG A C     1 
ATOM   186  O O     . ARG A 1 28  ? 12.285  -0.143  9.663   1.00 23.89 ? 28  ARG A O     1 
ATOM   187  C CB    . ARG A 1 28  ? 12.485  3.208   9.421   1.00 28.55 ? 28  ARG A CB    1 
ATOM   188  C CG    . ARG A 1 28  ? 13.400  2.912   10.596  1.00 34.47 ? 28  ARG A CG    1 
ATOM   189  C CD    . ARG A 1 28  ? 13.293  3.973   11.675  1.00 39.08 ? 28  ARG A CD    1 
ATOM   190  N NE    . ARG A 1 28  ? 13.255  3.340   12.988  1.00 44.39 ? 28  ARG A NE    1 
ATOM   191  C CZ    . ARG A 1 28  ? 12.413  3.697   13.952  1.00 47.00 ? 28  ARG A CZ    1 
ATOM   192  N NH1   . ARG A 1 28  ? 11.555  4.683   13.748  1.00 49.14 ? 28  ARG A NH1   1 
ATOM   193  N NH2   . ARG A 1 28  ? 12.402  3.055   15.109  1.00 50.20 ? 28  ARG A NH2   1 
ATOM   194  N N     . ARG A 1 29  ? 10.374  1.031   9.830   1.00 21.62 ? 29  ARG A N     1 
ATOM   195  C CA    . ARG A 1 29  ? 9.728   0.027   10.674  1.00 21.73 ? 29  ARG A CA    1 
ATOM   196  C C     . ARG A 1 29  ? 9.413   -1.286  9.956   1.00 21.87 ? 29  ARG A C     1 
ATOM   197  O O     . ARG A 1 29  ? 9.526   -2.363  10.550  1.00 23.29 ? 29  ARG A O     1 
ATOM   198  C CB    . ARG A 1 29  ? 8.459   0.612   11.313  1.00 23.33 ? 29  ARG A CB    1 
ATOM   199  C CG    . ARG A 1 29  ? 8.739   1.845   12.164  1.00 22.16 ? 29  ARG A CG    1 
ATOM   200  C CD    . ARG A 1 29  ? 7.581   2.218   13.083  1.00 24.68 ? 29  ARG A CD    1 
ATOM   201  N NE    . ARG A 1 29  ? 7.870   3.438   13.833  1.00 23.69 ? 29  ARG A NE    1 
ATOM   202  C CZ    . ARG A 1 29  ? 7.076   3.949   14.771  1.00 27.25 ? 29  ARG A CZ    1 
ATOM   203  N NH1   . ARG A 1 29  ? 5.935   3.345   15.080  1.00 26.63 ? 29  ARG A NH1   1 
ATOM   204  N NH2   . ARG A 1 29  ? 7.420   5.069   15.392  1.00 26.27 ? 29  ARG A NH2   1 
ATOM   205  N N     . LEU A 1 30  ? 9.025   -1.212  8.686   1.00 21.31 ? 30  LEU A N     1 
ATOM   206  C CA    . LEU A 1 30  ? 8.727   -2.429  7.922   1.00 21.75 ? 30  LEU A CA    1 
ATOM   207  C C     . LEU A 1 30  ? 10.018  -3.195  7.626   1.00 22.60 ? 30  LEU A C     1 
ATOM   208  O O     . LEU A 1 30  ? 9.991   -4.386  7.293   1.00 22.85 ? 30  LEU A O     1 
ATOM   209  C CB    . LEU A 1 30  ? 8.018   -2.080  6.612   1.00 20.63 ? 30  LEU A CB    1 
ATOM   210  C CG    . LEU A 1 30  ? 6.588   -1.533  6.747   1.00 20.22 ? 30  LEU A CG    1 
ATOM   211  C CD1   . LEU A 1 30  ? 6.107   -1.031  5.398   1.00 21.76 ? 30  LEU A CD1   1 
ATOM   212  C CD2   . LEU A 1 30  ? 5.664   -2.621  7.272   1.00 19.63 ? 30  LEU A CD2   1 
ATOM   213  N N     . GLY A 1 31  ? 11.145  -2.501  7.756   1.00 24.25 ? 31  GLY A N     1 
ATOM   214  C CA    . GLY A 1 31  ? 12.440  -3.116  7.516   1.00 25.06 ? 31  GLY A CA    1 
ATOM   215  C C     . GLY A 1 31  ? 12.693  -4.327  8.391   1.00 27.16 ? 31  GLY A C     1 
ATOM   216  O O     . GLY A 1 31  ? 13.406  -5.252  7.989   1.00 26.24 ? 31  GLY A O     1 
ATOM   217  N N     . GLU A 1 32  ? 12.115  -4.324  9.589   1.00 25.96 ? 32  GLU A N     1 
ATOM   218  C CA    . GLU A 1 32  ? 12.283  -5.435  10.520  1.00 28.15 ? 32  GLU A CA    1 
ATOM   219  C C     . GLU A 1 32  ? 11.513  -6.666  10.058  1.00 26.15 ? 32  GLU A C     1 
ATOM   220  O O     . GLU A 1 32  ? 11.711  -7.764  10.574  1.00 26.87 ? 32  GLU A O     1 
ATOM   221  C CB    . GLU A 1 32  ? 11.830  -5.025  11.927  1.00 31.45 ? 32  GLU A CB    1 
ATOM   222  C CG    . GLU A 1 32  ? 12.640  -3.874  12.516  1.00 38.29 ? 32  GLU A CG    1 
ATOM   223  C CD    . GLU A 1 32  ? 12.225  -3.532  13.933  1.00 40.49 ? 32  GLU A CD    1 
ATOM   224  O OE1   . GLU A 1 32  ? 12.429  -4.374  14.833  1.00 45.17 ? 32  GLU A OE1   1 
ATOM   225  O OE2   . GLU A 1 32  ? 11.696  -2.420  14.145  1.00 44.81 ? 32  GLU A OE2   1 
ATOM   226  N N     . LEU A 1 33  ? 10.629  -6.470  9.086   1.00 25.11 ? 33  LEU A N     1 
ATOM   227  C CA    . LEU A 1 33  ? 9.841   -7.561  8.524   1.00 23.98 ? 33  LEU A CA    1 
ATOM   228  C C     . LEU A 1 33  ? 10.422  -7.921  7.167   1.00 23.34 ? 33  LEU A C     1 
ATOM   229  O O     . LEU A 1 33  ? 9.824   -8.687  6.412   1.00 21.64 ? 33  LEU A O     1 
ATOM   230  C CB    . LEU A 1 33  ? 8.378   -7.152  8.339   1.00 25.49 ? 33  LEU A CB    1 
ATOM   231  C CG    . LEU A 1 33  ? 7.555   -6.830  9.582   1.00 26.14 ? 33  LEU A CG    1 
ATOM   232  C CD1   . LEU A 1 33  ? 6.127   -6.506  9.162   1.00 26.72 ? 33  LEU A CD1   1 
ATOM   233  C CD2   . LEU A 1 33  ? 7.575   -8.018  10.537  1.00 28.30 ? 33  LEU A CD2   1 
ATOM   234  N N     . ASN A 1 34  ? 11.587  -7.344  6.870   1.00 23.27 ? 34  ASN A N     1 
ATOM   235  C CA    . ASN A 1 34  ? 12.302  -7.564  5.614   1.00 21.45 ? 34  ASN A CA    1 
ATOM   236  C C     . ASN A 1 34  ? 11.532  -7.016  4.413   1.00 21.02 ? 34  ASN A C     1 
ATOM   237  O O     . ASN A 1 34  ? 11.707  -7.479  3.285   1.00 20.80 ? 34  ASN A O     1 
ATOM   238  C CB    . ASN A 1 34  ? 12.581  -9.059  5.428   1.00 24.65 ? 34  ASN A CB    1 
ATOM   239  C CG    . ASN A 1 34  ? 13.225  -9.682  6.655   1.00 25.14 ? 34  ASN A CG    1 
ATOM   240  O OD1   . ASN A 1 34  ? 12.561  -10.341 7.458   1.00 29.09 ? 34  ASN A OD1   1 
ATOM   241  N ND2   . ASN A 1 34  ? 14.513  -9.453  6.819   1.00 24.24 ? 34  ASN A ND2   1 
ATOM   242  N N     . LEU A 1 35  ? 10.698  -6.010  4.660   1.00 20.77 ? 35  LEU A N     1 
ATOM   243  C CA    . LEU A 1 35  ? 9.882   -5.411  3.608   1.00 20.17 ? 35  LEU A CA    1 
ATOM   244  C C     . LEU A 1 35  ? 10.096  -3.919  3.415   1.00 21.36 ? 35  LEU A C     1 
ATOM   245  O O     . LEU A 1 35  ? 10.418  -3.196  4.358   1.00 20.30 ? 35  LEU A O     1 
ATOM   246  C CB    . LEU A 1 35  ? 8.398   -5.596  3.926   1.00 21.70 ? 35  LEU A CB    1 
ATOM   247  C CG    . LEU A 1 35  ? 7.775   -6.987  4.033   1.00 22.66 ? 35  LEU A CG    1 
ATOM   248  C CD1   . LEU A 1 35  ? 6.375   -6.852  4.618   1.00 23.35 ? 35  LEU A CD1   1 
ATOM   249  C CD2   . LEU A 1 35  ? 7.729   -7.635  2.669   1.00 23.25 ? 35  LEU A CD2   1 
ATOM   250  N N     . SER A 1 36  ? 9.906   -3.474  2.180   1.00 20.73 ? 36  SER A N     1 
ATOM   251  C CA    . SER A 1 36  ? 9.975   -2.053  1.863   1.00 20.16 ? 36  SER A CA    1 
ATOM   252  C C     . SER A 1 36  ? 8.503   -1.634  1.878   1.00 20.14 ? 36  SER A C     1 
ATOM   253  O O     . SER A 1 36  ? 7.614   -2.482  1.943   1.00 19.08 ? 36  SER A O     1 
ATOM   254  C CB    . SER A 1 36  ? 10.556  -1.828  0.466   1.00 22.03 ? 36  SER A CB    1 
ATOM   255  O OG    . SER A 1 36  ? 9.658   -2.269  -0.542  1.00 23.39 ? 36  SER A OG    1 
ATOM   256  N N     . TYR A 1 37  ? 8.248   -0.337  1.833   1.00 20.33 ? 37  TYR A N     1 
ATOM   257  C CA    . TYR A 1 37  ? 6.879   0.162   1.822   1.00 20.97 ? 37  TYR A CA    1 
ATOM   258  C C     . TYR A 1 37  ? 6.149   -0.419  0.602   1.00 20.23 ? 37  TYR A C     1 
ATOM   259  O O     . TYR A 1 37  ? 5.021   -0.901  0.711   1.00 20.04 ? 37  TYR A O     1 
ATOM   260  C CB    . TYR A 1 37  ? 6.923   1.693   1.788   1.00 24.73 ? 37  TYR A CB    1 
ATOM   261  C CG    . TYR A 1 37  ? 5.588   2.407   1.848   1.00 26.06 ? 37  TYR A CG    1 
ATOM   262  C CD1   . TYR A 1 37  ? 4.431   1.764   2.296   1.00 26.05 ? 37  TYR A CD1   1 
ATOM   263  C CD2   . TYR A 1 37  ? 5.496   3.746   1.482   1.00 29.40 ? 37  TYR A CD2   1 
ATOM   264  C CE1   . TYR A 1 37  ? 3.214   2.443   2.378   1.00 25.54 ? 37  TYR A CE1   1 
ATOM   265  C CE2   . TYR A 1 37  ? 4.287   4.435   1.559   1.00 30.50 ? 37  TYR A CE2   1 
ATOM   266  C CZ    . TYR A 1 37  ? 3.153   3.783   2.006   1.00 30.08 ? 37  TYR A CZ    1 
ATOM   267  O OH    . TYR A 1 37  ? 1.965   4.478   2.066   1.00 31.29 ? 37  TYR A OH    1 
ATOM   268  N N     . LEU A 1 38  ? 6.803   -0.398  -0.556  1.00 19.84 ? 38  LEU A N     1 
ATOM   269  C CA    . LEU A 1 38  ? 6.194   -0.943  -1.771  1.00 20.29 ? 38  LEU A CA    1 
ATOM   270  C C     . LEU A 1 38  ? 5.884   -2.440  -1.628  1.00 19.93 ? 38  LEU A C     1 
ATOM   271  O O     . LEU A 1 38  ? 4.816   -2.891  -2.044  1.00 19.52 ? 38  LEU A O     1 
ATOM   272  C CB    . LEU A 1 38  ? 7.102   -0.723  -2.989  1.00 19.46 ? 38  LEU A CB    1 
ATOM   273  C CG    . LEU A 1 38  ? 6.560   -1.346  -4.284  1.00 18.59 ? 38  LEU A CG    1 
ATOM   274  C CD1   . LEU A 1 38  ? 5.195   -0.753  -4.620  1.00 22.45 ? 38  LEU A CD1   1 
ATOM   275  C CD2   . LEU A 1 38  ? 7.542   -1.111  -5.423  1.00 21.55 ? 38  LEU A CD2   1 
ATOM   276  N N     . ASP A 1 39  ? 6.806   -3.207  -1.045  1.00 20.03 ? 39  ASP A N     1 
ATOM   277  C CA    . ASP A 1 39  ? 6.573   -4.644  -0.854  1.00 20.70 ? 39  ASP A CA    1 
ATOM   278  C C     . ASP A 1 39  ? 5.308   -4.825  -0.016  1.00 19.96 ? 39  ASP A C     1 
ATOM   279  O O     . ASP A 1 39  ? 4.461   -5.670  -0.322  1.00 19.34 ? 39  ASP A O     1 
ATOM   280  C CB    . ASP A 1 39  ? 7.726   -5.322  -0.099  1.00 20.84 ? 39  ASP A CB    1 
ATOM   281  C CG    . ASP A 1 39  ? 9.049   -5.279  -0.841  1.00 22.35 ? 39  ASP A CG    1 
ATOM   282  O OD1   . ASP A 1 39  ? 9.067   -5.343  -2.085  1.00 21.85 ? 39  ASP A OD1   1 
ATOM   283  O OD2   . ASP A 1 39  ? 10.097  -5.214  -0.156  1.00 24.68 ? 39  ASP A OD2   1 
ATOM   284  N N     . PHE A 1 40  ? 5.190   -4.037  1.050   1.00 19.23 ? 40  PHE A N     1 
ATOM   285  C CA    . PHE A 1 40  ? 4.029   -4.128  1.935   1.00 20.52 ? 40  PHE A CA    1 
ATOM   286  C C     . PHE A 1 40  ? 2.745   -3.801  1.185   1.00 20.01 ? 40  PHE A C     1 
ATOM   287  O O     . PHE A 1 40  ? 1.718   -4.449  1.385   1.00 18.86 ? 40  PHE A O     1 
ATOM   288  C CB    . PHE A 1 40  ? 4.177   -3.183  3.134   1.00 21.72 ? 40  PHE A CB    1 
ATOM   289  C CG    . PHE A 1 40  ? 2.940   -3.096  3.987   1.00 25.97 ? 40  PHE A CG    1 
ATOM   290  C CD1   . PHE A 1 40  ? 2.504   -4.194  4.716   1.00 26.74 ? 40  PHE A CD1   1 
ATOM   291  C CD2   . PHE A 1 40  ? 2.185   -1.928  4.019   1.00 27.99 ? 40  PHE A CD2   1 
ATOM   292  C CE1   . PHE A 1 40  ? 1.334   -4.136  5.467   1.00 30.48 ? 40  PHE A CE1   1 
ATOM   293  C CE2   . PHE A 1 40  ? 1.009   -1.856  4.768   1.00 30.54 ? 40  PHE A CE2   1 
ATOM   294  C CZ    . PHE A 1 40  ? 0.582   -2.964  5.492   1.00 30.60 ? 40  PHE A CZ    1 
ATOM   295  N N     . LEU A 1 41  ? 2.807   -2.794  0.320   1.00 20.47 ? 41  LEU A N     1 
ATOM   296  C CA    . LEU A 1 41  ? 1.638   -2.407  -0.462  1.00 20.20 ? 41  LEU A CA    1 
ATOM   297  C C     . LEU A 1 41  ? 1.203   -3.543  -1.382  1.00 20.65 ? 41  LEU A C     1 
ATOM   298  O O     . LEU A 1 41  ? 0.010   -3.754  -1.606  1.00 19.88 ? 41  LEU A O     1 
ATOM   299  C CB    . LEU A 1 41  ? 1.938   -1.155  -1.288  1.00 22.52 ? 41  LEU A CB    1 
ATOM   300  C CG    . LEU A 1 41  ? 2.135   0.117   -0.459  1.00 23.67 ? 41  LEU A CG    1 
ATOM   301  C CD1   . LEU A 1 41  ? 2.485   1.273   -1.386  1.00 25.47 ? 41  LEU A CD1   1 
ATOM   302  C CD2   . LEU A 1 41  ? 0.861   0.421   0.331   1.00 25.96 ? 41  LEU A CD2   1 
ATOM   303  N N     . VAL A 1 42  ? 2.168   -4.268  -1.929  1.00 19.01 ? 42  VAL A N     1 
ATOM   304  C CA    . VAL A 1 42  ? 1.831   -5.382  -2.801  1.00 20.59 ? 42  VAL A CA    1 
ATOM   305  C C     . VAL A 1 42  ? 1.105   -6.438  -1.980  1.00 19.52 ? 42  VAL A C     1 
ATOM   306  O O     . VAL A 1 42  ? 0.116   -7.014  -2.437  1.00 20.70 ? 42  VAL A O     1 
ATOM   307  C CB    . VAL A 1 42  ? 3.088   -5.961  -3.465  1.00 20.19 ? 42  VAL A CB    1 
ATOM   308  C CG1   . VAL A 1 42  ? 2.764   -7.281  -4.177  1.00 20.90 ? 42  VAL A CG1   1 
ATOM   309  C CG2   . VAL A 1 42  ? 3.618   -4.949  -4.474  1.00 21.16 ? 42  VAL A CG2   1 
ATOM   310  N N     . LEU A 1 43  ? 1.578   -6.683  -0.759  1.00 19.52 ? 43  LEU A N     1 
ATOM   311  C CA    . LEU A 1 43  ? 0.914   -7.652  0.109   1.00 19.61 ? 43  LEU A CA    1 
ATOM   312  C C     . LEU A 1 43  ? -0.489  -7.160  0.454   1.00 19.78 ? 43  LEU A C     1 
ATOM   313  O O     . LEU A 1 43  ? -1.446  -7.937  0.478   1.00 21.01 ? 43  LEU A O     1 
ATOM   314  C CB    . LEU A 1 43  ? 1.703   -7.858  1.401   1.00 20.02 ? 43  LEU A CB    1 
ATOM   315  C CG    . LEU A 1 43  ? 2.985   -8.684  1.295   1.00 20.85 ? 43  LEU A CG    1 
ATOM   316  C CD1   . LEU A 1 43  ? 3.592   -8.849  2.685   1.00 22.03 ? 43  LEU A CD1   1 
ATOM   317  C CD2   . LEU A 1 43  ? 2.659   -10.051 0.694   1.00 19.72 ? 43  LEU A CD2   1 
ATOM   318  N N     . ARG A 1 44  ? -0.610  -5.862  0.723   1.00 19.70 ? 44  ARG A N     1 
ATOM   319  C CA    . ARG A 1 44  ? -1.909  -5.287  1.060   1.00 21.84 ? 44  ARG A CA    1 
ATOM   320  C C     . ARG A 1 44  ? -2.885  -5.521  -0.090  1.00 21.69 ? 44  ARG A C     1 
ATOM   321  O O     . ARG A 1 44  ? -4.018  -5.970  0.115   1.00 21.32 ? 44  ARG A O     1 
ATOM   322  C CB    . ARG A 1 44  ? -1.770  -3.775  1.334   1.00 23.11 ? 44  ARG A CB    1 
ATOM   323  C CG    . ARG A 1 44  ? -2.960  -3.161  2.071   1.00 28.56 ? 44  ARG A CG    1 
ATOM   324  C CD    . ARG A 1 44  ? -4.199  -3.253  1.230   1.00 29.89 ? 44  ARG A CD    1 
ATOM   325  N NE    . ARG A 1 44  ? -5.444  -2.971  1.940   1.00 30.43 ? 44  ARG A NE    1 
ATOM   326  C CZ    . ARG A 1 44  ? -6.574  -3.630  1.698   1.00 30.74 ? 44  ARG A CZ    1 
ATOM   327  N NH1   . ARG A 1 44  ? -6.586  -4.600  0.789   1.00 27.05 ? 44  ARG A NH1   1 
ATOM   328  N NH2   . ARG A 1 44  ? -7.696  -3.300  2.324   1.00 28.15 ? 44  ARG A NH2   1 
ATOM   329  N N     . ALA A 1 45  ? -2.439  -5.214  -1.305  1.00 21.32 ? 45  ALA A N     1 
ATOM   330  C CA    . ALA A 1 45  ? -3.279  -5.367  -2.488  1.00 20.92 ? 45  ALA A CA    1 
ATOM   331  C C     . ALA A 1 45  ? -3.706  -6.809  -2.752  1.00 20.70 ? 45  ALA A C     1 
ATOM   332  O O     . ALA A 1 45  ? -4.855  -7.060  -3.113  1.00 20.34 ? 45  ALA A O     1 
ATOM   333  C CB    . ALA A 1 45  ? -2.560  -4.804  -3.714  1.00 19.71 ? 45  ALA A CB    1 
ATOM   334  N N     . THR A 1 46  ? -2.788  -7.754  -2.566  1.00 20.37 ? 46  THR A N     1 
ATOM   335  C CA    . THR A 1 46  ? -3.099  -9.160  -2.805  1.00 20.19 ? 46  THR A CA    1 
ATOM   336  C C     . THR A 1 46  ? -3.750  -9.860  -1.614  1.00 20.09 ? 46  THR A C     1 
ATOM   337  O O     . THR A 1 46  ? -4.212  -10.990 -1.742  1.00 21.85 ? 46  THR A O     1 
ATOM   338  C CB    . THR A 1 46  ? -1.832  -9.971  -3.203  1.00 20.64 ? 46  THR A CB    1 
ATOM   339  O OG1   . THR A 1 46  ? -0.857  -9.882  -2.157  1.00 19.94 ? 46  THR A OG1   1 
ATOM   340  C CG2   . THR A 1 46  ? -1.238  -9.448  -4.511  1.00 21.89 ? 46  THR A CG2   1 
ATOM   341  N N     . SER A 1 47  ? -3.805  -9.195  -0.463  1.00 19.69 ? 47  SER A N     1 
ATOM   342  C CA    . SER A 1 47  ? -4.395  -9.802  0.734   1.00 19.30 ? 47  SER A CA    1 
ATOM   343  C C     . SER A 1 47  ? -5.886  -10.141 0.594   1.00 20.53 ? 47  SER A C     1 
ATOM   344  O O     . SER A 1 47  ? -6.380  -11.074 1.239   1.00 22.45 ? 47  SER A O     1 
ATOM   345  C CB    . SER A 1 47  ? -4.192  -8.885  1.948   1.00 19.82 ? 47  SER A CB    1 
ATOM   346  O OG    . SER A 1 47  ? -4.938  -7.689  1.813   1.00 21.17 ? 47  SER A OG    1 
ATOM   347  N N     . ASP A 1 48  ? -6.598  -9.407  -0.255  1.00 19.75 ? 48  ASP A N     1 
ATOM   348  C CA    . ASP A 1 48  ? -8.027  -9.652  -0.440  1.00 21.78 ? 48  ASP A CA    1 
ATOM   349  C C     . ASP A 1 48  ? -8.372  -10.313 -1.774  1.00 21.87 ? 48  ASP A C     1 
ATOM   350  O O     . ASP A 1 48  ? -9.550  -10.427 -2.133  1.00 21.72 ? 48  ASP A O     1 
ATOM   351  C CB    . ASP A 1 48  ? -8.826  -8.347  -0.287  1.00 21.96 ? 48  ASP A CB    1 
ATOM   352  C CG    . ASP A 1 48  ? -8.358  -7.253  -1.219  1.00 23.36 ? 48  ASP A CG    1 
ATOM   353  O OD1   . ASP A 1 48  ? -7.922  -7.571  -2.345  1.00 21.70 ? 48  ASP A OD1   1 
ATOM   354  O OD2   . ASP A 1 48  ? -8.447  -6.069  -0.822  1.00 22.87 ? 48  ASP A OD2   1 
ATOM   355  N N     . GLY A 1 49  ? -7.346  -10.745 -2.501  1.00 21.80 ? 49  GLY A N     1 
ATOM   356  C CA    . GLY A 1 49  ? -7.557  -11.399 -3.781  1.00 22.76 ? 49  GLY A CA    1 
ATOM   357  C C     . GLY A 1 49  ? -6.389  -11.219 -4.735  1.00 22.54 ? 49  GLY A C     1 
ATOM   358  O O     . GLY A 1 49  ? -5.683  -10.214 -4.660  1.00 20.49 ? 49  GLY A O     1 
ATOM   359  N N     . PRO A 1 50  ? -6.160  -12.182 -5.645  1.00 23.45 ? 50  PRO A N     1 
ATOM   360  C CA    . PRO A 1 50  ? -5.065  -12.125 -6.620  1.00 22.34 ? 50  PRO A CA    1 
ATOM   361  C C     . PRO A 1 50  ? -5.147  -10.898 -7.528  1.00 22.69 ? 50  PRO A C     1 
ATOM   362  O O     . PRO A 1 50  ? -6.229  -10.525 -7.990  1.00 21.47 ? 50  PRO A O     1 
ATOM   363  C CB    . PRO A 1 50  ? -5.227  -13.429 -7.400  1.00 24.53 ? 50  PRO A CB    1 
ATOM   364  C CG    . PRO A 1 50  ? -5.857  -14.353 -6.388  1.00 25.50 ? 50  PRO A CG    1 
ATOM   365  C CD    . PRO A 1 50  ? -6.887  -13.459 -5.752  1.00 25.37 ? 50  PRO A CD    1 
ATOM   366  N N     . LYS A 1 51  ? -3.996  -10.287 -7.790  1.00 21.23 ? 51  LYS A N     1 
ATOM   367  C CA    . LYS A 1 51  ? -3.927  -9.093  -8.626  1.00 20.70 ? 51  LYS A CA    1 
ATOM   368  C C     . LYS A 1 51  ? -2.970  -9.245  -9.806  1.00 21.78 ? 51  LYS A C     1 
ATOM   369  O O     . LYS A 1 51  ? -1.974  -9.960  -9.722  1.00 22.01 ? 51  LYS A O     1 
ATOM   370  C CB    . LYS A 1 51  ? -3.461  -7.900  -7.789  1.00 18.38 ? 51  LYS A CB    1 
ATOM   371  C CG    . LYS A 1 51  ? -4.351  -7.562  -6.603  1.00 20.16 ? 51  LYS A CG    1 
ATOM   372  C CD    . LYS A 1 51  ? -5.728  -7.062  -7.054  1.00 19.48 ? 51  LYS A CD    1 
ATOM   373  C CE    . LYS A 1 51  ? -6.532  -6.543  -5.867  1.00 21.15 ? 51  LYS A CE    1 
ATOM   374  N NZ    . LYS A 1 51  ? -6.867  -7.625  -4.899  1.00 20.16 ? 51  LYS A NZ    1 
ATOM   375  N N     . THR A 1 52  ? -3.273  -8.565  -10.907 1.00 22.91 ? 52  THR A N     1 
ATOM   376  C CA    . THR A 1 52  ? -2.399  -8.602  -12.070 1.00 22.04 ? 52  THR A CA    1 
ATOM   377  C C     . THR A 1 52  ? -1.265  -7.630  -11.779 1.00 22.72 ? 52  THR A C     1 
ATOM   378  O O     . THR A 1 52  ? -1.432  -6.679  -11.006 1.00 20.66 ? 52  THR A O     1 
ATOM   379  C CB    . THR A 1 52  ? -3.108  -8.132  -13.348 1.00 22.99 ? 52  THR A CB    1 
ATOM   380  O OG1   . THR A 1 52  ? -3.505  -6.764  -13.194 1.00 21.49 ? 52  THR A OG1   1 
ATOM   381  C CG2   . THR A 1 52  ? -4.342  -8.984  -13.616 1.00 24.85 ? 52  THR A CG2   1 
ATOM   382  N N     . MET A 1 53  ? -0.110  -7.862  -12.392 1.00 23.01 ? 53  MET A N     1 
ATOM   383  C CA    . MET A 1 53  ? 1.024   -6.975  -12.180 1.00 24.38 ? 53  MET A CA    1 
ATOM   384  C C     . MET A 1 53  ? 0.717   -5.577  -12.733 1.00 25.16 ? 53  MET A C     1 
ATOM   385  O O     . MET A 1 53  ? 1.193   -4.574  -12.201 1.00 22.95 ? 53  MET A O     1 
ATOM   386  C CB    . MET A 1 53  ? 2.287   -7.583  -12.806 1.00 25.94 ? 53  MET A CB    1 
ATOM   387  C CG    . MET A 1 53  ? 2.881   -8.731  -11.957 1.00 29.34 ? 53  MET A CG    1 
ATOM   388  S SD    . MET A 1 53  ? 4.218   -9.683  -12.747 1.00 26.88 ? 53  MET A SD    1 
ATOM   389  C CE    . MET A 1 53  ? 5.634   -8.785  -12.169 1.00 29.85 ? 53  MET A CE    1 
ATOM   390  N N     . ALA A 1 54  ? -0.115  -5.506  -13.771 1.00 25.57 ? 54  ALA A N     1 
ATOM   391  C CA    . ALA A 1 54  ? -0.489  -4.215  -14.356 1.00 25.87 ? 54  ALA A CA    1 
ATOM   392  C C     . ALA A 1 54  ? -1.297  -3.401  -13.345 1.00 25.63 ? 54  ALA A C     1 
ATOM   393  O O     . ALA A 1 54  ? -1.116  -2.186  -13.215 1.00 25.08 ? 54  ALA A O     1 
ATOM   394  C CB    . ALA A 1 54  ? -1.301  -4.429  -15.634 1.00 27.82 ? 54  ALA A CB    1 
ATOM   395  N N     . TYR A 1 55  ? -2.195  -4.073  -12.632 1.00 24.32 ? 55  TYR A N     1 
ATOM   396  C CA    . TYR A 1 55  ? -3.008  -3.401  -11.623 1.00 24.10 ? 55  TYR A CA    1 
ATOM   397  C C     . TYR A 1 55  ? -2.127  -2.807  -10.524 1.00 23.14 ? 55  TYR A C     1 
ATOM   398  O O     . TYR A 1 55  ? -2.305  -1.658  -10.128 1.00 22.96 ? 55  TYR A O     1 
ATOM   399  C CB    . TYR A 1 55  ? -3.999  -4.383  -10.986 1.00 22.28 ? 55  TYR A CB    1 
ATOM   400  C CG    . TYR A 1 55  ? -4.654  -3.834  -9.737  1.00 22.43 ? 55  TYR A CG    1 
ATOM   401  C CD1   . TYR A 1 55  ? -5.788  -3.022  -9.817  1.00 23.67 ? 55  TYR A CD1   1 
ATOM   402  C CD2   . TYR A 1 55  ? -4.109  -4.084  -8.477  1.00 20.44 ? 55  TYR A CD2   1 
ATOM   403  C CE1   . TYR A 1 55  ? -6.363  -2.470  -8.671  1.00 22.83 ? 55  TYR A CE1   1 
ATOM   404  C CE2   . TYR A 1 55  ? -4.669  -3.536  -7.324  1.00 23.08 ? 55  TYR A CE2   1 
ATOM   405  C CZ    . TYR A 1 55  ? -5.799  -2.727  -7.429  1.00 21.70 ? 55  TYR A CZ    1 
ATOM   406  O OH    . TYR A 1 55  ? -6.336  -2.162  -6.296  1.00 22.42 ? 55  TYR A OH    1 
ATOM   407  N N     . LEU A 1 56  ? -1.180  -3.601  -10.035 1.00 21.52 ? 56  LEU A N     1 
ATOM   408  C CA    . LEU A 1 56  ? -0.280  -3.170  -8.978  1.00 21.98 ? 56  LEU A CA    1 
ATOM   409  C C     . LEU A 1 56  ? 0.522   -1.926  -9.351  1.00 22.51 ? 56  LEU A C     1 
ATOM   410  O O     . LEU A 1 56  ? 0.661   -1.002  -8.551  1.00 23.63 ? 56  LEU A O     1 
ATOM   411  C CB    . LEU A 1 56  ? 0.668   -4.316  -8.615  1.00 22.51 ? 56  LEU A CB    1 
ATOM   412  C CG    . LEU A 1 56  ? -0.019  -5.542  -7.992  1.00 21.06 ? 56  LEU A CG    1 
ATOM   413  C CD1   . LEU A 1 56  ? 0.972   -6.687  -7.861  1.00 21.64 ? 56  LEU A CD1   1 
ATOM   414  C CD2   . LEU A 1 56  ? -0.584  -5.171  -6.635  1.00 23.16 ? 56  LEU A CD2   1 
ATOM   415  N N     . ALA A 1 57  ? 1.059   -1.905  -10.565 1.00 22.14 ? 57  ALA A N     1 
ATOM   416  C CA    . ALA A 1 57  ? 1.846   -0.760  -11.017 1.00 22.65 ? 57  ALA A CA    1 
ATOM   417  C C     . ALA A 1 57  ? 0.981   0.496   -11.111 1.00 23.42 ? 57  ALA A C     1 
ATOM   418  O O     . ALA A 1 57  ? 1.390   1.578   -10.687 1.00 23.33 ? 57  ALA A O     1 
ATOM   419  C CB    . ALA A 1 57  ? 2.474   -1.067  -12.375 1.00 23.96 ? 57  ALA A CB    1 
ATOM   420  N N     . ASN A 1 58  ? -0.216  0.348   -11.667 1.00 24.30 ? 58  ASN A N     1 
ATOM   421  C CA    . ASN A 1 58  ? -1.117  1.484   -11.817 1.00 26.37 ? 58  ASN A CA    1 
ATOM   422  C C     . ASN A 1 58  ? -1.670  1.975   -10.486 1.00 27.19 ? 58  ASN A C     1 
ATOM   423  O O     . ASN A 1 58  ? -1.667  3.177   -10.208 1.00 26.98 ? 58  ASN A O     1 
ATOM   424  C CB    . ASN A 1 58  ? -2.280  1.123   -12.742 1.00 30.56 ? 58  ASN A CB    1 
ATOM   425  C CG    . ASN A 1 58  ? -3.295  2.248   -12.867 1.00 34.90 ? 58  ASN A CG    1 
ATOM   426  O OD1   . ASN A 1 58  ? -3.995  2.583   -11.906 1.00 40.10 ? 58  ASN A OD1   1 
ATOM   427  N ND2   . ASN A 1 58  ? -3.369  2.845   -14.048 1.00 37.08 ? 58  ASN A ND2   1 
ATOM   428  N N     . ARG A 1 59  ? -2.150  1.046   -9.665  1.00 25.80 ? 59  ARG A N     1 
ATOM   429  C CA    . ARG A 1 59  ? -2.733  1.409   -8.377  1.00 27.35 ? 59  ARG A CA    1 
ATOM   430  C C     . ARG A 1 59  ? -1.775  2.174   -7.472  1.00 26.26 ? 59  ARG A C     1 
ATOM   431  O O     . ARG A 1 59  ? -2.181  3.117   -6.795  1.00 27.46 ? 59  ARG A O     1 
ATOM   432  C CB    . ARG A 1 59  ? -3.242  0.164   -7.646  1.00 25.60 ? 59  ARG A CB    1 
ATOM   433  C CG    . ARG A 1 59  ? -4.129  0.481   -6.445  1.00 27.91 ? 59  ARG A CG    1 
ATOM   434  C CD    . ARG A 1 59  ? -5.345  1.317   -6.855  1.00 28.55 ? 59  ARG A CD    1 
ATOM   435  N NE    . ARG A 1 59  ? -6.209  1.665   -5.725  1.00 29.69 ? 59  ARG A NE    1 
ATOM   436  C CZ    . ARG A 1 59  ? -6.818  2.841   -5.591  1.00 28.03 ? 59  ARG A CZ    1 
ATOM   437  N NH1   . ARG A 1 59  ? -6.660  3.786   -6.510  1.00 29.53 ? 59  ARG A NH1   1 
ATOM   438  N NH2   . ARG A 1 59  ? -7.587  3.080   -4.537  1.00 26.89 ? 59  ARG A NH2   1 
ATOM   439  N N     . TYR A 1 60  ? -0.505  1.779   -7.467  1.00 26.69 ? 60  TYR A N     1 
ATOM   440  C CA    . TYR A 1 60  ? 0.487   2.440   -6.624  1.00 28.62 ? 60  TYR A CA    1 
ATOM   441  C C     . TYR A 1 60  ? 1.405   3.420   -7.342  1.00 28.32 ? 60  TYR A C     1 
ATOM   442  O O     . TYR A 1 60  ? 2.400   3.874   -6.781  1.00 29.00 ? 60  TYR A O     1 
ATOM   443  C CB    . TYR A 1 60  ? 1.316   1.391   -5.894  1.00 30.23 ? 60  TYR A CB    1 
ATOM   444  C CG    . TYR A 1 60  ? 0.481   0.556   -4.959  1.00 33.09 ? 60  TYR A CG    1 
ATOM   445  C CD1   . TYR A 1 60  ? -0.377  1.161   -4.041  1.00 32.97 ? 60  TYR A CD1   1 
ATOM   446  C CD2   . TYR A 1 60  ? 0.549   -0.833  -4.983  1.00 35.08 ? 60  TYR A CD2   1 
ATOM   447  C CE1   . TYR A 1 60  ? -1.145  0.406   -3.174  1.00 34.10 ? 60  TYR A CE1   1 
ATOM   448  C CE2   . TYR A 1 60  ? -0.214  -1.604  -4.118  1.00 36.01 ? 60  TYR A CE2   1 
ATOM   449  C CZ    . TYR A 1 60  ? -1.059  -0.977  -3.215  1.00 36.82 ? 60  TYR A CZ    1 
ATOM   450  O OH    . TYR A 1 60  ? -1.803  -1.731  -2.344  1.00 38.47 ? 60  TYR A OH    1 
ATOM   451  N N     . PHE A 1 61  ? 1.063   3.741   -8.584  1.00 28.02 ? 61  PHE A N     1 
ATOM   452  C CA    . PHE A 1 61  ? 1.840   4.679   -9.392  1.00 26.58 ? 61  PHE A CA    1 
ATOM   453  C C     . PHE A 1 61  ? 3.356   4.443   -9.372  1.00 26.77 ? 61  PHE A C     1 
ATOM   454  O O     . PHE A 1 61  ? 4.137   5.342   -9.065  1.00 25.84 ? 61  PHE A O     1 
ATOM   455  C CB    . PHE A 1 61  ? 1.525   6.121   -8.963  1.00 28.29 ? 61  PHE A CB    1 
ATOM   456  C CG    . PHE A 1 61  ? 2.099   7.173   -9.883  1.00 28.80 ? 61  PHE A CG    1 
ATOM   457  C CD1   . PHE A 1 61  ? 2.017   7.026   -11.267 1.00 31.60 ? 61  PHE A CD1   1 
ATOM   458  C CD2   . PHE A 1 61  ? 2.707   8.316   -9.366  1.00 31.92 ? 61  PHE A CD2   1 
ATOM   459  C CE1   . PHE A 1 61  ? 2.540   7.998   -12.123 1.00 31.14 ? 61  PHE A CE1   1 
ATOM   460  C CE2   . PHE A 1 61  ? 3.234   9.295   -10.216 1.00 29.85 ? 61  PHE A CE2   1 
ATOM   461  C CZ    . PHE A 1 61  ? 3.145   9.135   -11.594 1.00 30.66 ? 61  PHE A CZ    1 
ATOM   462  N N     . VAL A 1 62  ? 3.767   3.221   -9.690  1.00 26.05 ? 62  VAL A N     1 
ATOM   463  C CA    . VAL A 1 62  ? 5.185   2.890   -9.769  1.00 25.56 ? 62  VAL A CA    1 
ATOM   464  C C     . VAL A 1 62  ? 5.410   2.226   -11.121 1.00 25.55 ? 62  VAL A C     1 
ATOM   465  O O     . VAL A 1 62  ? 4.455   1.819   -11.784 1.00 25.27 ? 62  VAL A O     1 
ATOM   466  C CB    . VAL A 1 62  ? 5.636   1.932   -8.638  1.00 25.82 ? 62  VAL A CB    1 
ATOM   467  C CG1   . VAL A 1 62  ? 5.508   2.630   -7.285  1.00 24.66 ? 62  VAL A CG1   1 
ATOM   468  C CG2   . VAL A 1 62  ? 4.819   0.656   -8.674  1.00 25.00 ? 62  VAL A CG2   1 
ATOM   469  N N     . THR A 1 63  ? 6.667   2.118   -11.532 1.00 25.92 ? 63  THR A N     1 
ATOM   470  C CA    . THR A 1 63  ? 6.990   1.514   -12.821 1.00 26.87 ? 63  THR A CA    1 
ATOM   471  C C     . THR A 1 63  ? 6.791   0.003   -12.800 1.00 27.21 ? 63  THR A C     1 
ATOM   472  O O     . THR A 1 63  ? 6.793   -0.624  -11.741 1.00 26.62 ? 63  THR A O     1 
ATOM   473  C CB    . THR A 1 63  ? 8.452   1.801   -13.217 1.00 27.19 ? 63  THR A CB    1 
ATOM   474  O OG1   . THR A 1 63  ? 9.327   1.173   -12.272 1.00 26.67 ? 63  THR A OG1   1 
ATOM   475  C CG2   . THR A 1 63  ? 8.716   3.298   -13.230 1.00 26.80 ? 63  THR A CG2   1 
ATOM   476  N N     . GLN A 1 64  ? 6.616   -0.578  -13.979 1.00 28.58 ? 64  GLN A N     1 
ATOM   477  C CA    . GLN A 1 64  ? 6.432   -2.015  -14.085 1.00 29.83 ? 64  GLN A CA    1 
ATOM   478  C C     . GLN A 1 64  ? 7.678   -2.751  -13.601 1.00 29.18 ? 64  GLN A C     1 
ATOM   479  O O     . GLN A 1 64  ? 7.576   -3.821  -13.001 1.00 28.94 ? 64  GLN A O     1 
ATOM   480  C CB    . GLN A 1 64  ? 6.103   -2.397  -15.531 1.00 33.68 ? 64  GLN A CB    1 
ATOM   481  C CG    . GLN A 1 64  ? 4.703   -1.962  -15.959 1.00 40.21 ? 64  GLN A CG    1 
ATOM   482  C CD    . GLN A 1 64  ? 3.608   -2.854  -15.387 1.00 43.31 ? 64  GLN A CD    1 
ATOM   483  O OE1   . GLN A 1 64  ? 3.754   -3.429  -14.303 1.00 45.66 ? 64  GLN A OE1   1 
ATOM   484  N NE2   . GLN A 1 64  ? 2.497   -2.961  -16.111 1.00 45.05 ? 64  GLN A NE2   1 
ATOM   485  N N     . SER A 1 65  ? 8.854   -2.178  -13.844 1.00 28.23 ? 65  SER A N     1 
ATOM   486  C CA    . SER A 1 65  ? 10.087  -2.819  -13.395 1.00 28.21 ? 65  SER A CA    1 
ATOM   487  C C     . SER A 1 65  ? 10.121  -2.809  -11.869 1.00 26.93 ? 65  SER A C     1 
ATOM   488  O O     . SER A 1 65  ? 10.628  -3.742  -11.247 1.00 25.50 ? 65  SER A O     1 
ATOM   489  C CB    . SER A 1 65  ? 11.314  -2.094  -13.949 1.00 30.08 ? 65  SER A CB    1 
ATOM   490  O OG    . SER A 1 65  ? 11.491  -0.838  -13.326 1.00 35.85 ? 65  SER A OG    1 
ATOM   491  N N     . ALA A 1 66  ? 9.574   -1.751  -11.272 1.00 24.67 ? 66  ALA A N     1 
ATOM   492  C CA    . ALA A 1 66  ? 9.519   -1.634  -9.817  1.00 24.34 ? 66  ALA A CA    1 
ATOM   493  C C     . ALA A 1 66  ? 8.639   -2.746  -9.249  1.00 23.79 ? 66  ALA A C     1 
ATOM   494  O O     . ALA A 1 66  ? 8.995   -3.387  -8.259  1.00 23.15 ? 66  ALA A O     1 
ATOM   495  C CB    . ALA A 1 66  ? 8.970   -0.268  -9.417  1.00 25.00 ? 66  ALA A CB    1 
ATOM   496  N N     . ILE A 1 67  ? 7.485   -2.966  -9.873  1.00 23.19 ? 67  ILE A N     1 
ATOM   497  C CA    . ILE A 1 67  ? 6.577   -4.028  -9.436  1.00 24.18 ? 67  ILE A CA    1 
ATOM   498  C C     . ILE A 1 67  ? 7.241   -5.376  -9.672  1.00 24.42 ? 67  ILE A C     1 
ATOM   499  O O     . ILE A 1 67  ? 7.165   -6.279  -8.838  1.00 23.50 ? 67  ILE A O     1 
ATOM   500  C CB    . ILE A 1 67  ? 5.233   -3.997  -10.210 1.00 24.82 ? 67  ILE A CB    1 
ATOM   501  C CG1   . ILE A 1 67  ? 4.399   -2.794  -9.761  1.00 26.11 ? 67  ILE A CG1   1 
ATOM   502  C CG2   . ILE A 1 67  ? 4.457   -5.298  -9.981  1.00 27.28 ? 67  ILE A CG2   1 
ATOM   503  C CD1   . ILE A 1 67  ? 4.191   -2.700  -8.255  1.00 24.71 ? 67  ILE A CD1   1 
ATOM   504  N N     . THR A 1 68  ? 7.894   -5.518  -10.819 1.00 24.40 ? 68  THR A N     1 
ATOM   505  C CA    . THR A 1 68  ? 8.564   -6.768  -11.122 1.00 25.08 ? 68  THR A CA    1 
ATOM   506  C C     . THR A 1 68  ? 9.577   -7.099  -10.029 1.00 24.09 ? 68  THR A C     1 
ATOM   507  O O     . THR A 1 68  ? 9.620   -8.223  -9.540  1.00 24.50 ? 68  THR A O     1 
ATOM   508  C CB    . THR A 1 68  ? 9.263   -6.705  -12.494 1.00 25.83 ? 68  THR A CB    1 
ATOM   509  O OG1   . THR A 1 68  ? 8.272   -6.574  -13.521 1.00 28.94 ? 68  THR A OG1   1 
ATOM   510  C CG2   . THR A 1 68  ? 10.070  -7.971  -12.742 1.00 28.18 ? 68  THR A CG2   1 
ATOM   511  N N     . ALA A 1 69  ? 10.377  -6.114  -9.634  1.00 23.98 ? 69  ALA A N     1 
ATOM   512  C CA    . ALA A 1 69  ? 11.379  -6.335  -8.594  1.00 24.25 ? 69  ALA A CA    1 
ATOM   513  C C     . ALA A 1 69  ? 10.728  -6.711  -7.264  1.00 23.16 ? 69  ALA A C     1 
ATOM   514  O O     . ALA A 1 69  ? 11.185  -7.627  -6.582  1.00 21.69 ? 69  ALA A O     1 
ATOM   515  C CB    . ALA A 1 69  ? 12.238  -5.084  -8.414  1.00 25.81 ? 69  ALA A CB    1 
ATOM   516  N N     . SER A 1 70  ? 9.661   -6.003  -6.897  1.00 21.92 ? 70  SER A N     1 
ATOM   517  C CA    . SER A 1 70  ? 8.973   -6.283  -5.638  1.00 20.61 ? 70  SER A CA    1 
ATOM   518  C C     . SER A 1 70  ? 8.350   -7.678  -5.629  1.00 20.86 ? 70  SER A C     1 
ATOM   519  O O     . SER A 1 70  ? 8.470   -8.416  -4.648  1.00 19.00 ? 70  SER A O     1 
ATOM   520  C CB    . SER A 1 70  ? 7.891   -5.229  -5.379  1.00 22.61 ? 70  SER A CB    1 
ATOM   521  O OG    . SER A 1 70  ? 7.264   -5.444  -4.126  1.00 23.39 ? 70  SER A OG    1 
ATOM   522  N N     . VAL A 1 71  ? 7.684   -8.042  -6.719  1.00 19.87 ? 71  VAL A N     1 
ATOM   523  C CA    . VAL A 1 71  ? 7.057   -9.358  -6.810  1.00 20.61 ? 71  VAL A CA    1 
ATOM   524  C C     . VAL A 1 71  ? 8.104   -10.471 -6.795  1.00 21.15 ? 71  VAL A C     1 
ATOM   525  O O     . VAL A 1 71  ? 7.913   -11.498 -6.146  1.00 21.28 ? 71  VAL A O     1 
ATOM   526  C CB    . VAL A 1 71  ? 6.197   -9.492  -8.091  1.00 20.99 ? 71  VAL A CB    1 
ATOM   527  C CG1   . VAL A 1 71  ? 5.669   -10.916 -8.222  1.00 21.28 ? 71  VAL A CG1   1 
ATOM   528  C CG2   . VAL A 1 71  ? 5.023   -8.517  -8.029  1.00 23.16 ? 71  VAL A CG2   1 
ATOM   529  N N     . ASP A 1 72  ? 9.208   -10.272 -7.509  1.00 21.63 ? 72  ASP A N     1 
ATOM   530  C CA    . ASP A 1 72  ? 10.258  -11.285 -7.538  1.00 21.40 ? 72  ASP A CA    1 
ATOM   531  C C     . ASP A 1 72  ? 10.790  -11.511 -6.126  1.00 21.63 ? 72  ASP A C     1 
ATOM   532  O O     . ASP A 1 72  ? 11.069  -12.643 -5.719  1.00 19.50 ? 72  ASP A O     1 
ATOM   533  C CB    . ASP A 1 72  ? 11.414  -10.854 -8.448  1.00 23.91 ? 72  ASP A CB    1 
ATOM   534  C CG    . ASP A 1 72  ? 11.115  -11.072 -9.923  1.00 26.14 ? 72  ASP A CG    1 
ATOM   535  O OD1   . ASP A 1 72  ? 10.105  -11.731 -10.237 1.00 26.45 ? 72  ASP A OD1   1 
ATOM   536  O OD2   . ASP A 1 72  ? 11.901  -10.589 -10.762 1.00 25.95 ? 72  ASP A OD2   1 
ATOM   537  N N     . LYS A 1 73  ? 10.920  -10.419 -5.381  1.00 20.56 ? 73  LYS A N     1 
ATOM   538  C CA    . LYS A 1 73  ? 11.426  -10.469 -4.016  1.00 20.56 ? 73  LYS A CA    1 
ATOM   539  C C     . LYS A 1 73  ? 10.461  -11.191 -3.088  1.00 20.15 ? 73  LYS A C     1 
ATOM   540  O O     . LYS A 1 73  ? 10.863  -12.060 -2.316  1.00 19.55 ? 73  LYS A O     1 
ATOM   541  C CB    . LYS A 1 73  ? 11.678  -9.046  -3.516  1.00 20.47 ? 73  LYS A CB    1 
ATOM   542  C CG    . LYS A 1 73  ? 12.016  -8.921  -2.040  1.00 22.30 ? 73  LYS A CG    1 
ATOM   543  C CD    . LYS A 1 73  ? 12.256  -7.453  -1.719  1.00 22.81 ? 73  LYS A CD    1 
ATOM   544  C CE    . LYS A 1 73  ? 12.580  -7.227  -0.266  1.00 24.02 ? 73  LYS A CE    1 
ATOM   545  N NZ    . LYS A 1 73  ? 12.753  -5.764  -0.029  1.00 27.05 ? 73  LYS A NZ    1 
ATOM   546  N N     . LEU A 1 74  ? 9.185   -10.828 -3.161  1.00 19.17 ? 74  LEU A N     1 
ATOM   547  C CA    . LEU A 1 74  ? 8.182   -11.450 -2.309  1.00 18.69 ? 74  LEU A CA    1 
ATOM   548  C C     . LEU A 1 74  ? 8.042   -12.929 -2.641  1.00 17.96 ? 74  LEU A C     1 
ATOM   549  O O     . LEU A 1 74  ? 7.772   -13.748 -1.764  1.00 19.38 ? 74  LEU A O     1 
ATOM   550  C CB    . LEU A 1 74  ? 6.837   -10.744 -2.483  1.00 18.12 ? 74  LEU A CB    1 
ATOM   551  C CG    . LEU A 1 74  ? 6.796   -9.299  -1.966  1.00 16.85 ? 74  LEU A CG    1 
ATOM   552  C CD1   . LEU A 1 74  ? 5.508   -8.610  -2.411  1.00 20.87 ? 74  LEU A CD1   1 
ATOM   553  C CD2   . LEU A 1 74  ? 6.899   -9.312  -0.450  1.00 18.70 ? 74  LEU A CD2   1 
ATOM   554  N N     . GLU A 1 75  ? 8.224   -13.260 -3.915  1.00 17.85 ? 75  GLU A N     1 
ATOM   555  C CA    . GLU A 1 75  ? 8.127   -14.638 -4.374  1.00 20.55 ? 75  GLU A CA    1 
ATOM   556  C C     . GLU A 1 75  ? 9.273   -15.454 -3.774  1.00 20.96 ? 75  GLU A C     1 
ATOM   557  O O     . GLU A 1 75  ? 9.067   -16.569 -3.295  1.00 20.43 ? 75  GLU A O     1 
ATOM   558  C CB    . GLU A 1 75  ? 8.192   -14.665 -5.904  1.00 22.26 ? 75  GLU A CB    1 
ATOM   559  C CG    . GLU A 1 75  ? 8.073   -16.037 -6.540  1.00 26.92 ? 75  GLU A CG    1 
ATOM   560  C CD    . GLU A 1 75  ? 8.223   -15.967 -8.046  1.00 28.38 ? 75  GLU A CD    1 
ATOM   561  O OE1   . GLU A 1 75  ? 9.298   -15.530 -8.516  1.00 28.13 ? 75  GLU A OE1   1 
ATOM   562  O OE2   . GLU A 1 75  ? 7.267   -16.338 -8.762  1.00 30.12 ? 75  GLU A OE2   1 
ATOM   563  N N     . GLU A 1 76  ? 10.476  -14.893 -3.802  1.00 19.76 ? 76  GLU A N     1 
ATOM   564  C CA    . GLU A 1 76  ? 11.647  -15.562 -3.241  1.00 21.64 ? 76  GLU A CA    1 
ATOM   565  C C     . GLU A 1 76  ? 11.485  -15.711 -1.723  1.00 22.02 ? 76  GLU A C     1 
ATOM   566  O O     . GLU A 1 76  ? 11.958  -16.686 -1.127  1.00 21.89 ? 76  GLU A O     1 
ATOM   567  C CB    . GLU A 1 76  ? 12.908  -14.751 -3.568  1.00 22.65 ? 76  GLU A CB    1 
ATOM   568  C CG    . GLU A 1 76  ? 14.194  -15.238 -2.903  1.00 24.36 ? 76  GLU A CG    1 
ATOM   569  C CD    . GLU A 1 76  ? 14.594  -16.641 -3.329  1.00 27.89 ? 76  GLU A CD    1 
ATOM   570  O OE1   . GLU A 1 76  ? 14.225  -17.057 -4.445  1.00 29.37 ? 76  GLU A OE1   1 
ATOM   571  O OE2   . GLU A 1 76  ? 15.294  -17.322 -2.552  1.00 31.71 ? 76  GLU A OE2   1 
ATOM   572  N N     . MET A 1 77  ? 10.817  -14.740 -1.101  1.00 20.97 ? 77  MET A N     1 
ATOM   573  C CA    . MET A 1 77  ? 10.573  -14.755 0.345   1.00 19.62 ? 77  MET A CA    1 
ATOM   574  C C     . MET A 1 77  ? 9.434   -15.714 0.694   1.00 20.42 ? 77  MET A C     1 
ATOM   575  O O     . MET A 1 77  ? 9.160   -15.979 1.865   1.00 20.54 ? 77  MET A O     1 
ATOM   576  C CB    . MET A 1 77  ? 10.224  -13.341 0.843   1.00 19.08 ? 77  MET A CB    1 
ATOM   577  C CG    . MET A 1 77  ? 11.399  -12.365 0.868   1.00 20.52 ? 77  MET A CG    1 
ATOM   578  S SD    . MET A 1 77  ? 10.955  -10.654 1.362   1.00 10.78 ? 77  MET A SD    1 
ATOM   579  C CE    . MET A 1 77  ? 10.516  -10.922 2.985   1.00 20.94 ? 77  MET A CE    1 
ATOM   580  N N     . GLY A 1 78  ? 8.764   -16.219 -0.335  1.00 21.01 ? 78  GLY A N     1 
ATOM   581  C CA    . GLY A 1 78  ? 7.664   -17.142 -0.126  1.00 19.97 ? 78  GLY A CA    1 
ATOM   582  C C     . GLY A 1 78  ? 6.386   -16.479 0.348   1.00 22.05 ? 78  GLY A C     1 
ATOM   583  O O     . GLY A 1 78  ? 5.551   -17.130 0.975   1.00 21.14 ? 78  GLY A O     1 
ATOM   584  N N     . LEU A 1 79  ? 6.221   -15.192 0.039   1.00 20.15 ? 79  LEU A N     1 
ATOM   585  C CA    . LEU A 1 79  ? 5.038   -14.446 0.466   1.00 19.26 ? 79  LEU A CA    1 
ATOM   586  C C     . LEU A 1 79  ? 3.943   -14.332 -0.594  1.00 20.63 ? 79  LEU A C     1 
ATOM   587  O O     . LEU A 1 79  ? 2.787   -14.045 -0.274  1.00 21.52 ? 79  LEU A O     1 
ATOM   588  C CB    . LEU A 1 79  ? 5.455   -13.051 0.960   1.00 19.03 ? 79  LEU A CB    1 
ATOM   589  C CG    . LEU A 1 79  ? 6.537   -13.065 2.056   1.00 20.36 ? 79  LEU A CG    1 
ATOM   590  C CD1   . LEU A 1 79  ? 6.715   -11.665 2.626   1.00 23.10 ? 79  LEU A CD1   1 
ATOM   591  C CD2   . LEU A 1 79  ? 6.139   -14.027 3.175   1.00 21.38 ? 79  LEU A CD2   1 
ATOM   592  N N     . VAL A 1 80  ? 4.315   -14.515 -1.858  1.00 21.68 ? 80  VAL A N     1 
ATOM   593  C CA    . VAL A 1 80  ? 3.347   -14.501 -2.955  1.00 23.04 ? 80  VAL A CA    1 
ATOM   594  C C     . VAL A 1 80  ? 3.784   -15.529 -3.991  1.00 23.83 ? 80  VAL A C     1 
ATOM   595  O O     . VAL A 1 80  ? 4.920   -16.016 -3.966  1.00 23.26 ? 80  VAL A O     1 
ATOM   596  C CB    . VAL A 1 80  ? 3.238   -13.124 -3.673  1.00 22.92 ? 80  VAL A CB    1 
ATOM   597  C CG1   . VAL A 1 80  ? 2.909   -12.029 -2.675  1.00 21.89 ? 80  VAL A CG1   1 
ATOM   598  C CG2   . VAL A 1 80  ? 4.532   -12.821 -4.439  1.00 20.56 ? 80  VAL A CG2   1 
ATOM   599  N N     . VAL A 1 81  ? 2.873   -15.872 -4.889  1.00 24.40 ? 81  VAL A N     1 
ATOM   600  C CA    . VAL A 1 81  ? 3.174   -16.810 -5.958  1.00 24.20 ? 81  VAL A CA    1 
ATOM   601  C C     . VAL A 1 81  ? 2.506   -16.350 -7.245  1.00 25.35 ? 81  VAL A C     1 
ATOM   602  O O     . VAL A 1 81  ? 1.469   -15.675 -7.218  1.00 21.15 ? 81  VAL A O     1 
ATOM   603  C CB    . VAL A 1 81  ? 2.684   -18.242 -5.632  1.00 27.01 ? 81  VAL A CB    1 
ATOM   604  C CG1   . VAL A 1 81  ? 3.481   -18.816 -4.473  1.00 28.04 ? 81  VAL A CG1   1 
ATOM   605  C CG2   . VAL A 1 81  ? 1.197   -18.231 -5.312  1.00 28.25 ? 81  VAL A CG2   1 
ATOM   606  N N     . ARG A 1 82  ? 3.119   -16.697 -8.369  1.00 25.50 ? 82  ARG A N     1 
ATOM   607  C CA    . ARG A 1 82  ? 2.577   -16.349 -9.670  1.00 27.32 ? 82  ARG A CA    1 
ATOM   608  C C     . ARG A 1 82  ? 1.675   -17.495 -10.110 1.00 29.69 ? 82  ARG A C     1 
ATOM   609  O O     . ARG A 1 82  ? 2.149   -18.601 -10.376 1.00 29.19 ? 82  ARG A O     1 
ATOM   610  C CB    . ARG A 1 82  ? 3.700   -16.157 -10.698 1.00 28.08 ? 82  ARG A CB    1 
ATOM   611  C CG    . ARG A 1 82  ? 4.488   -14.852 -10.575 1.00 29.35 ? 82  ARG A CG    1 
ATOM   612  C CD    . ARG A 1 82  ? 5.441   -14.704 -11.760 1.00 30.15 ? 82  ARG A CD    1 
ATOM   613  N NE    . ARG A 1 82  ? 6.001   -13.362 -11.889 1.00 32.48 ? 82  ARG A NE    1 
ATOM   614  C CZ    . ARG A 1 82  ? 7.023   -12.899 -11.177 1.00 31.89 ? 82  ARG A CZ    1 
ATOM   615  N NH1   . ARG A 1 82  ? 7.616   -13.670 -10.270 1.00 31.10 ? 82  ARG A NH1   1 
ATOM   616  N NH2   . ARG A 1 82  ? 7.459   -11.659 -11.377 1.00 33.89 ? 82  ARG A NH2   1 
ATOM   617  N N     . VAL A 1 83  ? 0.373   -17.236 -10.159 1.00 28.57 ? 83  VAL A N     1 
ATOM   618  C CA    . VAL A 1 83  ? -0.585  -18.246 -10.576 1.00 30.80 ? 83  VAL A CA    1 
ATOM   619  C C     . VAL A 1 83  ? -0.866  -18.038 -12.058 1.00 32.75 ? 83  VAL A C     1 
ATOM   620  O O     . VAL A 1 83  ? -1.043  -16.904 -12.520 1.00 32.48 ? 83  VAL A O     1 
ATOM   621  C CB    . VAL A 1 83  ? -1.903  -18.143 -9.776  1.00 32.06 ? 83  VAL A CB    1 
ATOM   622  C CG1   . VAL A 1 83  ? -1.614  -18.271 -8.290  1.00 33.19 ? 83  VAL A CG1   1 
ATOM   623  C CG2   . VAL A 1 83  ? -2.599  -16.831 -10.075 1.00 34.65 ? 83  VAL A CG2   1 
ATOM   624  N N     . ARG A 1 84  ? -0.894  -19.138 -12.801 1.00 32.11 ? 84  ARG A N     1 
ATOM   625  C CA    . ARG A 1 84  ? -1.125  -19.089 -14.238 1.00 34.38 ? 84  ARG A CA    1 
ATOM   626  C C     . ARG A 1 84  ? -2.415  -19.798 -14.644 1.00 35.91 ? 84  ARG A C     1 
ATOM   627  O O     . ARG A 1 84  ? -2.813  -20.788 -14.034 1.00 34.20 ? 84  ARG A O     1 
ATOM   628  C CB    . ARG A 1 84  ? 0.076   -19.719 -14.951 1.00 34.66 ? 84  ARG A CB    1 
ATOM   629  C CG    . ARG A 1 84  ? 1.381   -18.993 -14.661 1.00 32.90 ? 84  ARG A CG    1 
ATOM   630  C CD    . ARG A 1 84  ? 2.596   -19.797 -15.083 1.00 34.80 ? 84  ARG A CD    1 
ATOM   631  N NE    . ARG A 1 84  ? 3.840   -19.099 -14.758 1.00 33.31 ? 84  ARG A NE    1 
ATOM   632  C CZ    . ARG A 1 84  ? 4.349   -18.103 -15.479 1.00 33.82 ? 84  ARG A CZ    1 
ATOM   633  N NH1   . ARG A 1 84  ? 3.730   -17.682 -16.579 1.00 32.75 ? 84  ARG A NH1   1 
ATOM   634  N NH2   . ARG A 1 84  ? 5.478   -17.520 -15.096 1.00 33.83 ? 84  ARG A NH2   1 
ATOM   635  N N     . ASP A 1 85  ? -3.074  -19.276 -15.672 1.00 38.62 ? 85  ASP A N     1 
ATOM   636  C CA    . ASP A 1 85  ? -4.312  -19.872 -16.158 1.00 42.19 ? 85  ASP A CA    1 
ATOM   637  C C     . ASP A 1 85  ? -4.039  -21.299 -16.640 1.00 43.31 ? 85  ASP A C     1 
ATOM   638  O O     . ASP A 1 85  ? -2.990  -21.567 -17.225 1.00 42.35 ? 85  ASP A O     1 
ATOM   639  C CB    . ASP A 1 85  ? -4.881  -19.042 -17.303 1.00 44.52 ? 85  ASP A CB    1 
ATOM   640  C CG    . ASP A 1 85  ? -6.193  -19.584 -17.805 1.00 46.28 ? 85  ASP A CG    1 
ATOM   641  O OD1   . ASP A 1 85  ? -7.213  -19.405 -17.110 1.00 48.93 ? 85  ASP A OD1   1 
ATOM   642  O OD2   . ASP A 1 85  ? -6.200  -20.202 -18.887 1.00 47.71 ? 85  ASP A OD2   1 
ATOM   643  N N     . ARG A 1 86  ? -4.988  -22.203 -16.407 1.00 44.79 ? 86  ARG A N     1 
ATOM   644  C CA    . ARG A 1 86  ? -4.825  -23.602 -16.794 1.00 47.04 ? 86  ARG A CA    1 
ATOM   645  C C     . ARG A 1 86  ? -4.633  -23.860 -18.288 1.00 47.21 ? 86  ARG A C     1 
ATOM   646  O O     . ARG A 1 86  ? -4.028  -24.860 -18.669 1.00 47.21 ? 86  ARG A O     1 
ATOM   647  C CB    . ARG A 1 86  ? -6.004  -24.441 -16.280 1.00 48.30 ? 86  ARG A CB    1 
ATOM   648  C CG    . ARG A 1 86  ? -7.247  -24.437 -17.160 1.00 51.56 ? 86  ARG A CG    1 
ATOM   649  C CD    . ARG A 1 86  ? -7.907  -23.068 -17.236 1.00 53.86 ? 86  ARG A CD    1 
ATOM   650  N NE    . ARG A 1 86  ? -9.186  -23.127 -17.939 1.00 56.07 ? 86  ARG A NE    1 
ATOM   651  C CZ    . ARG A 1 86  ? -10.253 -23.788 -17.493 1.00 57.31 ? 86  ARG A CZ    1 
ATOM   652  N NH1   . ARG A 1 86  ? -10.200 -24.449 -16.341 1.00 57.84 ? 86  ARG A NH1   1 
ATOM   653  N NH2   . ARG A 1 86  ? -11.376 -23.791 -18.201 1.00 57.35 ? 86  ARG A NH2   1 
ATOM   654  N N     . GLU A 1 87  ? -5.145  -22.974 -19.136 1.00 47.39 ? 87  GLU A N     1 
ATOM   655  C CA    . GLU A 1 87  ? -5.000  -23.159 -20.577 1.00 48.02 ? 87  GLU A CA    1 
ATOM   656  C C     . GLU A 1 87  ? -4.047  -22.144 -21.210 1.00 47.49 ? 87  GLU A C     1 
ATOM   657  O O     . GLU A 1 87  ? -3.453  -22.412 -22.252 1.00 48.11 ? 87  GLU A O     1 
ATOM   658  C CB    . GLU A 1 87  ? -6.369  -23.104 -21.266 1.00 49.58 ? 87  GLU A CB    1 
ATOM   659  C CG    . GLU A 1 87  ? -7.129  -21.803 -21.083 1.00 50.99 ? 87  GLU A CG    1 
ATOM   660  C CD    . GLU A 1 87  ? -8.519  -21.856 -21.693 1.00 51.92 ? 87  GLU A CD    1 
ATOM   661  O OE1   . GLU A 1 87  ? -9.341  -22.675 -21.230 1.00 53.03 ? 87  GLU A OE1   1 
ATOM   662  O OE2   . GLU A 1 87  ? -8.785  -21.081 -22.635 1.00 53.01 ? 87  GLU A OE2   1 
ATOM   663  N N     . ASP A 1 88  ? -3.898  -20.985 -20.576 1.00 46.18 ? 88  ASP A N     1 
ATOM   664  C CA    . ASP A 1 88  ? -2.998  -19.949 -21.077 1.00 43.95 ? 88  ASP A CA    1 
ATOM   665  C C     . ASP A 1 88  ? -2.072  -19.513 -19.941 1.00 43.37 ? 88  ASP A C     1 
ATOM   666  O O     . ASP A 1 88  ? -2.349  -18.531 -19.251 1.00 41.92 ? 88  ASP A O     1 
ATOM   667  C CB    . ASP A 1 88  ? -3.794  -18.745 -21.575 1.00 44.27 ? 88  ASP A CB    1 
ATOM   668  C CG    . ASP A 1 88  ? -2.931  -17.749 -22.331 1.00 44.67 ? 88  ASP A CG    1 
ATOM   669  O OD1   . ASP A 1 88  ? -1.698  -17.757 -22.132 1.00 44.90 ? 88  ASP A OD1   1 
ATOM   670  O OD2   . ASP A 1 88  ? -3.486  -16.957 -23.117 1.00 45.73 ? 88  ASP A OD2   1 
ATOM   671  N N     . ARG A 1 89  ? -0.972  -20.240 -19.759 1.00 42.17 ? 89  ARG A N     1 
ATOM   672  C CA    . ARG A 1 89  ? -0.029  -19.949 -18.684 1.00 42.24 ? 89  ARG A CA    1 
ATOM   673  C C     . ARG A 1 89  ? 0.504   -18.522 -18.687 1.00 42.68 ? 89  ARG A C     1 
ATOM   674  O O     . ARG A 1 89  ? 1.005   -18.042 -17.669 1.00 42.03 ? 89  ARG A O     1 
ATOM   675  C CB    . ARG A 1 89  ? 1.151   -20.924 -18.726 1.00 40.77 ? 89  ARG A CB    1 
ATOM   676  C CG    . ARG A 1 89  ? 2.166   -20.653 -19.824 1.00 38.96 ? 89  ARG A CG    1 
ATOM   677  C CD    . ARG A 1 89  ? 3.306   -21.658 -19.744 1.00 39.04 ? 89  ARG A CD    1 
ATOM   678  N NE    . ARG A 1 89  ? 4.006   -21.599 -18.460 1.00 36.23 ? 89  ARG A NE    1 
ATOM   679  C CZ    . ARG A 1 89  ? 4.998   -20.755 -18.190 1.00 35.79 ? 89  ARG A CZ    1 
ATOM   680  N NH1   . ARG A 1 89  ? 5.413   -19.895 -19.116 1.00 33.88 ? 89  ARG A NH1   1 
ATOM   681  N NH2   . ARG A 1 89  ? 5.589   -20.772 -17.000 1.00 33.37 ? 89  ARG A NH2   1 
ATOM   682  N N     . ARG A 1 90  ? 0.403   -17.846 -19.826 1.00 42.78 ? 90  ARG A N     1 
ATOM   683  C CA    . ARG A 1 90  ? 0.893   -16.477 -19.927 1.00 44.05 ? 90  ARG A CA    1 
ATOM   684  C C     . ARG A 1 90  ? 0.084   -15.497 -19.080 1.00 42.36 ? 90  ARG A C     1 
ATOM   685  O O     . ARG A 1 90  ? 0.598   -14.459 -18.668 1.00 42.23 ? 90  ARG A O     1 
ATOM   686  C CB    . ARG A 1 90  ? 0.901   -16.029 -21.389 1.00 47.19 ? 90  ARG A CB    1 
ATOM   687  C CG    . ARG A 1 90  ? 1.900   -16.791 -22.244 1.00 50.38 ? 90  ARG A CG    1 
ATOM   688  C CD    . ARG A 1 90  ? 1.894   -16.327 -23.697 1.00 53.59 ? 90  ARG A CD    1 
ATOM   689  N NE    . ARG A 1 90  ? 0.678   -16.710 -24.413 1.00 56.23 ? 90  ARG A NE    1 
ATOM   690  C CZ    . ARG A 1 90  ? -0.487  -16.075 -24.317 1.00 57.99 ? 90  ARG A CZ    1 
ATOM   691  N NH1   . ARG A 1 90  ? -0.615  -15.009 -23.532 1.00 59.00 ? 90  ARG A NH1   1 
ATOM   692  N NH2   . ARG A 1 90  ? -1.533  -16.507 -25.009 1.00 59.22 ? 90  ARG A NH2   1 
ATOM   693  N N     . LYS A 1 91  ? -1.181  -15.823 -18.829 1.00 40.75 ? 91  LYS A N     1 
ATOM   694  C CA    . LYS A 1 91  ? -2.030  -14.962 -18.009 1.00 39.32 ? 91  LYS A CA    1 
ATOM   695  C C     . LYS A 1 91  ? -1.626  -15.190 -16.556 1.00 36.44 ? 91  LYS A C     1 
ATOM   696  O O     . LYS A 1 91  ? -1.846  -16.272 -16.007 1.00 35.45 ? 91  LYS A O     1 
ATOM   697  C CB    . LYS A 1 91  ? -3.504  -15.307 -18.218 1.00 41.27 ? 91  LYS A CB    1 
ATOM   698  C CG    . LYS A 1 91  ? -3.981  -15.071 -19.646 1.00 43.47 ? 91  LYS A CG    1 
ATOM   699  C CD    . LYS A 1 91  ? -5.451  -15.421 -19.809 1.00 45.25 ? 91  LYS A CD    1 
ATOM   700  C CE    . LYS A 1 91  ? -5.910  -15.204 -21.243 1.00 46.80 ? 91  LYS A CE    1 
ATOM   701  N NZ    . LYS A 1 91  ? -7.359  -15.509 -21.408 1.00 47.64 ? 91  LYS A NZ    1 
ATOM   702  N N     . ILE A 1 92  ? -1.034  -14.165 -15.946 1.00 33.04 ? 92  ILE A N     1 
ATOM   703  C CA    . ILE A 1 92  ? -0.541  -14.243 -14.574 1.00 30.97 ? 92  ILE A CA    1 
ATOM   704  C C     . ILE A 1 92  ? -1.255  -13.368 -13.542 1.00 28.28 ? 92  ILE A C     1 
ATOM   705  O O     . ILE A 1 92  ? -1.625  -12.230 -13.819 1.00 26.50 ? 92  ILE A O     1 
ATOM   706  C CB    . ILE A 1 92  ? 0.958   -13.854 -14.518 1.00 32.17 ? 92  ILE A CB    1 
ATOM   707  C CG1   . ILE A 1 92  ? 1.789   -14.840 -15.337 1.00 33.75 ? 92  ILE A CG1   1 
ATOM   708  C CG2   . ILE A 1 92  ? 1.437   -13.807 -13.072 1.00 30.84 ? 92  ILE A CG2   1 
ATOM   709  C CD1   . ILE A 1 92  ? 3.236   -14.412 -15.499 1.00 34.79 ? 92  ILE A CD1   1 
ATOM   710  N N     . LEU A 1 93  ? -1.424  -13.923 -12.349 1.00 26.27 ? 93  LEU A N     1 
ATOM   711  C CA    . LEU A 1 93  ? -2.025  -13.209 -11.227 1.00 24.67 ? 93  LEU A CA    1 
ATOM   712  C C     . LEU A 1 93  ? -1.094  -13.420 -10.039 1.00 24.79 ? 93  LEU A C     1 
ATOM   713  O O     . LEU A 1 93  ? -0.513  -14.499 -9.881  1.00 23.58 ? 93  LEU A O     1 
ATOM   714  C CB    . LEU A 1 93  ? -3.413  -13.760 -10.891 1.00 26.01 ? 93  LEU A CB    1 
ATOM   715  C CG    . LEU A 1 93  ? -4.564  -13.423 -11.848 1.00 26.66 ? 93  LEU A CG    1 
ATOM   716  C CD1   . LEU A 1 93  ? -5.828  -14.180 -11.422 1.00 26.58 ? 93  LEU A CD1   1 
ATOM   717  C CD2   . LEU A 1 93  ? -4.809  -11.916 -11.838 1.00 27.02 ? 93  LEU A CD2   1 
ATOM   718  N N     . ILE A 1 94  ? -0.938  -12.388 -9.216  1.00 22.79 ? 94  ILE A N     1 
ATOM   719  C CA    . ILE A 1 94  ? -0.090  -12.485 -8.037  1.00 21.88 ? 94  ILE A CA    1 
ATOM   720  C C     . ILE A 1 94  ? -0.987  -12.834 -6.859  1.00 21.77 ? 94  ILE A C     1 
ATOM   721  O O     . ILE A 1 94  ? -1.882  -12.069 -6.509  1.00 22.57 ? 94  ILE A O     1 
ATOM   722  C CB    . ILE A 1 94  ? 0.632   -11.157 -7.751  1.00 21.79 ? 94  ILE A CB    1 
ATOM   723  C CG1   . ILE A 1 94  ? 1.349   -10.676 -9.019  1.00 22.58 ? 94  ILE A CG1   1 
ATOM   724  C CG2   . ILE A 1 94  ? 1.620   -11.348 -6.607  1.00 20.09 ? 94  ILE A CG2   1 
ATOM   725  C CD1   . ILE A 1 94  ? 2.312   -11.693 -9.625  1.00 22.53 ? 94  ILE A CD1   1 
ATOM   726  N N     . GLU A 1 95  ? -0.744  -13.994 -6.262  1.00 21.66 ? 95  GLU A N     1 
ATOM   727  C CA    . GLU A 1 95  ? -1.540  -14.480 -5.142  1.00 23.27 ? 95  GLU A CA    1 
ATOM   728  C C     . GLU A 1 95  ? -0.738  -14.560 -3.849  1.00 22.75 ? 95  GLU A C     1 
ATOM   729  O O     . GLU A 1 95  ? 0.398   -15.039 -3.835  1.00 21.98 ? 95  GLU A O     1 
ATOM   730  C CB    . GLU A 1 95  ? -2.108  -15.859 -5.497  1.00 25.15 ? 95  GLU A CB    1 
ATOM   731  C CG    . GLU A 1 95  ? -3.017  -16.471 -4.456  1.00 28.68 ? 95  GLU A CG    1 
ATOM   732  C CD    . GLU A 1 95  ? -3.541  -17.826 -4.899  1.00 32.57 ? 95  GLU A CD    1 
ATOM   733  O OE1   . GLU A 1 95  ? -2.737  -18.772 -5.013  1.00 35.55 ? 95  GLU A OE1   1 
ATOM   734  O OE2   . GLU A 1 95  ? -4.756  -17.940 -5.141  1.00 36.88 ? 95  GLU A OE2   1 
ATOM   735  N N     . ILE A 1 96  ? -1.335  -14.094 -2.759  1.00 22.48 ? 96  ILE A N     1 
ATOM   736  C CA    . ILE A 1 96  ? -0.664  -14.109 -1.472  1.00 20.82 ? 96  ILE A CA    1 
ATOM   737  C C     . ILE A 1 96  ? -0.671  -15.528 -0.893  1.00 20.89 ? 96  ILE A C     1 
ATOM   738  O O     . ILE A 1 96  ? -1.600  -16.304 -1.130  1.00 20.27 ? 96  ILE A O     1 
ATOM   739  C CB    . ILE A 1 96  ? -1.347  -13.099 -0.499  1.00 22.32 ? 96  ILE A CB    1 
ATOM   740  C CG1   . ILE A 1 96  ? -0.388  -12.723 0.633   1.00 21.92 ? 96  ILE A CG1   1 
ATOM   741  C CG2   . ILE A 1 96  ? -2.640  -13.687 0.060   1.00 21.48 ? 96  ILE A CG2   1 
ATOM   742  C CD1   . ILE A 1 96  ? -0.911  -11.618 1.555   1.00 18.79 ? 96  ILE A CD1   1 
ATOM   743  N N     . THR A 1 97  ? 0.389   -15.868 -0.164  1.00 20.73 ? 97  THR A N     1 
ATOM   744  C CA    . THR A 1 97  ? 0.510   -17.190 0.454   1.00 20.65 ? 97  THR A CA    1 
ATOM   745  C C     . THR A 1 97  ? 0.133   -17.087 1.927   1.00 20.79 ? 97  THR A C     1 
ATOM   746  O O     . THR A 1 97  ? -0.026  -15.987 2.456   1.00 21.30 ? 97  THR A O     1 
ATOM   747  C CB    . THR A 1 97  ? 1.961   -17.708 0.386   1.00 19.97 ? 97  THR A CB    1 
ATOM   748  O OG1   . THR A 1 97  ? 2.808   -16.835 1.151   1.00 20.29 ? 97  THR A OG1   1 
ATOM   749  C CG2   . THR A 1 97  ? 2.453   -17.759 -1.058  1.00 20.30 ? 97  THR A CG2   1 
ATOM   750  N N     . GLU A 1 98  ? 0.006   -18.235 2.592   1.00 21.07 ? 98  GLU A N     1 
ATOM   751  C CA    . GLU A 1 98  ? -0.322  -18.259 4.008   1.00 22.46 ? 98  GLU A CA    1 
ATOM   752  C C     . GLU A 1 98  ? 0.703   -17.412 4.759   1.00 22.23 ? 98  GLU A C     1 
ATOM   753  O O     . GLU A 1 98  ? 0.348   -16.599 5.613   1.00 22.12 ? 98  GLU A O     1 
ATOM   754  C CB    . GLU A 1 98  ? -0.275  -19.695 4.536   1.00 24.09 ? 98  GLU A CB    1 
ATOM   755  C CG    . GLU A 1 98  ? -0.612  -19.826 6.017   1.00 30.38 ? 98  GLU A CG    1 
ATOM   756  C CD    . GLU A 1 98  ? -0.235  -21.185 6.575   1.00 32.82 ? 98  GLU A CD    1 
ATOM   757  O OE1   . GLU A 1 98  ? -0.557  -22.201 5.928   1.00 35.87 ? 98  GLU A OE1   1 
ATOM   758  O OE2   . GLU A 1 98  ? 0.380   -21.234 7.657   1.00 35.31 ? 98  GLU A OE2   1 
ATOM   759  N N     . LYS A 1 99  ? 1.977   -17.605 4.420   1.00 21.52 ? 99  LYS A N     1 
ATOM   760  C CA    . LYS A 1 99  ? 3.063   -16.868 5.054   1.00 22.67 ? 99  LYS A CA    1 
ATOM   761  C C     . LYS A 1 99  ? 2.969   -15.375 4.727   1.00 22.05 ? 99  LYS A C     1 
ATOM   762  O O     . LYS A 1 99  ? 3.257   -14.529 5.573   1.00 21.65 ? 99  LYS A O     1 
ATOM   763  C CB    . LYS A 1 99  ? 4.415   -17.430 4.595   1.00 25.17 ? 99  LYS A CB    1 
ATOM   764  C CG    . LYS A 1 99  ? 5.635   -16.843 5.317   1.00 27.60 ? 99  LYS A CG    1 
ATOM   765  C CD    . LYS A 1 99  ? 5.635   -17.181 6.799   1.00 31.24 ? 99  LYS A CD    1 
ATOM   766  C CE    . LYS A 1 99  ? 6.921   -16.723 7.474   1.00 34.73 ? 99  LYS A CE    1 
ATOM   767  N NZ    . LYS A 1 99  ? 6.913   -17.000 8.937   1.00 37.67 ? 99  LYS A NZ    1 
ATOM   768  N N     . GLY A 1 100 ? 2.558   -15.064 3.500   1.00 22.66 ? 100 GLY A N     1 
ATOM   769  C CA    . GLY A 1 100 ? 2.410   -13.674 3.093   1.00 22.12 ? 100 GLY A CA    1 
ATOM   770  C C     . GLY A 1 100 ? 1.346   -12.981 3.931   1.00 22.31 ? 100 GLY A C     1 
ATOM   771  O O     . GLY A 1 100 ? 1.539   -11.851 4.386   1.00 21.37 ? 100 GLY A O     1 
ATOM   772  N N     . LEU A 1 101 ? 0.223   -13.664 4.146   1.00 22.98 ? 101 LEU A N     1 
ATOM   773  C CA    . LEU A 1 101 ? -0.873  -13.111 4.933   1.00 23.44 ? 101 LEU A CA    1 
ATOM   774  C C     . LEU A 1 101 ? -0.432  -12.857 6.375   1.00 22.90 ? 101 LEU A C     1 
ATOM   775  O O     . LEU A 1 101 ? -0.818  -11.859 6.980   1.00 22.37 ? 101 LEU A O     1 
ATOM   776  C CB    . LEU A 1 101 ? -2.081  -14.058 4.894   1.00 25.39 ? 101 LEU A CB    1 
ATOM   777  C CG    . LEU A 1 101 ? -2.896  -14.030 3.593   1.00 29.37 ? 101 LEU A CG    1 
ATOM   778  C CD1   . LEU A 1 101 ? -3.911  -15.173 3.581   1.00 28.88 ? 101 LEU A CD1   1 
ATOM   779  C CD2   . LEU A 1 101 ? -3.610  -12.679 3.460   1.00 29.60 ? 101 LEU A CD2   1 
ATOM   780  N N     . GLU A 1 102 ? 0.377   -13.760 6.922   1.00 23.30 ? 102 GLU A N     1 
ATOM   781  C CA    . GLU A 1 102 ? 0.885   -13.604 8.282   1.00 23.79 ? 102 GLU A CA    1 
ATOM   782  C C     . GLU A 1 102 ? 1.802   -12.384 8.377   1.00 22.98 ? 102 GLU A C     1 
ATOM   783  O O     . GLU A 1 102 ? 1.752   -11.634 9.354   1.00 19.73 ? 102 GLU A O     1 
ATOM   784  C CB    . GLU A 1 102 ? 1.660   -14.852 8.719   1.00 27.10 ? 102 GLU A CB    1 
ATOM   785  C CG    . GLU A 1 102 ? 0.772   -16.010 9.149   1.00 34.48 ? 102 GLU A CG    1 
ATOM   786  C CD    . GLU A 1 102 ? 1.565   -17.232 9.568   1.00 37.20 ? 102 GLU A CD    1 
ATOM   787  O OE1   . GLU A 1 102 ? 2.562   -17.074 10.308  1.00 40.77 ? 102 GLU A OE1   1 
ATOM   788  O OE2   . GLU A 1 102 ? 1.181   -18.350 9.171   1.00 37.44 ? 102 GLU A OE2   1 
ATOM   789  N N     . THR A 1 103 ? 2.634   -12.195 7.357   1.00 20.27 ? 103 THR A N     1 
ATOM   790  C CA    . THR A 1 103 ? 3.569   -11.069 7.320   1.00 21.35 ? 103 THR A CA    1 
ATOM   791  C C     . THR A 1 103 ? 2.805   -9.766  7.101   1.00 20.34 ? 103 THR A C     1 
ATOM   792  O O     . THR A 1 103 ? 3.106   -8.741  7.721   1.00 20.68 ? 103 THR A O     1 
ATOM   793  C CB    . THR A 1 103 ? 4.609   -11.273 6.203   1.00 22.68 ? 103 THR A CB    1 
ATOM   794  O OG1   . THR A 1 103 ? 5.284   -12.521 6.417   1.00 23.23 ? 103 THR A OG1   1 
ATOM   795  C CG2   . THR A 1 103 ? 5.645   -10.150 6.210   1.00 22.61 ? 103 THR A CG2   1 
ATOM   796  N N     . PHE A 1 104 ? 1.819   -9.813  6.210   1.00 19.88 ? 104 PHE A N     1 
ATOM   797  C CA    . PHE A 1 104 ? 0.982   -8.653  5.935   1.00 21.05 ? 104 PHE A CA    1 
ATOM   798  C C     . PHE A 1 104 ? 0.299   -8.224  7.239   1.00 20.80 ? 104 PHE A C     1 
ATOM   799  O O     . PHE A 1 104 ? 0.243   -7.041  7.562   1.00 20.54 ? 104 PHE A O     1 
ATOM   800  C CB    . PHE A 1 104 ? -0.080  -9.006  4.893   1.00 22.94 ? 104 PHE A CB    1 
ATOM   801  C CG    . PHE A 1 104 ? -1.218  -8.029  4.837   1.00 23.85 ? 104 PHE A CG    1 
ATOM   802  C CD1   . PHE A 1 104 ? -1.005  -6.714  4.432   1.00 24.26 ? 104 PHE A CD1   1 
ATOM   803  C CD2   . PHE A 1 104 ? -2.500  -8.414  5.220   1.00 24.40 ? 104 PHE A CD2   1 
ATOM   804  C CE1   . PHE A 1 104 ? -2.054  -5.798  4.411   1.00 23.41 ? 104 PHE A CE1   1 
ATOM   805  C CE2   . PHE A 1 104 ? -3.559  -7.500  5.203   1.00 26.12 ? 104 PHE A CE2   1 
ATOM   806  C CZ    . PHE A 1 104 ? -3.329  -6.189  4.796   1.00 23.65 ? 104 PHE A CZ    1 
ATOM   807  N N     . ASN A 1 105 ? -0.220  -9.196  7.987   1.00 20.35 ? 105 ASN A N     1 
ATOM   808  C CA    . ASN A 1 105 ? -0.884  -8.901  9.256   1.00 22.07 ? 105 ASN A CA    1 
ATOM   809  C C     . ASN A 1 105 ? 0.061   -8.212  10.237  1.00 21.82 ? 105 ASN A C     1 
ATOM   810  O O     . ASN A 1 105 ? -0.338  -7.293  10.954  1.00 21.90 ? 105 ASN A O     1 
ATOM   811  C CB    . ASN A 1 105 ? -1.444  -10.185 9.869   1.00 24.05 ? 105 ASN A CB    1 
ATOM   812  C CG    . ASN A 1 105 ? -2.726  -10.649 9.191   1.00 27.33 ? 105 ASN A CG    1 
ATOM   813  O OD1   . ASN A 1 105 ? -3.057  -11.836 9.206   1.00 33.04 ? 105 ASN A OD1   1 
ATOM   814  N ND2   . ASN A 1 105 ? -3.458  -9.714  8.603   1.00 27.70 ? 105 ASN A ND2   1 
ATOM   815  N N     . LYS A 1 106 ? 1.311   -8.663  10.283  1.00 21.92 ? 106 LYS A N     1 
ATOM   816  C CA    . LYS A 1 106 ? 2.286   -8.039  11.167  1.00 22.14 ? 106 LYS A CA    1 
ATOM   817  C C     . LYS A 1 106 ? 2.516   -6.611  10.680  1.00 21.48 ? 106 LYS A C     1 
ATOM   818  O O     . LYS A 1 106 ? 2.672   -5.685  11.481  1.00 21.50 ? 106 LYS A O     1 
ATOM   819  C CB    . LYS A 1 106 ? 3.610   -8.810  11.151  1.00 22.96 ? 106 LYS A CB    1 
ATOM   820  C CG    . LYS A 1 106 ? 3.554   -10.159 11.855  1.00 27.05 ? 106 LYS A CG    1 
ATOM   821  C CD    . LYS A 1 106 ? 4.952   -10.774 11.953  1.00 30.75 ? 106 LYS A CD    1 
ATOM   822  C CE    . LYS A 1 106 ? 4.921   -12.116 12.662  1.00 34.83 ? 106 LYS A CE    1 
ATOM   823  N NZ    . LYS A 1 106 ? 4.025   -13.055 11.945  1.00 39.15 ? 106 LYS A NZ    1 
ATOM   824  N N     . GLY A 1 107 ? 2.532   -6.447  9.358   1.00 21.42 ? 107 GLY A N     1 
ATOM   825  C CA    . GLY A 1 107 ? 2.737   -5.134  8.769   1.00 22.13 ? 107 GLY A CA    1 
ATOM   826  C C     . GLY A 1 107 ? 1.605   -4.187  9.122   1.00 22.13 ? 107 GLY A C     1 
ATOM   827  O O     . GLY A 1 107 ? 1.828   -2.996  9.363   1.00 21.96 ? 107 GLY A O     1 
ATOM   828  N N     . ILE A 1 108 ? 0.384   -4.710  9.140   1.00 21.83 ? 108 ILE A N     1 
ATOM   829  C CA    . ILE A 1 108 ? -0.785  -3.906  9.490   1.00 23.43 ? 108 ILE A CA    1 
ATOM   830  C C     . ILE A 1 108 ? -0.670  -3.392  10.926  1.00 23.74 ? 108 ILE A C     1 
ATOM   831  O O     . ILE A 1 108 ? -1.018  -2.240  11.220  1.00 24.52 ? 108 ILE A O     1 
ATOM   832  C CB    . ILE A 1 108 ? -2.086  -4.739  9.343   1.00 23.49 ? 108 ILE A CB    1 
ATOM   833  C CG1   . ILE A 1 108 ? -2.504  -4.791  7.869   1.00 25.39 ? 108 ILE A CG1   1 
ATOM   834  C CG2   . ILE A 1 108 ? -3.193  -4.158  10.223  1.00 24.66 ? 108 ILE A CG2   1 
ATOM   835  C CD1   . ILE A 1 108 ? -2.913  -3.440  7.295   1.00 26.98 ? 108 ILE A CD1   1 
ATOM   836  N N     . GLU A 1 109 ? -0.190  -4.244  11.826  1.00 25.28 ? 109 GLU A N     1 
ATOM   837  C CA    . GLU A 1 109 ? -0.041  -3.839  13.218  1.00 26.17 ? 109 GLU A CA    1 
ATOM   838  C C     . GLU A 1 109 ? 0.988   -2.720  13.340  1.00 25.88 ? 109 GLU A C     1 
ATOM   839  O O     . GLU A 1 109 ? 0.818   -1.796  14.139  1.00 25.47 ? 109 GLU A O     1 
ATOM   840  C CB    . GLU A 1 109 ? 0.360   -5.032  14.090  1.00 27.50 ? 109 GLU A CB    1 
ATOM   841  C CG    . GLU A 1 109 ? -0.774  -6.036  14.280  1.00 31.63 ? 109 GLU A CG    1 
ATOM   842  C CD    . GLU A 1 109 ? -2.060  -5.372  14.751  1.00 33.59 ? 109 GLU A CD    1 
ATOM   843  O OE1   . GLU A 1 109 ? -2.020  -4.652  15.771  1.00 35.56 ? 109 GLU A OE1   1 
ATOM   844  O OE2   . GLU A 1 109 ? -3.110  -5.572  14.104  1.00 34.68 ? 109 GLU A OE2   1 
ATOM   845  N N     . ILE A 1 110 ? 2.051   -2.804  12.548  1.00 25.05 ? 110 ILE A N     1 
ATOM   846  C CA    . ILE A 1 110 ? 3.089   -1.779  12.567  1.00 23.77 ? 110 ILE A CA    1 
ATOM   847  C C     . ILE A 1 110 ? 2.488   -0.476  12.044  1.00 24.97 ? 110 ILE A C     1 
ATOM   848  O O     . ILE A 1 110 ? 2.733   0.605   12.585  1.00 24.70 ? 110 ILE A O     1 
ATOM   849  C CB    . ILE A 1 110 ? 4.295   -2.203  11.689  1.00 24.83 ? 110 ILE A CB    1 
ATOM   850  C CG1   . ILE A 1 110 ? 5.066   -3.331  12.387  1.00 25.57 ? 110 ILE A CG1   1 
ATOM   851  C CG2   . ILE A 1 110 ? 5.212   -1.014  11.434  1.00 23.82 ? 110 ILE A CG2   1 
ATOM   852  C CD1   . ILE A 1 110 ? 6.223   -3.908  11.576  1.00 26.90 ? 110 ILE A CD1   1 
ATOM   853  N N     . TYR A 1 111 ? 1.672   -0.590  11.002  1.00 23.06 ? 111 TYR A N     1 
ATOM   854  C CA    . TYR A 1 111 ? 1.025   0.573   10.410  1.00 25.91 ? 111 TYR A CA    1 
ATOM   855  C C     . TYR A 1 111 ? 0.043   1.171   11.423  1.00 25.02 ? 111 TYR A C     1 
ATOM   856  O O     . TYR A 1 111 ? -0.010  2.387   11.628  1.00 23.06 ? 111 TYR A O     1 
ATOM   857  C CB    . TYR A 1 111 ? 0.273   0.147   9.149   1.00 27.70 ? 111 TYR A CB    1 
ATOM   858  C CG    . TYR A 1 111 ? -0.130  1.285   8.241   1.00 30.41 ? 111 TYR A CG    1 
ATOM   859  C CD1   . TYR A 1 111 ? 0.726   1.739   7.242   1.00 31.47 ? 111 TYR A CD1   1 
ATOM   860  C CD2   . TYR A 1 111 ? -1.375  1.900   8.371   1.00 33.31 ? 111 TYR A CD2   1 
ATOM   861  C CE1   . TYR A 1 111 ? 0.353   2.775   6.388   1.00 33.18 ? 111 TYR A CE1   1 
ATOM   862  C CE2   . TYR A 1 111 ? -1.760  2.939   7.526   1.00 34.12 ? 111 TYR A CE2   1 
ATOM   863  C CZ    . TYR A 1 111 ? -0.889  3.370   6.535   1.00 34.91 ? 111 TYR A CZ    1 
ATOM   864  O OH    . TYR A 1 111 ? -1.264  4.383   5.681   1.00 35.31 ? 111 TYR A OH    1 
ATOM   865  N N     . LYS A 1 112 ? -0.722  0.296   12.065  1.00 25.34 ? 112 LYS A N     1 
ATOM   866  C CA    . LYS A 1 112 ? -1.714  0.706   13.050  1.00 26.14 ? 112 LYS A CA    1 
ATOM   867  C C     . LYS A 1 112 ? -1.064  1.491   14.182  1.00 26.30 ? 112 LYS A C     1 
ATOM   868  O O     . LYS A 1 112 ? -1.520  2.575   14.539  1.00 25.87 ? 112 LYS A O     1 
ATOM   869  C CB    . LYS A 1 112 ? -2.427  -0.533  13.601  1.00 27.11 ? 112 LYS A CB    1 
ATOM   870  C CG    . LYS A 1 112 ? -3.665  -0.244  14.437  1.00 33.11 ? 112 LYS A CG    1 
ATOM   871  C CD    . LYS A 1 112 ? -4.428  -1.527  14.749  1.00 36.17 ? 112 LYS A CD    1 
ATOM   872  C CE    . LYS A 1 112 ? -4.944  -2.191  13.477  1.00 38.73 ? 112 LYS A CE    1 
ATOM   873  N NZ    . LYS A 1 112 ? -5.747  -3.413  13.761  1.00 40.76 ? 112 LYS A NZ    1 
ATOM   874  N N     . LYS A 1 113 ? 0.017   0.948   14.731  1.00 26.24 ? 113 LYS A N     1 
ATOM   875  C CA    . LYS A 1 113 ? 0.729   1.591   15.828  1.00 27.11 ? 113 LYS A CA    1 
ATOM   876  C C     . LYS A 1 113 ? 1.250   2.968   15.434  1.00 25.74 ? 113 LYS A C     1 
ATOM   877  O O     . LYS A 1 113 ? 1.140   3.929   16.200  1.00 25.55 ? 113 LYS A O     1 
ATOM   878  C CB    . LYS A 1 113 ? 1.892   0.708   16.275  1.00 29.30 ? 113 LYS A CB    1 
ATOM   879  C CG    . LYS A 1 113 ? 2.562   1.154   17.566  1.00 35.91 ? 113 LYS A CG    1 
ATOM   880  C CD    . LYS A 1 113 ? 3.718   0.225   17.905  1.00 40.17 ? 113 LYS A CD    1 
ATOM   881  C CE    . LYS A 1 113 ? 3.241   -1.216  18.027  1.00 41.47 ? 113 LYS A CE    1 
ATOM   882  N NZ    . LYS A 1 113 ? 4.373   -2.181  18.072  1.00 45.00 ? 113 LYS A NZ    1 
ATOM   883  N N     . LEU A 1 114 ? 1.826   3.068   14.242  1.00 23.10 ? 114 LEU A N     1 
ATOM   884  C CA    . LEU A 1 114 ? 2.359   4.341   13.773  1.00 24.04 ? 114 LEU A CA    1 
ATOM   885  C C     . LEU A 1 114 ? 1.224   5.340   13.566  1.00 23.89 ? 114 LEU A C     1 
ATOM   886  O O     . LEU A 1 114 ? 1.332   6.499   13.964  1.00 24.69 ? 114 LEU A O     1 
ATOM   887  C CB    . LEU A 1 114 ? 3.138   4.146   12.466  1.00 23.34 ? 114 LEU A CB    1 
ATOM   888  C CG    . LEU A 1 114 ? 3.813   5.394   11.880  1.00 23.32 ? 114 LEU A CG    1 
ATOM   889  C CD1   . LEU A 1 114 ? 4.745   6.030   12.916  1.00 23.66 ? 114 LEU A CD1   1 
ATOM   890  C CD2   . LEU A 1 114 ? 4.595   5.014   10.624  1.00 24.10 ? 114 LEU A CD2   1 
ATOM   891  N N     . ALA A 1 115 ? 0.130   4.884   12.957  1.00 23.35 ? 115 ALA A N     1 
ATOM   892  C CA    . ALA A 1 115 ? -1.012  5.756   12.705  1.00 24.50 ? 115 ALA A CA    1 
ATOM   893  C C     . ALA A 1 115 ? -1.556  6.330   14.009  1.00 25.86 ? 115 ALA A C     1 
ATOM   894  O O     . ALA A 1 115 ? -1.896  7.512   14.085  1.00 25.79 ? 115 ALA A O     1 
ATOM   895  C CB    . ALA A 1 115 ? -2.110  4.995   11.963  1.00 24.07 ? 115 ALA A CB    1 
ATOM   896  N N     . ASN A 1 116 ? -1.632  5.490   15.039  1.00 27.83 ? 116 ASN A N     1 
ATOM   897  C CA    . ASN A 1 116 ? -2.130  5.927   16.343  1.00 28.66 ? 116 ASN A CA    1 
ATOM   898  C C     . ASN A 1 116 ? -1.226  6.996   16.953  1.00 28.99 ? 116 ASN A C     1 
ATOM   899  O O     . ASN A 1 116 ? -1.707  7.944   17.578  1.00 29.97 ? 116 ASN A O     1 
ATOM   900  C CB    . ASN A 1 116 ? -2.246  4.726   17.290  1.00 30.39 ? 116 ASN A CB    1 
ATOM   901  C CG    . ASN A 1 116 ? -3.376  3.785   16.901  1.00 33.11 ? 116 ASN A CG    1 
ATOM   902  O OD1   . ASN A 1 116 ? -3.534  2.704   17.476  1.00 36.94 ? 116 ASN A OD1   1 
ATOM   903  N ND2   . ASN A 1 116 ? -4.168  4.192   15.918  1.00 34.96 ? 116 ASN A ND2   1 
ATOM   904  N N     . GLU A 1 117 ? 0.080   6.844   16.764  1.00 28.08 ? 117 GLU A N     1 
ATOM   905  C CA    . GLU A 1 117 ? 1.052   7.800   17.279  1.00 29.00 ? 117 GLU A CA    1 
ATOM   906  C C     . GLU A 1 117 ? 0.914   9.176   16.617  1.00 29.25 ? 117 GLU A C     1 
ATOM   907  O O     . GLU A 1 117 ? 0.793   10.196  17.301  1.00 28.02 ? 117 GLU A O     1 
ATOM   908  C CB    . GLU A 1 117 ? 2.481   7.291   17.046  1.00 31.34 ? 117 GLU A CB    1 
ATOM   909  C CG    . GLU A 1 117 ? 2.931   6.135   17.931  1.00 35.75 ? 117 GLU A CG    1 
ATOM   910  C CD    . GLU A 1 117 ? 4.331   5.646   17.568  1.00 38.37 ? 117 GLU A CD    1 
ATOM   911  O OE1   . GLU A 1 117 ? 5.245   6.489   17.436  1.00 39.26 ? 117 GLU A OE1   1 
ATOM   912  O OE2   . GLU A 1 117 ? 4.517   4.419   17.424  1.00 37.36 ? 117 GLU A OE2   1 
ATOM   913  N N     . VAL A 1 118 ? 0.922   9.197   15.289  1.00 27.37 ? 118 VAL A N     1 
ATOM   914  C CA    . VAL A 1 118 ? 0.850   10.454  14.542  1.00 28.62 ? 118 VAL A CA    1 
ATOM   915  C C     . VAL A 1 118 ? -0.481  11.199  14.613  1.00 27.66 ? 118 VAL A C     1 
ATOM   916  O O     . VAL A 1 118 ? -0.516  12.421  14.465  1.00 28.61 ? 118 VAL A O     1 
ATOM   917  C CB    . VAL A 1 118 ? 1.211   10.234  13.056  1.00 29.03 ? 118 VAL A CB    1 
ATOM   918  C CG1   . VAL A 1 118 ? 2.480   9.396   12.960  1.00 31.44 ? 118 VAL A CG1   1 
ATOM   919  C CG2   . VAL A 1 118 ? 0.068   9.556   12.318  1.00 31.29 ? 118 VAL A CG2   1 
ATOM   920  N N     . THR A 1 119 ? -1.577  10.478  14.828  1.00 26.91 ? 119 THR A N     1 
ATOM   921  C CA    . THR A 1 119 ? -2.889  11.119  14.929  1.00 27.27 ? 119 THR A CA    1 
ATOM   922  C C     . THR A 1 119 ? -3.238  11.315  16.400  1.00 26.88 ? 119 THR A C     1 
ATOM   923  O O     . THR A 1 119 ? -4.364  11.658  16.735  1.00 26.90 ? 119 THR A O     1 
ATOM   924  C CB    . THR A 1 119 ? -4.002  10.266  14.296  1.00 27.10 ? 119 THR A CB    1 
ATOM   925  O OG1   . THR A 1 119 ? -4.055  8.987   14.948  1.00 26.64 ? 119 THR A OG1   1 
ATOM   926  C CG2   . THR A 1 119 ? -3.743  10.080  12.807  1.00 29.48 ? 119 THR A CG2   1 
ATOM   927  N N     . GLY A 1 120 ? -2.249  11.108  17.267  1.00 28.28 ? 120 GLY A N     1 
ATOM   928  C CA    . GLY A 1 120 ? -2.451  11.227  18.703  1.00 30.73 ? 120 GLY A CA    1 
ATOM   929  C C     . GLY A 1 120 ? -3.055  12.501  19.269  1.00 32.36 ? 120 GLY A C     1 
ATOM   930  O O     . GLY A 1 120 ? -3.658  12.464  20.346  1.00 32.06 ? 120 GLY A O     1 
ATOM   931  N N     . ASP A 1 121 ? -2.898  13.622  18.572  1.00 31.44 ? 121 ASP A N     1 
ATOM   932  C CA    . ASP A 1 121 ? -3.439  14.895  19.045  1.00 34.02 ? 121 ASP A CA    1 
ATOM   933  C C     . ASP A 1 121 ? -4.894  15.079  18.637  1.00 34.58 ? 121 ASP A C     1 
ATOM   934  O O     . ASP A 1 121 ? -5.527  16.069  19.006  1.00 34.46 ? 121 ASP A O     1 
ATOM   935  C CB    . ASP A 1 121 ? -2.623  16.062  18.481  1.00 34.37 ? 121 ASP A CB    1 
ATOM   936  C CG    . ASP A 1 121 ? -1.160  15.989  18.855  1.00 37.96 ? 121 ASP A CG    1 
ATOM   937  O OD1   . ASP A 1 121 ? -0.851  15.956  20.067  1.00 38.34 ? 121 ASP A OD1   1 
ATOM   938  O OD2   . ASP A 1 121 ? -0.317  15.972  17.935  1.00 37.27 ? 121 ASP A OD2   1 
ATOM   939  N N     . LEU A 1 122 ? -5.421  14.127  17.873  1.00 33.55 ? 122 LEU A N     1 
ATOM   940  C CA    . LEU A 1 122 ? -6.794  14.212  17.394  1.00 34.44 ? 122 LEU A CA    1 
ATOM   941  C C     . LEU A 1 122 ? -7.748  13.261  18.106  1.00 35.77 ? 122 LEU A C     1 
ATOM   942  O O     . LEU A 1 122 ? -7.472  12.068  18.244  1.00 35.61 ? 122 LEU A O     1 
ATOM   943  C CB    . LEU A 1 122 ? -6.844  13.927  15.891  1.00 33.07 ? 122 LEU A CB    1 
ATOM   944  C CG    . LEU A 1 122 ? -5.949  14.773  14.982  1.00 32.31 ? 122 LEU A CG    1 
ATOM   945  C CD1   . LEU A 1 122 ? -6.217  14.387  13.532  1.00 30.15 ? 122 LEU A CD1   1 
ATOM   946  C CD2   . LEU A 1 122 ? -6.218  16.252  15.197  1.00 31.95 ? 122 LEU A CD2   1 
ATOM   947  N N     . SER A 1 123 ? -8.874  13.801  18.555  1.00 36.39 ? 123 SER A N     1 
ATOM   948  C CA    . SER A 1 123 ? -9.879  13.000  19.232  1.00 37.32 ? 123 SER A CA    1 
ATOM   949  C C     . SER A 1 123 ? -10.510 12.082  18.196  1.00 37.86 ? 123 SER A C     1 
ATOM   950  O O     . SER A 1 123 ? -10.313 12.261  16.990  1.00 36.40 ? 123 SER A O     1 
ATOM   951  C CB    . SER A 1 123 ? -10.959 13.895  19.834  1.00 37.20 ? 123 SER A CB    1 
ATOM   952  O OG    . SER A 1 123 ? -11.719 14.502  18.806  1.00 39.86 ? 123 SER A OG    1 
ATOM   953  N N     . GLU A 1 124 ? -11.273 11.105  18.671  1.00 38.09 ? 124 GLU A N     1 
ATOM   954  C CA    . GLU A 1 124 ? -11.931 10.168  17.776  1.00 39.33 ? 124 GLU A CA    1 
ATOM   955  C C     . GLU A 1 124 ? -12.841 10.928  16.804  1.00 39.01 ? 124 GLU A C     1 
ATOM   956  O O     . GLU A 1 124 ? -12.868 10.634  15.605  1.00 39.41 ? 124 GLU A O     1 
ATOM   957  C CB    . GLU A 1 124 ? -12.743 9.153   18.587  1.00 41.39 ? 124 GLU A CB    1 
ATOM   958  C CG    . GLU A 1 124 ? -12.724 7.740   18.020  1.00 45.64 ? 124 GLU A CG    1 
ATOM   959  C CD    . GLU A 1 124 ? -11.320 7.154   17.946  1.00 46.94 ? 124 GLU A CD    1 
ATOM   960  O OE1   . GLU A 1 124 ? -10.613 7.168   18.976  1.00 47.74 ? 124 GLU A OE1   1 
ATOM   961  O OE2   . GLU A 1 124 ? -10.924 6.675   16.862  1.00 49.12 ? 124 GLU A OE2   1 
ATOM   962  N N     . ASP A 1 125 ? -13.575 11.914  17.320  1.00 38.10 ? 125 ASP A N     1 
ATOM   963  C CA    . ASP A 1 125 ? -14.477 12.702  16.484  1.00 38.31 ? 125 ASP A CA    1 
ATOM   964  C C     . ASP A 1 125 ? -13.712 13.521  15.459  1.00 36.34 ? 125 ASP A C     1 
ATOM   965  O O     . ASP A 1 125 ? -14.162 13.685  14.327  1.00 34.77 ? 125 ASP A O     1 
ATOM   966  C CB    . ASP A 1 125 ? -15.327 13.655  17.330  1.00 40.88 ? 125 ASP A CB    1 
ATOM   967  C CG    . ASP A 1 125 ? -16.249 12.928  18.281  1.00 44.05 ? 125 ASP A CG    1 
ATOM   968  O OD1   . ASP A 1 125 ? -16.765 11.854  17.908  1.00 45.49 ? 125 ASP A OD1   1 
ATOM   969  O OD2   . ASP A 1 125 ? -16.468 13.443  19.397  1.00 45.32 ? 125 ASP A OD2   1 
ATOM   970  N N     . GLU A 1 126 ? -12.564 14.051  15.863  1.00 35.17 ? 126 GLU A N     1 
ATOM   971  C CA    . GLU A 1 126 ? -11.756 14.848  14.951  1.00 35.22 ? 126 GLU A CA    1 
ATOM   972  C C     . GLU A 1 126 ? -11.254 13.957  13.830  1.00 34.39 ? 126 GLU A C     1 
ATOM   973  O O     . GLU A 1 126 ? -11.236 14.354  12.664  1.00 34.51 ? 126 GLU A O     1 
ATOM   974  C CB    . GLU A 1 126 ? -10.573 15.471  15.687  1.00 36.42 ? 126 GLU A CB    1 
ATOM   975  C CG    . GLU A 1 126 ? -10.950 16.652  16.561  1.00 37.60 ? 126 GLU A CG    1 
ATOM   976  C CD    . GLU A 1 126 ? -9.738  17.275  17.212  1.00 39.59 ? 126 GLU A CD    1 
ATOM   977  O OE1   . GLU A 1 126 ? -9.120  16.608  18.068  1.00 38.77 ? 126 GLU A OE1   1 
ATOM   978  O OE2   . GLU A 1 126 ? -9.400  18.425  16.857  1.00 40.05 ? 126 GLU A OE2   1 
ATOM   979  N N     . VAL A 1 127 ? -10.844 12.746  14.198  1.00 33.73 ? 127 VAL A N     1 
ATOM   980  C CA    . VAL A 1 127 ? -10.348 11.775  13.232  1.00 33.74 ? 127 VAL A CA    1 
ATOM   981  C C     . VAL A 1 127 ? -11.437 11.546  12.191  1.00 32.45 ? 127 VAL A C     1 
ATOM   982  O O     . VAL A 1 127 ? -11.186 11.626  10.992  1.00 30.99 ? 127 VAL A O     1 
ATOM   983  C CB    . VAL A 1 127 ? -9.999  10.434  13.924  1.00 32.57 ? 127 VAL A CB    1 
ATOM   984  C CG1   . VAL A 1 127 ? -9.697  9.366   12.886  1.00 33.77 ? 127 VAL A CG1   1 
ATOM   985  C CG2   . VAL A 1 127 ? -8.798  10.625  14.840  1.00 34.56 ? 127 VAL A CG2   1 
ATOM   986  N N     . ILE A 1 128 ? -12.647 11.280  12.665  1.00 32.70 ? 128 ILE A N     1 
ATOM   987  C CA    . ILE A 1 128 ? -13.791 11.047  11.792  1.00 33.08 ? 128 ILE A CA    1 
ATOM   988  C C     . ILE A 1 128 ? -14.072 12.229  10.872  1.00 32.85 ? 128 ILE A C     1 
ATOM   989  O O     . ILE A 1 128 ? -14.333 12.045  9.681   1.00 32.46 ? 128 ILE A O     1 
ATOM   990  C CB    . ILE A 1 128 ? -15.055 10.755  12.622  1.00 35.78 ? 128 ILE A CB    1 
ATOM   991  C CG1   . ILE A 1 128 ? -14.917 9.395   13.313  1.00 38.48 ? 128 ILE A CG1   1 
ATOM   992  C CG2   . ILE A 1 128 ? -16.288 10.782  11.732  1.00 36.97 ? 128 ILE A CG2   1 
ATOM   993  C CD1   . ILE A 1 128 ? -14.724 8.236   12.352  1.00 39.95 ? 128 ILE A CD1   1 
ATOM   994  N N     . LEU A 1 129 ? -14.019 13.436  11.418  1.00 32.31 ? 129 LEU A N     1 
ATOM   995  C CA    . LEU A 1 129 ? -14.278 14.627  10.618  1.00 33.70 ? 129 LEU A CA    1 
ATOM   996  C C     . LEU A 1 129 ? -13.297 14.715  9.451   1.00 31.55 ? 129 LEU A C     1 
ATOM   997  O O     . LEU A 1 129 ? -13.696 14.932  8.307   1.00 31.79 ? 129 LEU A O     1 
ATOM   998  C CB    . LEU A 1 129 ? -14.178 15.883  11.488  1.00 35.29 ? 129 LEU A CB    1 
ATOM   999  C CG    . LEU A 1 129 ? -14.674 17.185  10.848  1.00 39.69 ? 129 LEU A CG    1 
ATOM   1000 C CD1   . LEU A 1 129 ? -16.101 17.014  10.344  1.00 41.60 ? 129 LEU A CD1   1 
ATOM   1001 C CD2   . LEU A 1 129 ? -14.620 18.310  11.876  1.00 41.41 ? 129 LEU A CD2   1 
ATOM   1002 N N     . VAL A 1 130 ? -12.013 14.533  9.740   1.00 30.65 ? 130 VAL A N     1 
ATOM   1003 C CA    . VAL A 1 130 ? -10.996 14.592  8.698   1.00 30.90 ? 130 VAL A CA    1 
ATOM   1004 C C     . VAL A 1 130 ? -11.190 13.482  7.663   1.00 30.60 ? 130 VAL A C     1 
ATOM   1005 O O     . VAL A 1 130 ? -11.228 13.741  6.458   1.00 28.66 ? 130 VAL A O     1 
ATOM   1006 C CB    . VAL A 1 130 ? -9.578  14.480  9.302   1.00 31.40 ? 130 VAL A CB    1 
ATOM   1007 C CG1   . VAL A 1 130 ? -8.535  14.432  8.194   1.00 32.28 ? 130 VAL A CG1   1 
ATOM   1008 C CG2   . VAL A 1 130 ? -9.308  15.669  10.217  1.00 33.20 ? 130 VAL A CG2   1 
ATOM   1009 N N     . LEU A 1 131 ? -11.329 12.246  8.134   1.00 29.41 ? 131 LEU A N     1 
ATOM   1010 C CA    . LEU A 1 131 ? -11.503 11.108  7.233   1.00 31.06 ? 131 LEU A CA    1 
ATOM   1011 C C     . LEU A 1 131 ? -12.639 11.274  6.228   1.00 30.94 ? 131 LEU A C     1 
ATOM   1012 O O     . LEU A 1 131 ? -12.443 11.074  5.030   1.00 30.29 ? 131 LEU A O     1 
ATOM   1013 C CB    . LEU A 1 131 ? -11.714 9.820   8.040   1.00 29.96 ? 131 LEU A CB    1 
ATOM   1014 C CG    . LEU A 1 131 ? -11.952 8.526   7.252   1.00 32.66 ? 131 LEU A CG    1 
ATOM   1015 C CD1   . LEU A 1 131 ? -10.838 8.309   6.231   1.00 30.84 ? 131 LEU A CD1   1 
ATOM   1016 C CD2   . LEU A 1 131 ? -12.015 7.350   8.223   1.00 32.98 ? 131 LEU A CD2   1 
ATOM   1017 N N     . ASP A 1 132 ? -13.828 11.637  6.701   1.00 31.69 ? 132 ASP A N     1 
ATOM   1018 C CA    . ASP A 1 132 ? -14.956 11.798  5.793   1.00 31.02 ? 132 ASP A CA    1 
ATOM   1019 C C     . ASP A 1 132 ? -14.713 12.878  4.731   1.00 30.77 ? 132 ASP A C     1 
ATOM   1020 O O     . ASP A 1 132 ? -15.091 12.712  3.568   1.00 31.60 ? 132 ASP A O     1 
ATOM   1021 C CB    . ASP A 1 132 ? -16.242 12.108  6.576   1.00 33.29 ? 132 ASP A CB    1 
ATOM   1022 C CG    . ASP A 1 132 ? -16.660 10.967  7.501   1.00 33.76 ? 132 ASP A CG    1 
ATOM   1023 O OD1   . ASP A 1 132 ? -16.314 9.801   7.221   1.00 34.58 ? 132 ASP A OD1   1 
ATOM   1024 O OD2   . ASP A 1 132 ? -17.355 11.235  8.502   1.00 34.85 ? 132 ASP A OD2   1 
ATOM   1025 N N     . LYS A 1 133 ? -14.062 13.970  5.118   1.00 28.75 ? 133 LYS A N     1 
ATOM   1026 C CA    . LYS A 1 133 ? -13.797 15.058  4.178   1.00 28.32 ? 133 LYS A CA    1 
ATOM   1027 C C     . LYS A 1 133 ? -12.680 14.769  3.172   1.00 26.29 ? 133 LYS A C     1 
ATOM   1028 O O     . LYS A 1 133 ? -12.820 15.095  1.997   1.00 25.63 ? 133 LYS A O     1 
ATOM   1029 C CB    . LYS A 1 133 ? -13.503 16.359  4.938   1.00 29.62 ? 133 LYS A CB    1 
ATOM   1030 C CG    . LYS A 1 133 ? -14.644 16.778  5.870   1.00 32.54 ? 133 LYS A CG    1 
ATOM   1031 C CD    . LYS A 1 133 ? -14.449 18.174  6.433   1.00 35.51 ? 133 LYS A CD    1 
ATOM   1032 C CE    . LYS A 1 133 ? -15.503 18.485  7.488   1.00 37.29 ? 133 LYS A CE    1 
ATOM   1033 N NZ    . LYS A 1 133 ? -16.885 18.213  6.996   1.00 37.92 ? 133 LYS A NZ    1 
ATOM   1034 N N     . ILE A 1 134 ? -11.574 14.165  3.604   1.00 23.90 ? 134 ILE A N     1 
ATOM   1035 C CA    . ILE A 1 134 ? -10.511 13.882  2.640   1.00 24.52 ? 134 ILE A CA    1 
ATOM   1036 C C     . ILE A 1 134 ? -10.903 12.748  1.696   1.00 25.06 ? 134 ILE A C     1 
ATOM   1037 O O     . ILE A 1 134 ? -10.348 12.617  0.606   1.00 23.69 ? 134 ILE A O     1 
ATOM   1038 C CB    . ILE A 1 134 ? -9.141  13.577  3.325   1.00 24.01 ? 134 ILE A CB    1 
ATOM   1039 C CG1   . ILE A 1 134 ? -9.222  12.328  4.197   1.00 25.03 ? 134 ILE A CG1   1 
ATOM   1040 C CG2   . ILE A 1 134 ? -8.715  14.771  4.169   1.00 25.56 ? 134 ILE A CG2   1 
ATOM   1041 C CD1   . ILE A 1 134 ? -7.850  11.881  4.689   1.00 26.80 ? 134 ILE A CD1   1 
ATOM   1042 N N     . SER A 1 135 ? -11.873 11.930  2.100   1.00 25.69 ? 135 SER A N     1 
ATOM   1043 C CA    . SER A 1 135 ? -12.333 10.854  1.230   1.00 25.71 ? 135 SER A CA    1 
ATOM   1044 C C     . SER A 1 135 ? -12.947 11.477  -0.025  1.00 24.98 ? 135 SER A C     1 
ATOM   1045 O O     . SER A 1 135 ? -12.924 10.879  -1.098  1.00 24.27 ? 135 SER A O     1 
ATOM   1046 C CB    . SER A 1 135 ? -13.381 9.988   1.938   1.00 27.86 ? 135 SER A CB    1 
ATOM   1047 O OG    . SER A 1 135 ? -12.835 9.354   3.081   1.00 30.08 ? 135 SER A OG    1 
ATOM   1048 N N     . LYS A 1 136 ? -13.506 12.677  0.119   1.00 25.40 ? 136 LYS A N     1 
ATOM   1049 C CA    . LYS A 1 136 ? -14.104 13.372  -1.016  1.00 25.57 ? 136 LYS A CA    1 
ATOM   1050 C C     . LYS A 1 136 ? -12.987 13.848  -1.946  1.00 24.48 ? 136 LYS A C     1 
ATOM   1051 O O     . LYS A 1 136 ? -13.095 13.748  -3.173  1.00 22.94 ? 136 LYS A O     1 
ATOM   1052 C CB    . LYS A 1 136 ? -14.940 14.561  -0.537  1.00 26.93 ? 136 LYS A CB    1 
ATOM   1053 C CG    . LYS A 1 136 ? -16.160 14.162  0.293   1.00 29.86 ? 136 LYS A CG    1 
ATOM   1054 C CD    . LYS A 1 136 ? -17.081 15.348  0.567   1.00 31.12 ? 136 LYS A CD    1 
ATOM   1055 C CE    . LYS A 1 136 ? -18.265 14.939  1.440   1.00 33.55 ? 136 LYS A CE    1 
ATOM   1056 N NZ    . LYS A 1 136 ? -19.241 16.051  1.643   1.00 33.34 ? 136 LYS A NZ    1 
ATOM   1057 N N     . ILE A 1 137 ? -11.913 14.363  -1.353  1.00 23.18 ? 137 ILE A N     1 
ATOM   1058 C CA    . ILE A 1 137 ? -10.761 14.821  -2.119  1.00 23.01 ? 137 ILE A CA    1 
ATOM   1059 C C     . ILE A 1 137 ? -10.215 13.653  -2.942  1.00 22.63 ? 137 ILE A C     1 
ATOM   1060 O O     . ILE A 1 137 ? -9.919  13.805  -4.129  1.00 21.90 ? 137 ILE A O     1 
ATOM   1061 C CB    . ILE A 1 137 ? -9.648  15.352  -1.184  1.00 23.67 ? 137 ILE A CB    1 
ATOM   1062 C CG1   . ILE A 1 137 ? -10.123 16.627  -0.487  1.00 24.19 ? 137 ILE A CG1   1 
ATOM   1063 C CG2   . ILE A 1 137 ? -8.385  15.639  -1.980  1.00 25.36 ? 137 ILE A CG2   1 
ATOM   1064 C CD1   . ILE A 1 137 ? -9.145  17.181  0.538   1.00 23.05 ? 137 ILE A CD1   1 
ATOM   1065 N N     . LEU A 1 138 ? -10.102 12.484  -2.314  1.00 23.19 ? 138 LEU A N     1 
ATOM   1066 C CA    . LEU A 1 138 ? -9.597  11.298  -3.002  1.00 23.48 ? 138 LEU A CA    1 
ATOM   1067 C C     . LEU A 1 138 ? -10.474 10.926  -4.193  1.00 23.59 ? 138 LEU A C     1 
ATOM   1068 O O     . LEU A 1 138 ? -9.971  10.647  -5.279  1.00 22.53 ? 138 LEU A O     1 
ATOM   1069 C CB    . LEU A 1 138 ? -9.510  10.106  -2.043  1.00 22.83 ? 138 LEU A CB    1 
ATOM   1070 C CG    . LEU A 1 138 ? -9.039  8.801   -2.697  1.00 23.00 ? 138 LEU A CG    1 
ATOM   1071 C CD1   . LEU A 1 138 ? -7.667  9.010   -3.332  1.00 22.77 ? 138 LEU A CD1   1 
ATOM   1072 C CD2   . LEU A 1 138 ? -8.985  7.682   -1.663  1.00 25.51 ? 138 LEU A CD2   1 
ATOM   1073 N N     . LYS A 1 139 ? -11.790 10.917  -3.990  1.00 23.31 ? 139 LYS A N     1 
ATOM   1074 C CA    . LYS A 1 139 ? -12.702 10.571  -5.070  1.00 23.96 ? 139 LYS A CA    1 
ATOM   1075 C C     . LYS A 1 139 ? -12.482 11.490  -6.274  1.00 24.30 ? 139 LYS A C     1 
ATOM   1076 O O     . LYS A 1 139 ? -12.386 11.028  -7.413  1.00 22.62 ? 139 LYS A O     1 
ATOM   1077 C CB    . LYS A 1 139 ? -14.157 10.658  -4.594  1.00 26.36 ? 139 LYS A CB    1 
ATOM   1078 C CG    . LYS A 1 139 ? -15.175 10.292  -5.672  1.00 30.60 ? 139 LYS A CG    1 
ATOM   1079 C CD    . LYS A 1 139 ? -16.582 10.133  -5.102  1.00 33.75 ? 139 LYS A CD    1 
ATOM   1080 C CE    . LYS A 1 139 ? -17.603 9.845   -6.202  1.00 34.82 ? 139 LYS A CE    1 
ATOM   1081 N NZ    . LYS A 1 139 ? -17.705 10.968  -7.169  1.00 36.29 ? 139 LYS A NZ    1 
ATOM   1082 N N     . ARG A 1 140 ? -12.366 12.788  -6.008  1.00 23.28 ? 140 ARG A N     1 
ATOM   1083 C CA    . ARG A 1 140 ? -12.166 13.769  -7.069  1.00 24.43 ? 140 ARG A CA    1 
ATOM   1084 C C     . ARG A 1 140 ? -10.841 13.650  -7.820  1.00 23.39 ? 140 ARG A C     1 
ATOM   1085 O O     . ARG A 1 140 ? -10.822 13.675  -9.051  1.00 24.07 ? 140 ARG A O     1 
ATOM   1086 C CB    . ARG A 1 140 ? -12.302 15.185  -6.506  1.00 26.68 ? 140 ARG A CB    1 
ATOM   1087 C CG    . ARG A 1 140 ? -13.706 15.522  -6.025  1.00 30.12 ? 140 ARG A CG    1 
ATOM   1088 C CD    . ARG A 1 140 ? -14.732 15.251  -7.115  1.00 33.78 ? 140 ARG A CD    1 
ATOM   1089 N NE    . ARG A 1 140 ? -16.089 15.541  -6.669  1.00 36.98 ? 140 ARG A NE    1 
ATOM   1090 C CZ    . ARG A 1 140 ? -17.181 15.245  -7.365  1.00 38.70 ? 140 ARG A CZ    1 
ATOM   1091 N NH1   . ARG A 1 140 ? -17.075 14.642  -8.545  1.00 40.30 ? 140 ARG A NH1   1 
ATOM   1092 N NH2   . ARG A 1 140 ? -18.377 15.559  -6.886  1.00 38.90 ? 140 ARG A NH2   1 
ATOM   1093 N N     . ILE A 1 141 ? -9.735  13.516  -7.096  1.00 23.31 ? 141 ILE A N     1 
ATOM   1094 C CA    . ILE A 1 141 ? -8.451  13.418  -7.774  1.00 23.61 ? 141 ILE A CA    1 
ATOM   1095 C C     . ILE A 1 141 ? -8.342  12.118  -8.573  1.00 23.21 ? 141 ILE A C     1 
ATOM   1096 O O     . ILE A 1 141 ? -7.660  12.076  -9.588  1.00 23.00 ? 141 ILE A O     1 
ATOM   1097 C CB    . ILE A 1 141 ? -7.260  13.558  -6.776  1.00 23.39 ? 141 ILE A CB    1 
ATOM   1098 C CG1   . ILE A 1 141 ? -5.926  13.561  -7.535  1.00 26.01 ? 141 ILE A CG1   1 
ATOM   1099 C CG2   . ILE A 1 141 ? -7.262  12.411  -5.775  1.00 22.08 ? 141 ILE A CG2   1 
ATOM   1100 C CD1   . ILE A 1 141 ? -5.796  14.645  -8.594  1.00 27.34 ? 141 ILE A CD1   1 
ATOM   1101 N N     . GLU A 1 142 ? -9.024  11.059  -8.148  1.00 24.06 ? 142 GLU A N     1 
ATOM   1102 C CA    . GLU A 1 142 ? -8.935  9.825   -8.920  1.00 26.47 ? 142 GLU A CA    1 
ATOM   1103 C C     . GLU A 1 142 ? -9.763  9.943   -10.189 1.00 25.84 ? 142 GLU A C     1 
ATOM   1104 O O     . GLU A 1 142 ? -9.437  9.333   -11.207 1.00 27.14 ? 142 GLU A O     1 
ATOM   1105 C CB    . GLU A 1 142 ? -9.369  8.618   -8.085  1.00 27.64 ? 142 GLU A CB    1 
ATOM   1106 C CG    . GLU A 1 142 ? -8.509  8.431   -6.840  1.00 31.32 ? 142 GLU A CG    1 
ATOM   1107 C CD    . GLU A 1 142 ? -8.485  7.001   -6.354  1.00 34.07 ? 142 GLU A CD    1 
ATOM   1108 O OE1   . GLU A 1 142 ? -9.566  6.380   -6.282  1.00 36.24 ? 142 GLU A OE1   1 
ATOM   1109 O OE2   . GLU A 1 142 ? -7.384  6.503   -6.033  1.00 32.50 ? 142 GLU A OE2   1 
ATOM   1110 N N     . GLU A 1 143 ? -10.824 10.742  -10.134 1.00 26.84 ? 143 GLU A N     1 
ATOM   1111 C CA    . GLU A 1 143 ? -11.663 10.960  -11.306 1.00 28.21 ? 143 GLU A CA    1 
ATOM   1112 C C     . GLU A 1 143 ? -10.900 11.825  -12.307 1.00 29.24 ? 143 GLU A C     1 
ATOM   1113 O O     . GLU A 1 143 ? -10.985 11.626  -13.514 1.00 28.23 ? 143 GLU A O     1 
ATOM   1114 C CB    . GLU A 1 143 ? -12.966 11.668  -10.918 1.00 29.22 ? 143 GLU A CB    1 
ATOM   1115 C CG    . GLU A 1 143 ? -13.867 10.874  -9.992  1.00 30.64 ? 143 GLU A CG    1 
ATOM   1116 C CD    . GLU A 1 143 ? -15.126 11.636  -9.617  1.00 33.96 ? 143 GLU A CD    1 
ATOM   1117 O OE1   . GLU A 1 143 ? -15.020 12.843  -9.300  1.00 33.37 ? 143 GLU A OE1   1 
ATOM   1118 O OE2   . GLU A 1 143 ? -16.219 11.030  -9.629  1.00 31.76 ? 143 GLU A OE2   1 
ATOM   1119 N N     . ILE A 1 144 ? -10.139 12.781  -11.788 1.00 29.27 ? 144 ILE A N     1 
ATOM   1120 C CA    . ILE A 1 144 ? -9.365  13.693  -12.624 1.00 31.68 ? 144 ILE A CA    1 
ATOM   1121 C C     . ILE A 1 144 ? -8.107  13.064  -13.231 1.00 32.27 ? 144 ILE A C     1 
ATOM   1122 O O     . ILE A 1 144 ? -7.861  13.177  -14.430 1.00 33.34 ? 144 ILE A O     1 
ATOM   1123 C CB    . ILE A 1 144 ? -8.937  14.939  -11.812 1.00 30.53 ? 144 ILE A CB    1 
ATOM   1124 C CG1   . ILE A 1 144 ? -10.160 15.799  -11.483 1.00 30.33 ? 144 ILE A CG1   1 
ATOM   1125 C CG2   . ILE A 1 144 ? -7.906  15.750  -12.588 1.00 33.08 ? 144 ILE A CG2   1 
ATOM   1126 C CD1   . ILE A 1 144 ? -9.834  17.006  -10.624 1.00 31.60 ? 144 ILE A CD1   1 
ATOM   1127 N N     . SER A 1 145 ? -7.319  12.402  -12.391 1.00 34.10 ? 145 SER A N     1 
ATOM   1128 C CA    . SER A 1 145 ? -6.062  11.785  -12.813 1.00 35.71 ? 145 SER A CA    1 
ATOM   1129 C C     . SER A 1 145 ? -6.154  10.616  -13.794 1.00 37.30 ? 145 SER A C     1 
ATOM   1130 O O     . SER A 1 145 ? -5.189  10.335  -14.503 1.00 36.18 ? 145 SER A O     1 
ATOM   1131 C CB    . SER A 1 145 ? -5.277  11.340  -11.582 1.00 36.30 ? 145 SER A CB    1 
ATOM   1132 O OG    . SER A 1 145 ? -6.008  10.373  -10.854 1.00 35.88 ? 145 SER A OG    1 
ATOM   1133 N N     . GLN A 1 146 ? -7.291  9.925   -13.838 1.00 39.10 ? 146 GLN A N     1 
ATOM   1134 C CA    . GLN A 1 146 ? -7.432  8.798   -14.759 1.00 41.49 ? 146 GLN A CA    1 
ATOM   1135 C C     . GLN A 1 146 ? -8.815  8.632   -15.390 1.00 41.90 ? 146 GLN A C     1 
ATOM   1136 O O     . GLN A 1 146 ? -8.859  8.195   -16.560 1.00 41.68 ? 146 GLN A O     1 
ATOM   1137 C CB    . GLN A 1 146 ? -7.017  7.490   -14.074 1.00 43.27 ? 146 GLN A CB    1 
ATOM   1138 C CG    . GLN A 1 146 ? -5.503  7.349   -13.934 1.00 46.15 ? 146 GLN A CG    1 
ATOM   1139 C CD    . GLN A 1 146 ? -5.054  5.921   -13.673 1.00 48.13 ? 146 GLN A CD    1 
ATOM   1140 O OE1   . GLN A 1 146 ? -3.889  5.583   -13.869 1.00 50.46 ? 146 GLN A OE1   1 
ATOM   1141 N NE2   . GLN A 1 146 ? -5.979  5.079   -13.225 1.00 49.69 ? 146 GLN A NE2   1 
ATOM   1142 O OXT   . GLN A 1 146 ? -9.830  8.918   -14.722 1.00 42.12 ? 146 GLN A OXT   1 
HETATM 1143 C "C1'" . SAL B 2 .   ? -0.963  3.020   2.280   1.00 52.60 ? 147 SAL A "C1'" 1 
HETATM 1144 O "O1'" . SAL B 2 .   ? -0.915  3.538   1.183   1.00 51.65 ? 147 SAL A "O1'" 1 
HETATM 1145 O "O2'" . SAL B 2 .   ? -0.042  3.354   3.207   1.00 52.65 ? 147 SAL A "O2'" 1 
HETATM 1146 C C1    . SAL B 2 .   ? -2.027  2.021   2.610   1.00 53.50 ? 147 SAL A C1    1 
HETATM 1147 C C2    . SAL B 2 .   ? -3.030  1.638   1.647   1.00 54.11 ? 147 SAL A C2    1 
HETATM 1148 C C3    . SAL B 2 .   ? -4.017  0.685   2.010   1.00 54.15 ? 147 SAL A C3    1 
HETATM 1149 C C4    . SAL B 2 .   ? -4.019  0.112   3.296   1.00 53.74 ? 147 SAL A C4    1 
HETATM 1150 C C5    . SAL B 2 .   ? -3.042  0.480   4.244   1.00 54.04 ? 147 SAL A C5    1 
HETATM 1151 C C6    . SAL B 2 .   ? -2.053  1.423   3.913   1.00 53.87 ? 147 SAL A C6    1 
HETATM 1152 O O2    . SAL B 2 .   ? -3.042  2.185   0.400   1.00 55.63 ? 147 SAL A O2    1 
HETATM 1153 O O     . HOH C 3 .   ? -0.881  1.705   19.741  1.00 34.98 ? 148 HOH A O     1 
HETATM 1154 O O     . HOH C 3 .   ? -2.891  -20.556 9.090   1.00 40.96 ? 149 HOH A O     1 
HETATM 1155 O O     . HOH C 3 .   ? -2.443  7.202   -9.792  1.00 43.17 ? 150 HOH A O     1 
HETATM 1156 O O     . HOH C 3 .   ? -6.401  -4.575  5.534   1.00 41.26 ? 151 HOH A O     1 
HETATM 1157 O O     . HOH C 3 .   ? 2.677   -22.717 -23.127 1.00 43.90 ? 152 HOH A O     1 
HETATM 1158 O O     . HOH C 3 .   ? -0.604  1.749   -15.323 1.00 47.38 ? 153 HOH A O     1 
HETATM 1159 O O     . HOH C 3 .   ? 2.717   -19.728 -23.210 1.00 46.51 ? 154 HOH A O     1 
HETATM 1160 O O     . HOH C 3 .   ? 3.657   -3.552  15.673  1.00 44.20 ? 155 HOH A O     1 
HETATM 1161 O O     . HOH C 3 .   ? -1.154  -23.212 -17.832 1.00 41.33 ? 156 HOH A O     1 
HETATM 1162 O O     . HOH C 3 .   ? 10.454  -15.769 -10.974 1.00 39.58 ? 157 HOH A O     1 
HETATM 1163 O O     . HOH C 3 .   ? -14.531 15.014  -11.658 1.00 39.86 ? 158 HOH A O     1 
HETATM 1164 O O     . HOH C 3 .   ? -0.079  -20.248 -23.884 1.00 45.64 ? 159 HOH A O     1 
HETATM 1165 O O     . HOH C 3 .   ? 11.668  -14.721 -7.468  1.00 21.01 ? 160 HOH A O     1 
HETATM 1166 O O     . HOH C 3 .   ? -15.672 8.583   -9.138  1.00 23.03 ? 161 HOH A O     1 
HETATM 1167 O O     . HOH C 3 .   ? 3.106   -19.999 3.055   1.00 21.54 ? 162 HOH A O     1 
HETATM 1168 O O     . HOH C 3 .   ? -9.351  5.233   -4.075  1.00 27.59 ? 163 HOH A O     1 
HETATM 1169 O O     . HOH C 3 .   ? 13.697  -8.386  -7.103  1.00 27.25 ? 164 HOH A O     1 
HETATM 1170 O O     . HOH C 3 .   ? 4.765   0.895   14.340  1.00 24.59 ? 165 HOH A O     1 
HETATM 1171 O O     . HOH C 3 .   ? -13.308 8.404   -8.004  1.00 23.94 ? 166 HOH A O     1 
HETATM 1172 O O     . HOH C 3 .   ? -1.191  16.136  -2.426  1.00 28.54 ? 167 HOH A O     1 
HETATM 1173 O O     . HOH C 3 .   ? -4.150  -13.211 -3.305  1.00 21.11 ? 168 HOH A O     1 
HETATM 1174 O O     . HOH C 3 .   ? 8.960   -2.488  13.290  1.00 30.17 ? 169 HOH A O     1 
HETATM 1175 O O     . HOH C 3 .   ? 7.602   15.847  5.135   1.00 25.53 ? 170 HOH A O     1 
HETATM 1176 O O     . HOH C 3 .   ? 0.976   -12.503 11.768  1.00 31.82 ? 171 HOH A O     1 
HETATM 1177 O O     . HOH C 3 .   ? 13.082  0.101   2.229   1.00 31.43 ? 172 HOH A O     1 
HETATM 1178 O O     . HOH C 3 .   ? 12.327  -1.254  4.584   1.00 22.76 ? 173 HOH A O     1 
HETATM 1179 O O     . HOH C 3 .   ? 13.312  -4.417  2.411   1.00 29.68 ? 174 HOH A O     1 
HETATM 1180 O O     . HOH C 3 .   ? -12.071 7.020   -6.216  1.00 29.71 ? 175 HOH A O     1 
HETATM 1181 O O     . HOH C 3 .   ? 5.533   -18.221 -8.009  1.00 29.21 ? 176 HOH A O     1 
HETATM 1182 O O     . HOH C 3 .   ? -8.090  -11.686 -9.506  1.00 22.85 ? 177 HOH A O     1 
HETATM 1183 O O     . HOH C 3 .   ? -10.670 5.187   -8.395  1.00 25.23 ? 178 HOH A O     1 
HETATM 1184 O O     . HOH C 3 .   ? 6.784   -18.025 -3.498  1.00 29.12 ? 179 HOH A O     1 
HETATM 1185 O O     . HOH C 3 .   ? -9.811  -5.528  1.411   1.00 28.60 ? 180 HOH A O     1 
HETATM 1186 O O     . HOH C 3 .   ? -0.414  -7.583  -15.744 1.00 25.56 ? 181 HOH A O     1 
HETATM 1187 O O     . HOH C 3 .   ? 4.683   -15.823 10.100  1.00 37.51 ? 182 HOH A O     1 
HETATM 1188 O O     . HOH C 3 .   ? -8.425  -9.495  -6.653  1.00 23.21 ? 183 HOH A O     1 
HETATM 1189 O O     . HOH C 3 .   ? 13.523  4.869   5.989   1.00 34.04 ? 184 HOH A O     1 
HETATM 1190 O O     . HOH C 3 .   ? -5.392  -3.118  -4.118  1.00 26.58 ? 185 HOH A O     1 
HETATM 1191 O O     . HOH C 3 .   ? -11.182 10.602  21.652  1.00 45.18 ? 186 HOH A O     1 
HETATM 1192 O O     . HOH C 3 .   ? 2.174   22.458  3.526   1.00 33.89 ? 187 HOH A O     1 
HETATM 1193 O O     . HOH C 3 .   ? 10.735  -2.528  -6.150  1.00 27.46 ? 188 HOH A O     1 
HETATM 1194 O O     . HOH C 3 .   ? -6.184  -18.173 -7.535  1.00 45.35 ? 189 HOH A O     1 
HETATM 1195 O O     . HOH C 3 .   ? 12.416  7.492   9.730   1.00 33.88 ? 190 HOH A O     1 
HETATM 1196 O O     . HOH C 3 .   ? 3.592   -6.279  13.961  1.00 39.63 ? 191 HOH A O     1 
HETATM 1197 O O     . HOH C 3 .   ? -13.794 12.182  20.211  1.00 36.52 ? 192 HOH A O     1 
HETATM 1198 O O     . HOH C 3 .   ? -3.075  4.620   -4.691  1.00 29.25 ? 193 HOH A O     1 
HETATM 1199 O O     . HOH C 3 .   ? -1.722  14.315  15.981  1.00 28.49 ? 194 HOH A O     1 
HETATM 1200 O O     . HOH C 3 .   ? -7.950  30.886  6.485   1.00 43.02 ? 195 HOH A O     1 
HETATM 1201 O O     . HOH C 3 .   ? -9.885  12.427  -16.433 1.00 36.25 ? 196 HOH A O     1 
HETATM 1202 O O     . HOH C 3 .   ? 8.563   3.478   -9.659  1.00 32.06 ? 197 HOH A O     1 
HETATM 1203 O O     . HOH C 3 .   ? 0.046   -10.227 -14.051 1.00 35.64 ? 198 HOH A O     1 
HETATM 1204 O O     . HOH C 3 .   ? -5.007  -5.308  -14.828 1.00 42.57 ? 199 HOH A O     1 
HETATM 1205 O O     . HOH C 3 .   ? 0.075   22.608  7.148   1.00 38.20 ? 200 HOH A O     1 
HETATM 1206 O O     . HOH C 3 .   ? -1.798  -13.590 11.165  1.00 38.97 ? 201 HOH A O     1 
HETATM 1207 O O     . HOH C 3 .   ? -11.096 7.338   -16.905 1.00 28.62 ? 202 HOH A O     1 
HETATM 1208 O O     . HOH C 3 .   ? -12.560 8.127   -1.730  1.00 35.56 ? 203 HOH A O     1 
HETATM 1209 O O     . HOH C 3 .   ? -7.711  -18.895 -20.702 1.00 46.33 ? 204 HOH A O     1 
HETATM 1210 O O     . HOH C 3 .   ? 9.501   -11.418 7.378   1.00 36.65 ? 205 HOH A O     1 
HETATM 1211 O O     . HOH C 3 .   ? 12.626  -5.096  -12.346 1.00 39.94 ? 206 HOH A O     1 
HETATM 1212 O O     . HOH C 3 .   ? 12.205  -17.227 -6.428  1.00 36.76 ? 207 HOH A O     1 
HETATM 1213 O O     . HOH C 3 .   ? -17.806 15.598  7.280   1.00 55.65 ? 208 HOH A O     1 
HETATM 1214 O O     . HOH C 3 .   ? 13.867  -3.518  -1.143  1.00 28.82 ? 209 HOH A O     1 
HETATM 1215 O O     . HOH C 3 .   ? -2.790  -14.616 8.488   1.00 47.83 ? 210 HOH A O     1 
HETATM 1216 O O     . HOH C 3 .   ? -2.011  -16.944 7.056   1.00 27.65 ? 211 HOH A O     1 
HETATM 1217 O O     . HOH C 3 .   ? -6.071  3.397   -9.281  1.00 54.08 ? 212 HOH A O     1 
HETATM 1218 O O     . HOH C 3 .   ? -6.742  -5.083  -2.817  1.00 32.21 ? 213 HOH A O     1 
HETATM 1219 O O     . HOH C 3 .   ? 3.948   -2.927  20.403  1.00 58.76 ? 214 HOH A O     1 
HETATM 1220 O O     . HOH C 3 .   ? 14.389  -6.563  13.888  1.00 38.16 ? 215 HOH A O     1 
HETATM 1221 O O     . HOH C 3 .   ? -5.324  29.170  7.250   1.00 42.38 ? 216 HOH A O     1 
HETATM 1222 O O     . HOH C 3 .   ? -12.963 12.679  -15.494 1.00 63.17 ? 217 HOH A O     1 
HETATM 1223 O O     . HOH C 3 .   ? 1.544   11.537  19.314  1.00 48.89 ? 218 HOH A O     1 
HETATM 1224 O O     . HOH C 3 .   ? -11.137 7.534   -12.655 1.00 31.35 ? 219 HOH A O     1 
HETATM 1225 O O     . HOH C 3 .   ? 3.205   3.529   19.911  1.00 46.91 ? 220 HOH A O     1 
HETATM 1226 O O     . HOH C 3 .   ? 9.329   1.202   -1.117  1.00 27.04 ? 221 HOH A O     1 
HETATM 1227 O O     . HOH C 3 .   ? -3.044  -7.336  11.790  1.00 39.04 ? 222 HOH A O     1 
HETATM 1228 O O     . HOH C 3 .   ? 16.841  11.712  3.615   1.00 49.58 ? 223 HOH A O     1 
HETATM 1229 O O     . HOH C 3 .   ? -4.722  8.179   -10.424 1.00 40.22 ? 224 HOH A O     1 
HETATM 1230 O O     . HOH C 3 .   ? -8.463  16.779  20.650  1.00 43.90 ? 225 HOH A O     1 
HETATM 1231 O O     . HOH C 3 .   ? 13.819  -9.042  -9.969  1.00 38.85 ? 226 HOH A O     1 
HETATM 1232 O O     . HOH C 3 .   ? 11.587  -2.424  -2.435  1.00 45.44 ? 227 HOH A O     1 
HETATM 1233 O O     . HOH C 3 .   ? 3.425   4.620   -1.999  1.00 42.92 ? 228 HOH A O     1 
HETATM 1234 O O     . HOH C 3 .   ? 7.122   -17.828 -11.023 1.00 38.53 ? 229 HOH A O     1 
HETATM 1235 O O     . HOH C 3 .   ? 4.288   4.135   -4.341  1.00 41.55 ? 230 HOH A O     1 
HETATM 1236 O O     . HOH C 3 .   ? 7.517   6.777   -1.078  1.00 58.12 ? 231 HOH A O     1 
HETATM 1237 O O     . HOH C 3 .   ? 10.188  -18.957 -3.259  1.00 29.37 ? 232 HOH A O     1 
HETATM 1238 O O     . HOH C 3 .   ? -4.022  -16.535 -13.651 1.00 35.42 ? 233 HOH A O     1 
HETATM 1239 O O     . HOH C 3 .   ? -9.500  -1.875  4.125   1.00 43.64 ? 234 HOH A O     1 
HETATM 1240 O O     . HOH C 3 .   ? 6.278   -20.464 -2.909  1.00 32.19 ? 235 HOH A O     1 
HETATM 1241 O O     . HOH C 3 .   ? 14.858  -2.322  5.028   1.00 29.25 ? 236 HOH A O     1 
HETATM 1242 O O     . HOH C 3 .   ? -6.219  -14.872 -2.376  1.00 31.01 ? 237 HOH A O     1 
HETATM 1243 O O     . HOH C 3 .   ? 0.003   -10.159 13.271  1.00 36.60 ? 238 HOH A O     1 
HETATM 1244 O O     . HOH C 3 .   ? 11.161  -4.469  -3.837  1.00 36.29 ? 239 HOH A O     1 
HETATM 1245 O O     . HOH C 3 .   ? 8.616   -11.572 9.746   1.00 52.80 ? 240 HOH A O     1 
HETATM 1246 O O     . HOH C 3 .   ? 6.937   -1.023  14.808  1.00 35.54 ? 241 HOH A O     1 
HETATM 1247 O O     . HOH C 3 .   ? -12.449 6.385   0.203   1.00 46.62 ? 242 HOH A O     1 
HETATM 1248 O O     . HOH C 3 .   ? -18.509 18.682  1.908   1.00 51.50 ? 243 HOH A O     1 
HETATM 1249 O O     . HOH C 3 .   ? -8.204  28.397  -0.580  1.00 34.81 ? 244 HOH A O     1 
HETATM 1250 O O     . HOH C 3 .   ? -7.091  -7.165  3.391   1.00 39.48 ? 245 HOH A O     1 
HETATM 1251 O O     . HOH C 3 .   ? 10.885  0.129   -5.830  1.00 40.03 ? 246 HOH A O     1 
HETATM 1252 O O     . HOH C 3 .   ? 14.992  1.928   3.009   1.00 43.33 ? 247 HOH A O     1 
HETATM 1253 O O     . HOH C 3 .   ? 0.730   3.776   19.178  1.00 39.85 ? 248 HOH A O     1 
HETATM 1254 O O     . HOH C 3 .   ? 14.936  -0.819  9.116   1.00 37.56 ? 249 HOH A O     1 
HETATM 1255 O O     . HOH C 3 .   ? -6.667  -18.459 -10.474 1.00 43.93 ? 250 HOH A O     1 
HETATM 1256 O O     . HOH C 3 .   ? -2.662  -22.369 4.657   1.00 39.91 ? 251 HOH A O     1 
HETATM 1257 O O     . HOH C 3 .   ? -1.510  -18.091 9.196   1.00 38.82 ? 252 HOH A O     1 
HETATM 1258 O O     . HOH C 3 .   ? 12.255  -5.717  -14.910 1.00 45.80 ? 253 HOH A O     1 
HETATM 1259 O O     . HOH C 3 .   ? 8.427   -13.188 5.946   1.00 37.76 ? 254 HOH A O     1 
HETATM 1260 O O     . HOH C 3 .   ? -7.825  -1.910  12.641  1.00 52.05 ? 255 HOH A O     1 
HETATM 1261 O O     . HOH C 3 .   ? 5.646   -13.496 9.125   1.00 35.49 ? 256 HOH A O     1 
HETATM 1262 O O     . HOH C 3 .   ? 15.522  -6.273  -6.786  1.00 42.04 ? 257 HOH A O     1 
HETATM 1263 O O     . HOH C 3 .   ? 0.605   13.519  20.699  1.00 44.16 ? 258 HOH A O     1 
HETATM 1264 O O     . HOH C 3 .   ? 11.806  1.957   -12.113 1.00 41.30 ? 259 HOH A O     1 
HETATM 1265 O O     . HOH C 3 .   ? -3.808  -21.063 -5.693  1.00 52.52 ? 260 HOH A O     1 
HETATM 1266 O O     . HOH C 3 .   ? 16.062  -5.472  12.158  1.00 38.35 ? 261 HOH A O     1 
HETATM 1267 O O     . HOH C 3 .   ? -4.117  7.386   18.973  1.00 47.76 ? 262 HOH A O     1 
HETATM 1268 O O     . HOH C 3 .   ? -15.909 8.128   5.115   1.00 59.60 ? 263 HOH A O     1 
HETATM 1269 O O     . HOH C 3 .   ? 2.135   -10.452 -15.787 1.00 46.85 ? 264 HOH A O     1 
HETATM 1270 O O     . HOH C 3 .   ? 8.933   3.964   -0.182  1.00 42.73 ? 265 HOH A O     1 
HETATM 1271 O O     . HOH C 3 .   ? 6.116   -13.499 -14.533 1.00 47.84 ? 266 HOH A O     1 
HETATM 1272 O O     . HOH C 3 .   ? -2.196  -14.019 -26.357 1.00 50.25 ? 267 HOH A O     1 
HETATM 1273 O O     . HOH C 3 .   ? -3.995  -18.074 5.599   1.00 39.14 ? 268 HOH A O     1 
HETATM 1274 O O     . HOH C 3 .   ? -10.811 9.756   -17.976 1.00 46.99 ? 269 HOH A O     1 
HETATM 1275 O O     . HOH C 3 .   ? 14.465  -1.953  1.311   1.00 29.60 ? 270 HOH A O     1 
HETATM 1276 O O     . HOH C 3 .   ? -2.967  -13.588 -22.558 1.00 56.95 ? 271 HOH A O     1 
HETATM 1277 O O     . HOH C 3 .   ? 4.840   -15.845 -18.359 1.00 49.27 ? 272 HOH A O     1 
HETATM 1278 O O     . HOH C 3 .   ? 14.574  6.434   8.350   1.00 40.52 ? 273 HOH A O     1 
HETATM 1279 O O     . HOH C 3 .   ? 16.525  11.008  1.054   1.00 45.96 ? 274 HOH A O     1 
HETATM 1280 O O     . HOH C 3 .   ? -4.099  4.761   -10.094 1.00 50.79 ? 275 HOH A O     1 
HETATM 1281 O O     . HOH C 3 .   ? -8.589  -16.476 -7.923  1.00 38.89 ? 276 HOH A O     1 
HETATM 1282 O O     . HOH C 3 .   ? -0.390  -18.700 -26.590 1.00 52.28 ? 277 HOH A O     1 
HETATM 1283 O O     . HOH C 3 .   ? 14.604  2.409   5.814   1.00 40.68 ? 278 HOH A O     1 
HETATM 1284 O O     . HOH C 3 .   ? 6.551   1.374   -16.272 1.00 45.22 ? 279 HOH A O     1 
HETATM 1285 O O     . HOH C 3 .   ? -5.900  -15.044 -14.819 1.00 41.90 ? 280 HOH A O     1 
HETATM 1286 O O     . HOH C 3 .   ? 10.706  6.482   15.375  1.00 54.09 ? 281 HOH A O     1 
HETATM 1287 O O     . HOH C 3 .   ? 5.018   -19.312 -21.869 1.00 53.13 ? 282 HOH A O     1 
HETATM 1288 O O     . HOH C 3 .   ? -11.882 -10.332 -0.586  1.00 38.15 ? 283 HOH A O     1 
HETATM 1289 O O     . HOH C 3 .   ? 0.275   17.173  -4.124  1.00 46.69 ? 284 HOH A O     1 
HETATM 1290 O O     . HOH C 3 .   ? 14.226  -7.059  -11.350 1.00 48.51 ? 285 HOH A O     1 
HETATM 1291 O O     . HOH C 3 .   ? -3.964  -1.153  -3.174  1.00 44.82 ? 286 HOH A O     1 
HETATM 1292 O O     . HOH C 3 .   ? -10.649 -15.704 -21.249 1.00 51.89 ? 287 HOH A O     1 
HETATM 1293 O O     . HOH C 3 .   ? -11.544 10.614  -15.674 1.00 15.97 ? 288 HOH A O     1 
HETATM 1294 O O     . HOH C 3 .   ? -3.119  29.043  4.006   1.00 47.40 ? 289 HOH A O     1 
HETATM 1295 O O     . HOH C 3 .   ? 6.106   5.675   -12.421 1.00 46.81 ? 290 HOH A O     1 
HETATM 1296 O O     . HOH C 3 .   ? 9.196   -0.359  -16.172 1.00 34.00 ? 291 HOH A O     1 
HETATM 1297 O O     . HOH C 3 .   ? -8.903  -15.980 -4.623  1.00 48.37 ? 292 HOH A O     1 
HETATM 1298 O O     . HOH C 3 .   ? 11.115  5.193   -0.967  1.00 43.68 ? 293 HOH A O     1 
HETATM 1299 O O     . HOH C 3 .   ? -0.829  -22.238 -9.105  1.00 46.36 ? 294 HOH A O     1 
HETATM 1300 O O     . HOH C 3 .   ? -0.380  -21.650 -11.478 1.00 42.16 ? 295 HOH A O     1 
HETATM 1301 O O     . HOH C 3 .   ? -14.565 17.553  17.299  1.00 48.56 ? 296 HOH A O     1 
HETATM 1302 O O     . HOH C 3 .   ? -18.464 13.587  12.810  1.00 53.31 ? 297 HOH A O     1 
HETATM 1303 O O     . HOH C 3 .   ? -5.395  27.586  -2.239  1.00 38.97 ? 298 HOH A O     1 
HETATM 1304 O O     . HOH C 3 .   ? -12.290 7.940   15.009  1.00 40.04 ? 299 HOH A O     1 
# 
loop_
_pdbx_poly_seq_scheme.asym_id 
_pdbx_poly_seq_scheme.entity_id 
_pdbx_poly_seq_scheme.seq_id 
_pdbx_poly_seq_scheme.mon_id 
_pdbx_poly_seq_scheme.ndb_seq_num 
_pdbx_poly_seq_scheme.pdb_seq_num 
_pdbx_poly_seq_scheme.auth_seq_num 
_pdbx_poly_seq_scheme.pdb_mon_id 
_pdbx_poly_seq_scheme.auth_mon_id 
_pdbx_poly_seq_scheme.pdb_strand_id 
_pdbx_poly_seq_scheme.pdb_ins_code 
_pdbx_poly_seq_scheme.hetero 
A 1 1   MET 1   1   ?   ?   ?   A . n 
A 1 2   LEU 2   2   ?   ?   ?   A . n 
A 1 3   GLU 3   3   ?   ?   ?   A . n 
A 1 4   SER 4   4   ?   ?   ?   A . n 
A 1 5   ASN 5   5   ?   ?   ?   A . n 
A 1 6   GLU 6   6   6   GLU GLU A . n 
A 1 7   ASN 7   7   7   ASN ASN A . n 
A 1 8   ARG 8   8   8   ARG ARG A . n 
A 1 9   ILE 9   9   9   ILE ILE A . n 
A 1 10  GLN 10  10  10  GLN GLN A . n 
A 1 11  ILE 11  11  11  ILE ILE A . n 
A 1 12  MET 12  12  12  MET MET A . n 
A 1 13  SER 13  13  13  SER SER A . n 
A 1 14  THR 14  14  14  THR THR A . n 
A 1 15  ILE 15  15  15  ILE ILE A . n 
A 1 16  ALA 16  16  16  ALA ALA A . n 
A 1 17  LYS 17  17  17  LYS LYS A . n 
A 1 18  ILE 18  18  18  ILE ILE A . n 
A 1 19  TYR 19  19  19  TYR TYR A . n 
A 1 20  ARG 20  20  20  ARG ARG A . n 
A 1 21  ALA 21  21  21  ALA ALA A . n 
A 1 22  MET 22  22  22  MET MET A . n 
A 1 23  SER 23  23  23  SER SER A . n 
A 1 24  ARG 24  24  24  ARG ARG A . n 
A 1 25  GLU 25  25  25  GLU GLU A . n 
A 1 26  LEU 26  26  26  LEU LEU A . n 
A 1 27  ASN 27  27  27  ASN ASN A . n 
A 1 28  ARG 28  28  28  ARG ARG A . n 
A 1 29  ARG 29  29  29  ARG ARG A . n 
A 1 30  LEU 30  30  30  LEU LEU A . n 
A 1 31  GLY 31  31  31  GLY GLY A . n 
A 1 32  GLU 32  32  32  GLU GLU A . n 
A 1 33  LEU 33  33  33  LEU LEU A . n 
A 1 34  ASN 34  34  34  ASN ASN A . n 
A 1 35  LEU 35  35  35  LEU LEU A . n 
A 1 36  SER 36  36  36  SER SER A . n 
A 1 37  TYR 37  37  37  TYR TYR A . n 
A 1 38  LEU 38  38  38  LEU LEU A . n 
A 1 39  ASP 39  39  39  ASP ASP A . n 
A 1 40  PHE 40  40  40  PHE PHE A . n 
A 1 41  LEU 41  41  41  LEU LEU A . n 
A 1 42  VAL 42  42  42  VAL VAL A . n 
A 1 43  LEU 43  43  43  LEU LEU A . n 
A 1 44  ARG 44  44  44  ARG ARG A . n 
A 1 45  ALA 45  45  45  ALA ALA A . n 
A 1 46  THR 46  46  46  THR THR A . n 
A 1 47  SER 47  47  47  SER SER A . n 
A 1 48  ASP 48  48  48  ASP ASP A . n 
A 1 49  GLY 49  49  49  GLY GLY A . n 
A 1 50  PRO 50  50  50  PRO PRO A . n 
A 1 51  LYS 51  51  51  LYS LYS A . n 
A 1 52  THR 52  52  52  THR THR A . n 
A 1 53  MET 53  53  53  MET MET A . n 
A 1 54  ALA 54  54  54  ALA ALA A . n 
A 1 55  TYR 55  55  55  TYR TYR A . n 
A 1 56  LEU 56  56  56  LEU LEU A . n 
A 1 57  ALA 57  57  57  ALA ALA A . n 
A 1 58  ASN 58  58  58  ASN ASN A . n 
A 1 59  ARG 59  59  59  ARG ARG A . n 
A 1 60  TYR 60  60  60  TYR TYR A . n 
A 1 61  PHE 61  61  61  PHE PHE A . n 
A 1 62  VAL 62  62  62  VAL VAL A . n 
A 1 63  THR 63  63  63  THR THR A . n 
A 1 64  GLN 64  64  64  GLN GLN A . n 
A 1 65  SER 65  65  65  SER SER A . n 
A 1 66  ALA 66  66  66  ALA ALA A . n 
A 1 67  ILE 67  67  67  ILE ILE A . n 
A 1 68  THR 68  68  68  THR THR A . n 
A 1 69  ALA 69  69  69  ALA ALA A . n 
A 1 70  SER 70  70  70  SER SER A . n 
A 1 71  VAL 71  71  71  VAL VAL A . n 
A 1 72  ASP 72  72  72  ASP ASP A . n 
A 1 73  LYS 73  73  73  LYS LYS A . n 
A 1 74  LEU 74  74  74  LEU LEU A . n 
A 1 75  GLU 75  75  75  GLU GLU A . n 
A 1 76  GLU 76  76  76  GLU GLU A . n 
A 1 77  MET 77  77  77  MET MET A . n 
A 1 78  GLY 78  78  78  GLY GLY A . n 
A 1 79  LEU 79  79  79  LEU LEU A . n 
A 1 80  VAL 80  80  80  VAL VAL A . n 
A 1 81  VAL 81  81  81  VAL VAL A . n 
A 1 82  ARG 82  82  82  ARG ARG A . n 
A 1 83  VAL 83  83  83  VAL VAL A . n 
A 1 84  ARG 84  84  84  ARG ARG A . n 
A 1 85  ASP 85  85  85  ASP ASP A . n 
A 1 86  ARG 86  86  86  ARG ARG A . n 
A 1 87  GLU 87  87  87  GLU GLU A . n 
A 1 88  ASP 88  88  88  ASP ASP A . n 
A 1 89  ARG 89  89  89  ARG ARG A . n 
A 1 90  ARG 90  90  90  ARG ARG A . n 
A 1 91  LYS 91  91  91  LYS LYS A . n 
A 1 92  ILE 92  92  92  ILE ILE A . n 
A 1 93  LEU 93  93  93  LEU LEU A . n 
A 1 94  ILE 94  94  94  ILE ILE A . n 
A 1 95  GLU 95  95  95  GLU GLU A . n 
A 1 96  ILE 96  96  96  ILE ILE A . n 
A 1 97  THR 97  97  97  THR THR A . n 
A 1 98  GLU 98  98  98  GLU GLU A . n 
A 1 99  LYS 99  99  99  LYS LYS A . n 
A 1 100 GLY 100 100 100 GLY GLY A . n 
A 1 101 LEU 101 101 101 LEU LEU A . n 
A 1 102 GLU 102 102 102 GLU GLU A . n 
A 1 103 THR 103 103 103 THR THR A . n 
A 1 104 PHE 104 104 104 PHE PHE A . n 
A 1 105 ASN 105 105 105 ASN ASN A . n 
A 1 106 LYS 106 106 106 LYS LYS A . n 
A 1 107 GLY 107 107 107 GLY GLY A . n 
A 1 108 ILE 108 108 108 ILE ILE A . n 
A 1 109 GLU 109 109 109 GLU GLU A . n 
A 1 110 ILE 110 110 110 ILE ILE A . n 
A 1 111 TYR 111 111 111 TYR TYR A . n 
A 1 112 LYS 112 112 112 LYS LYS A . n 
A 1 113 LYS 113 113 113 LYS LYS A . n 
A 1 114 LEU 114 114 114 LEU LEU A . n 
A 1 115 ALA 115 115 115 ALA ALA A . n 
A 1 116 ASN 116 116 116 ASN ASN A . n 
A 1 117 GLU 117 117 117 GLU GLU A . n 
A 1 118 VAL 118 118 118 VAL VAL A . n 
A 1 119 THR 119 119 119 THR THR A . n 
A 1 120 GLY 120 120 120 GLY GLY A . n 
A 1 121 ASP 121 121 121 ASP ASP A . n 
A 1 122 LEU 122 122 122 LEU LEU A . n 
A 1 123 SER 123 123 123 SER SER A . n 
A 1 124 GLU 124 124 124 GLU GLU A . n 
A 1 125 ASP 125 125 125 ASP ASP A . n 
A 1 126 GLU 126 126 126 GLU GLU A . n 
A 1 127 VAL 127 127 127 VAL VAL A . n 
A 1 128 ILE 128 128 128 ILE ILE A . n 
A 1 129 LEU 129 129 129 LEU LEU A . n 
A 1 130 VAL 130 130 130 VAL VAL A . n 
A 1 131 LEU 131 131 131 LEU LEU A . n 
A 1 132 ASP 132 132 132 ASP ASP A . n 
A 1 133 LYS 133 133 133 LYS LYS A . n 
A 1 134 ILE 134 134 134 ILE ILE A . n 
A 1 135 SER 135 135 135 SER SER A . n 
A 1 136 LYS 136 136 136 LYS LYS A . n 
A 1 137 ILE 137 137 137 ILE ILE A . n 
A 1 138 LEU 138 138 138 LEU LEU A . n 
A 1 139 LYS 139 139 139 LYS LYS A . n 
A 1 140 ARG 140 140 140 ARG ARG A . n 
A 1 141 ILE 141 141 141 ILE ILE A . n 
A 1 142 GLU 142 142 142 GLU GLU A . n 
A 1 143 GLU 143 143 143 GLU GLU A . n 
A 1 144 ILE 144 144 144 ILE ILE A . n 
A 1 145 SER 145 145 145 SER SER A . n 
A 1 146 GLN 146 146 146 GLN GLN A . n 
# 
_pdbx_SG_project.id                    1 
_pdbx_SG_project.project_name          'NPPSFA, National Project on Protein Structural and Functional Analyses' 
_pdbx_SG_project.full_name_of_center   'RIKEN Structural Genomics/Proteomics Initiative' 
_pdbx_SG_project.initial_of_center     RSGI 
# 
loop_
_pdbx_nonpoly_scheme.asym_id 
_pdbx_nonpoly_scheme.entity_id 
_pdbx_nonpoly_scheme.mon_id 
_pdbx_nonpoly_scheme.ndb_seq_num 
_pdbx_nonpoly_scheme.pdb_seq_num 
_pdbx_nonpoly_scheme.auth_seq_num 
_pdbx_nonpoly_scheme.pdb_mon_id 
_pdbx_nonpoly_scheme.auth_mon_id 
_pdbx_nonpoly_scheme.pdb_strand_id 
_pdbx_nonpoly_scheme.pdb_ins_code 
B 2 SAL 1   147 1   SAL SAL A . 
C 3 HOH 1   148 148 HOH HOH A . 
C 3 HOH 2   149 149 HOH HOH A . 
C 3 HOH 3   150 150 HOH HOH A . 
C 3 HOH 4   151 151 HOH HOH A . 
C 3 HOH 5   152 152 HOH HOH A . 
C 3 HOH 6   153 153 HOH HOH A . 
C 3 HOH 7   154 154 HOH HOH A . 
C 3 HOH 8   155 155 HOH HOH A . 
C 3 HOH 9   156 156 HOH HOH A . 
C 3 HOH 10  157 157 HOH HOH A . 
C 3 HOH 11  158 158 HOH HOH A . 
C 3 HOH 12  159 159 HOH HOH A . 
C 3 HOH 13  160 2   HOH HOH A . 
C 3 HOH 14  161 3   HOH HOH A . 
C 3 HOH 15  162 4   HOH HOH A . 
C 3 HOH 16  163 5   HOH HOH A . 
C 3 HOH 17  164 6   HOH HOH A . 
C 3 HOH 18  165 7   HOH HOH A . 
C 3 HOH 19  166 8   HOH HOH A . 
C 3 HOH 20  167 9   HOH HOH A . 
C 3 HOH 21  168 10  HOH HOH A . 
C 3 HOH 22  169 11  HOH HOH A . 
C 3 HOH 23  170 12  HOH HOH A . 
C 3 HOH 24  171 13  HOH HOH A . 
C 3 HOH 25  172 14  HOH HOH A . 
C 3 HOH 26  173 15  HOH HOH A . 
C 3 HOH 27  174 16  HOH HOH A . 
C 3 HOH 28  175 17  HOH HOH A . 
C 3 HOH 29  176 18  HOH HOH A . 
C 3 HOH 30  177 19  HOH HOH A . 
C 3 HOH 31  178 20  HOH HOH A . 
C 3 HOH 32  179 21  HOH HOH A . 
C 3 HOH 33  180 22  HOH HOH A . 
C 3 HOH 34  181 23  HOH HOH A . 
C 3 HOH 35  182 24  HOH HOH A . 
C 3 HOH 36  183 25  HOH HOH A . 
C 3 HOH 37  184 26  HOH HOH A . 
C 3 HOH 38  185 27  HOH HOH A . 
C 3 HOH 39  186 28  HOH HOH A . 
C 3 HOH 40  187 29  HOH HOH A . 
C 3 HOH 41  188 30  HOH HOH A . 
C 3 HOH 42  189 31  HOH HOH A . 
C 3 HOH 43  190 32  HOH HOH A . 
C 3 HOH 44  191 33  HOH HOH A . 
C 3 HOH 45  192 34  HOH HOH A . 
C 3 HOH 46  193 35  HOH HOH A . 
C 3 HOH 47  194 36  HOH HOH A . 
C 3 HOH 48  195 37  HOH HOH A . 
C 3 HOH 49  196 38  HOH HOH A . 
C 3 HOH 50  197 39  HOH HOH A . 
C 3 HOH 51  198 40  HOH HOH A . 
C 3 HOH 52  199 41  HOH HOH A . 
C 3 HOH 53  200 42  HOH HOH A . 
C 3 HOH 54  201 43  HOH HOH A . 
C 3 HOH 55  202 44  HOH HOH A . 
C 3 HOH 56  203 45  HOH HOH A . 
C 3 HOH 57  204 46  HOH HOH A . 
C 3 HOH 58  205 47  HOH HOH A . 
C 3 HOH 59  206 48  HOH HOH A . 
C 3 HOH 60  207 49  HOH HOH A . 
C 3 HOH 61  208 50  HOH HOH A . 
C 3 HOH 62  209 51  HOH HOH A . 
C 3 HOH 63  210 52  HOH HOH A . 
C 3 HOH 64  211 53  HOH HOH A . 
C 3 HOH 65  212 54  HOH HOH A . 
C 3 HOH 66  213 55  HOH HOH A . 
C 3 HOH 67  214 56  HOH HOH A . 
C 3 HOH 68  215 58  HOH HOH A . 
C 3 HOH 69  216 59  HOH HOH A . 
C 3 HOH 70  217 60  HOH HOH A . 
C 3 HOH 71  218 61  HOH HOH A . 
C 3 HOH 72  219 62  HOH HOH A . 
C 3 HOH 73  220 64  HOH HOH A . 
C 3 HOH 74  221 65  HOH HOH A . 
C 3 HOH 75  222 66  HOH HOH A . 
C 3 HOH 76  223 67  HOH HOH A . 
C 3 HOH 77  224 68  HOH HOH A . 
C 3 HOH 78  225 69  HOH HOH A . 
C 3 HOH 79  226 70  HOH HOH A . 
C 3 HOH 80  227 71  HOH HOH A . 
C 3 HOH 81  228 72  HOH HOH A . 
C 3 HOH 82  229 74  HOH HOH A . 
C 3 HOH 83  230 75  HOH HOH A . 
C 3 HOH 84  231 76  HOH HOH A . 
C 3 HOH 85  232 77  HOH HOH A . 
C 3 HOH 86  233 78  HOH HOH A . 
C 3 HOH 87  234 79  HOH HOH A . 
C 3 HOH 88  235 81  HOH HOH A . 
C 3 HOH 89  236 82  HOH HOH A . 
C 3 HOH 90  237 83  HOH HOH A . 
C 3 HOH 91  238 84  HOH HOH A . 
C 3 HOH 92  239 85  HOH HOH A . 
C 3 HOH 93  240 87  HOH HOH A . 
C 3 HOH 94  241 88  HOH HOH A . 
C 3 HOH 95  242 89  HOH HOH A . 
C 3 HOH 96  243 90  HOH HOH A . 
C 3 HOH 97  244 91  HOH HOH A . 
C 3 HOH 98  245 92  HOH HOH A . 
C 3 HOH 99  246 93  HOH HOH A . 
C 3 HOH 100 247 94  HOH HOH A . 
C 3 HOH 101 248 95  HOH HOH A . 
C 3 HOH 102 249 96  HOH HOH A . 
C 3 HOH 103 250 97  HOH HOH A . 
C 3 HOH 104 251 98  HOH HOH A . 
C 3 HOH 105 252 99  HOH HOH A . 
C 3 HOH 106 253 100 HOH HOH A . 
C 3 HOH 107 254 101 HOH HOH A . 
C 3 HOH 108 255 102 HOH HOH A . 
C 3 HOH 109 256 103 HOH HOH A . 
C 3 HOH 110 257 104 HOH HOH A . 
C 3 HOH 111 258 105 HOH HOH A . 
C 3 HOH 112 259 106 HOH HOH A . 
C 3 HOH 113 260 107 HOH HOH A . 
C 3 HOH 114 261 108 HOH HOH A . 
C 3 HOH 115 262 109 HOH HOH A . 
C 3 HOH 116 263 110 HOH HOH A . 
C 3 HOH 117 264 111 HOH HOH A . 
C 3 HOH 118 265 112 HOH HOH A . 
C 3 HOH 119 266 113 HOH HOH A . 
C 3 HOH 120 267 114 HOH HOH A . 
C 3 HOH 121 268 115 HOH HOH A . 
C 3 HOH 122 269 116 HOH HOH A . 
C 3 HOH 123 270 117 HOH HOH A . 
C 3 HOH 124 271 118 HOH HOH A . 
C 3 HOH 125 272 119 HOH HOH A . 
C 3 HOH 126 273 120 HOH HOH A . 
C 3 HOH 127 274 121 HOH HOH A . 
C 3 HOH 128 275 122 HOH HOH A . 
C 3 HOH 129 276 123 HOH HOH A . 
C 3 HOH 130 277 125 HOH HOH A . 
C 3 HOH 131 278 126 HOH HOH A . 
C 3 HOH 132 279 127 HOH HOH A . 
C 3 HOH 133 280 128 HOH HOH A . 
C 3 HOH 134 281 129 HOH HOH A . 
C 3 HOH 135 282 130 HOH HOH A . 
C 3 HOH 136 283 131 HOH HOH A . 
C 3 HOH 137 284 132 HOH HOH A . 
C 3 HOH 138 285 133 HOH HOH A . 
C 3 HOH 139 286 134 HOH HOH A . 
C 3 HOH 140 287 135 HOH HOH A . 
C 3 HOH 141 288 136 HOH HOH A . 
C 3 HOH 142 289 137 HOH HOH A . 
C 3 HOH 143 290 138 HOH HOH A . 
C 3 HOH 144 291 139 HOH HOH A . 
C 3 HOH 145 292 140 HOH HOH A . 
C 3 HOH 146 293 141 HOH HOH A . 
C 3 HOH 147 294 142 HOH HOH A . 
C 3 HOH 148 295 143 HOH HOH A . 
C 3 HOH 149 296 144 HOH HOH A . 
C 3 HOH 150 297 145 HOH HOH A . 
C 3 HOH 151 298 146 HOH HOH A . 
C 3 HOH 152 299 147 HOH HOH A . 
# 
_pdbx_struct_assembly.id                   1 
_pdbx_struct_assembly.details              author_and_software_defined_assembly 
_pdbx_struct_assembly.method_details       PISA 
_pdbx_struct_assembly.oligomeric_details   dimeric 
_pdbx_struct_assembly.oligomeric_count     2 
# 
_pdbx_struct_assembly_gen.assembly_id       1 
_pdbx_struct_assembly_gen.oper_expression   1,2 
_pdbx_struct_assembly_gen.asym_id_list      A,B,C 
# 
loop_
_pdbx_struct_assembly_prop.biol_id 
_pdbx_struct_assembly_prop.type 
_pdbx_struct_assembly_prop.value 
_pdbx_struct_assembly_prop.details 
1 'ABSA (A^2)' 6160  ? 
1 MORE         -43   ? 
1 'SSA (A^2)'  14030 ? 
# 
loop_
_pdbx_struct_oper_list.id 
_pdbx_struct_oper_list.type 
_pdbx_struct_oper_list.name 
_pdbx_struct_oper_list.symmetry_operation 
_pdbx_struct_oper_list.matrix[1][1] 
_pdbx_struct_oper_list.matrix[1][2] 
_pdbx_struct_oper_list.matrix[1][3] 
_pdbx_struct_oper_list.vector[1] 
_pdbx_struct_oper_list.matrix[2][1] 
_pdbx_struct_oper_list.matrix[2][2] 
_pdbx_struct_oper_list.matrix[2][3] 
_pdbx_struct_oper_list.vector[2] 
_pdbx_struct_oper_list.matrix[3][1] 
_pdbx_struct_oper_list.matrix[3][2] 
_pdbx_struct_oper_list.matrix[3][3] 
_pdbx_struct_oper_list.vector[3] 
1 'identity operation'         1_555 x,y,z        1.0000000000 0.0000000000  0.0000000000  0.0000000000 0.0000000000  1.0000000000  0.0000000000 0.0000000000  0.0000000000  0.0000000000 1.0000000000  0.0000000000  
2 'crystal symmetry operation' 8_554 -y,-x,-z-1/2 0.1326362986 -0.5657982505 -0.8138058442 7.6315087651 -0.5657982505 -0.7173605855 0.4065293718 20.3812839327 -0.8138058442 0.4065293718 -0.4152757131 -3.5487223071 
# 
loop_
_pdbx_audit_revision_history.ordinal 
_pdbx_audit_revision_history.data_content_type 
_pdbx_audit_revision_history.major_revision 
_pdbx_audit_revision_history.minor_revision 
_pdbx_audit_revision_history.revision_date 
1 'Structure model' 1 0 2009-08-25 
2 'Structure model' 1 1 2011-07-13 
3 'Structure model' 1 2 2017-11-01 
4 'Structure model' 1 3 2023-11-01 
# 
_pdbx_audit_revision_details.ordinal             1 
_pdbx_audit_revision_details.revision_ordinal    1 
_pdbx_audit_revision_details.data_content_type   'Structure model' 
_pdbx_audit_revision_details.provider            repository 
_pdbx_audit_revision_details.type                'Initial release' 
_pdbx_audit_revision_details.description         ? 
_pdbx_audit_revision_details.details             ? 
# 
loop_
_pdbx_audit_revision_group.ordinal 
_pdbx_audit_revision_group.revision_ordinal 
_pdbx_audit_revision_group.data_content_type 
_pdbx_audit_revision_group.group 
1 2 'Structure model' 'Version format compliance' 
2 3 'Structure model' 'Refinement description'    
3 4 'Structure model' 'Data collection'           
4 4 'Structure model' 'Database references'       
5 4 'Structure model' 'Derived calculations'      
6 4 'Structure model' 'Refinement description'    
# 
loop_
_pdbx_audit_revision_category.ordinal 
_pdbx_audit_revision_category.revision_ordinal 
_pdbx_audit_revision_category.data_content_type 
_pdbx_audit_revision_category.category 
1 3 'Structure model' software                      
2 4 'Structure model' chem_comp_atom                
3 4 'Structure model' chem_comp_bond                
4 4 'Structure model' database_2                    
5 4 'Structure model' pdbx_initial_refinement_model 
6 4 'Structure model' struct_site                   
# 
loop_
_pdbx_audit_revision_item.ordinal 
_pdbx_audit_revision_item.revision_ordinal 
_pdbx_audit_revision_item.data_content_type 
_pdbx_audit_revision_item.item 
1 3 'Structure model' '_software.name'                      
2 4 'Structure model' '_database_2.pdbx_DOI'                
3 4 'Structure model' '_database_2.pdbx_database_accession' 
4 4 'Structure model' '_struct_site.pdbx_auth_asym_id'      
5 4 'Structure model' '_struct_site.pdbx_auth_comp_id'      
6 4 'Structure model' '_struct_site.pdbx_auth_seq_id'       
# 
loop_
_software.name 
_software.version 
_software.date 
_software.type 
_software.contact_author 
_software.contact_author_email 
_software.classification 
_software.location 
_software.language 
_software.citation_id 
_software.pdbx_ordinal 
CNS         1.1   ?               package 'Axel T. Brunger' axel.brunger@yale.edu refinement        http://cns-online.org/ 
Fortran_77 ? 1 
PDB_EXTRACT 3.006 'June 11, 2008' package PDB               help@deposit.rcsb.org 'data extraction' 
http://sw-tools.pdb.org/apps/PDB_EXTRACT/ C++        ? 2 
HKL-2000    .     ?               ?       ?                 ?                     'data reduction'  ? ?          ? 3 
HKL-2000    .     ?               ?       ?                 ?                     'data scaling'    ? ?          ? 4 
MOLREP      .     ?               ?       ?                 ?                     phasing           ? ?          ? 5 
# 
_pdbx_validate_close_contact.id               1 
_pdbx_validate_close_contact.PDB_model_num    1 
_pdbx_validate_close_contact.auth_atom_id_1   OE2 
_pdbx_validate_close_contact.auth_asym_id_1   A 
_pdbx_validate_close_contact.auth_comp_id_1   GLU 
_pdbx_validate_close_contact.auth_seq_id_1    25 
_pdbx_validate_close_contact.PDB_ins_code_1   ? 
_pdbx_validate_close_contact.label_alt_id_1   ? 
_pdbx_validate_close_contact.auth_atom_id_2   NH1 
_pdbx_validate_close_contact.auth_asym_id_2   A 
_pdbx_validate_close_contact.auth_comp_id_2   ARG 
_pdbx_validate_close_contact.auth_seq_id_2    28 
_pdbx_validate_close_contact.PDB_ins_code_2   ? 
_pdbx_validate_close_contact.label_alt_id_2   ? 
_pdbx_validate_close_contact.dist             2.15 
# 
loop_
_pdbx_unobs_or_zero_occ_residues.id 
_pdbx_unobs_or_zero_occ_residues.PDB_model_num 
_pdbx_unobs_or_zero_occ_residues.polymer_flag 
_pdbx_unobs_or_zero_occ_residues.occupancy_flag 
_pdbx_unobs_or_zero_occ_residues.auth_asym_id 
_pdbx_unobs_or_zero_occ_residues.auth_comp_id 
_pdbx_unobs_or_zero_occ_residues.auth_seq_id 
_pdbx_unobs_or_zero_occ_residues.PDB_ins_code 
_pdbx_unobs_or_zero_occ_residues.label_asym_id 
_pdbx_unobs_or_zero_occ_residues.label_comp_id 
_pdbx_unobs_or_zero_occ_residues.label_seq_id 
1 1 Y 1 A MET 1 ? A MET 1 
2 1 Y 1 A LEU 2 ? A LEU 2 
3 1 Y 1 A GLU 3 ? A GLU 3 
4 1 Y 1 A SER 4 ? A SER 4 
5 1 Y 1 A ASN 5 ? A ASN 5 
# 
loop_
_chem_comp_atom.comp_id 
_chem_comp_atom.atom_id 
_chem_comp_atom.type_symbol 
_chem_comp_atom.pdbx_aromatic_flag 
_chem_comp_atom.pdbx_stereo_config 
_chem_comp_atom.pdbx_ordinal 
ALA N      N N N 1   
ALA CA     C N S 2   
ALA C      C N N 3   
ALA O      O N N 4   
ALA CB     C N N 5   
ALA OXT    O N N 6   
ALA H      H N N 7   
ALA H2     H N N 8   
ALA HA     H N N 9   
ALA HB1    H N N 10  
ALA HB2    H N N 11  
ALA HB3    H N N 12  
ALA HXT    H N N 13  
ARG N      N N N 14  
ARG CA     C N S 15  
ARG C      C N N 16  
ARG O      O N N 17  
ARG CB     C N N 18  
ARG CG     C N N 19  
ARG CD     C N N 20  
ARG NE     N N N 21  
ARG CZ     C N N 22  
ARG NH1    N N N 23  
ARG NH2    N N N 24  
ARG OXT    O N N 25  
ARG H      H N N 26  
ARG H2     H N N 27  
ARG HA     H N N 28  
ARG HB2    H N N 29  
ARG HB3    H N N 30  
ARG HG2    H N N 31  
ARG HG3    H N N 32  
ARG HD2    H N N 33  
ARG HD3    H N N 34  
ARG HE     H N N 35  
ARG HH11   H N N 36  
ARG HH12   H N N 37  
ARG HH21   H N N 38  
ARG HH22   H N N 39  
ARG HXT    H N N 40  
ASN N      N N N 41  
ASN CA     C N S 42  
ASN C      C N N 43  
ASN O      O N N 44  
ASN CB     C N N 45  
ASN CG     C N N 46  
ASN OD1    O N N 47  
ASN ND2    N N N 48  
ASN OXT    O N N 49  
ASN H      H N N 50  
ASN H2     H N N 51  
ASN HA     H N N 52  
ASN HB2    H N N 53  
ASN HB3    H N N 54  
ASN HD21   H N N 55  
ASN HD22   H N N 56  
ASN HXT    H N N 57  
ASP N      N N N 58  
ASP CA     C N S 59  
ASP C      C N N 60  
ASP O      O N N 61  
ASP CB     C N N 62  
ASP CG     C N N 63  
ASP OD1    O N N 64  
ASP OD2    O N N 65  
ASP OXT    O N N 66  
ASP H      H N N 67  
ASP H2     H N N 68  
ASP HA     H N N 69  
ASP HB2    H N N 70  
ASP HB3    H N N 71  
ASP HD2    H N N 72  
ASP HXT    H N N 73  
GLN N      N N N 74  
GLN CA     C N S 75  
GLN C      C N N 76  
GLN O      O N N 77  
GLN CB     C N N 78  
GLN CG     C N N 79  
GLN CD     C N N 80  
GLN OE1    O N N 81  
GLN NE2    N N N 82  
GLN OXT    O N N 83  
GLN H      H N N 84  
GLN H2     H N N 85  
GLN HA     H N N 86  
GLN HB2    H N N 87  
GLN HB3    H N N 88  
GLN HG2    H N N 89  
GLN HG3    H N N 90  
GLN HE21   H N N 91  
GLN HE22   H N N 92  
GLN HXT    H N N 93  
GLU N      N N N 94  
GLU CA     C N S 95  
GLU C      C N N 96  
GLU O      O N N 97  
GLU CB     C N N 98  
GLU CG     C N N 99  
GLU CD     C N N 100 
GLU OE1    O N N 101 
GLU OE2    O N N 102 
GLU OXT    O N N 103 
GLU H      H N N 104 
GLU H2     H N N 105 
GLU HA     H N N 106 
GLU HB2    H N N 107 
GLU HB3    H N N 108 
GLU HG2    H N N 109 
GLU HG3    H N N 110 
GLU HE2    H N N 111 
GLU HXT    H N N 112 
GLY N      N N N 113 
GLY CA     C N N 114 
GLY C      C N N 115 
GLY O      O N N 116 
GLY OXT    O N N 117 
GLY H      H N N 118 
GLY H2     H N N 119 
GLY HA2    H N N 120 
GLY HA3    H N N 121 
GLY HXT    H N N 122 
HOH O      O N N 123 
HOH H1     H N N 124 
HOH H2     H N N 125 
ILE N      N N N 126 
ILE CA     C N S 127 
ILE C      C N N 128 
ILE O      O N N 129 
ILE CB     C N S 130 
ILE CG1    C N N 131 
ILE CG2    C N N 132 
ILE CD1    C N N 133 
ILE OXT    O N N 134 
ILE H      H N N 135 
ILE H2     H N N 136 
ILE HA     H N N 137 
ILE HB     H N N 138 
ILE HG12   H N N 139 
ILE HG13   H N N 140 
ILE HG21   H N N 141 
ILE HG22   H N N 142 
ILE HG23   H N N 143 
ILE HD11   H N N 144 
ILE HD12   H N N 145 
ILE HD13   H N N 146 
ILE HXT    H N N 147 
LEU N      N N N 148 
LEU CA     C N S 149 
LEU C      C N N 150 
LEU O      O N N 151 
LEU CB     C N N 152 
LEU CG     C N N 153 
LEU CD1    C N N 154 
LEU CD2    C N N 155 
LEU OXT    O N N 156 
LEU H      H N N 157 
LEU H2     H N N 158 
LEU HA     H N N 159 
LEU HB2    H N N 160 
LEU HB3    H N N 161 
LEU HG     H N N 162 
LEU HD11   H N N 163 
LEU HD12   H N N 164 
LEU HD13   H N N 165 
LEU HD21   H N N 166 
LEU HD22   H N N 167 
LEU HD23   H N N 168 
LEU HXT    H N N 169 
LYS N      N N N 170 
LYS CA     C N S 171 
LYS C      C N N 172 
LYS O      O N N 173 
LYS CB     C N N 174 
LYS CG     C N N 175 
LYS CD     C N N 176 
LYS CE     C N N 177 
LYS NZ     N N N 178 
LYS OXT    O N N 179 
LYS H      H N N 180 
LYS H2     H N N 181 
LYS HA     H N N 182 
LYS HB2    H N N 183 
LYS HB3    H N N 184 
LYS HG2    H N N 185 
LYS HG3    H N N 186 
LYS HD2    H N N 187 
LYS HD3    H N N 188 
LYS HE2    H N N 189 
LYS HE3    H N N 190 
LYS HZ1    H N N 191 
LYS HZ2    H N N 192 
LYS HZ3    H N N 193 
LYS HXT    H N N 194 
MET N      N N N 195 
MET CA     C N S 196 
MET C      C N N 197 
MET O      O N N 198 
MET CB     C N N 199 
MET CG     C N N 200 
MET SD     S N N 201 
MET CE     C N N 202 
MET OXT    O N N 203 
MET H      H N N 204 
MET H2     H N N 205 
MET HA     H N N 206 
MET HB2    H N N 207 
MET HB3    H N N 208 
MET HG2    H N N 209 
MET HG3    H N N 210 
MET HE1    H N N 211 
MET HE2    H N N 212 
MET HE3    H N N 213 
MET HXT    H N N 214 
PHE N      N N N 215 
PHE CA     C N S 216 
PHE C      C N N 217 
PHE O      O N N 218 
PHE CB     C N N 219 
PHE CG     C Y N 220 
PHE CD1    C Y N 221 
PHE CD2    C Y N 222 
PHE CE1    C Y N 223 
PHE CE2    C Y N 224 
PHE CZ     C Y N 225 
PHE OXT    O N N 226 
PHE H      H N N 227 
PHE H2     H N N 228 
PHE HA     H N N 229 
PHE HB2    H N N 230 
PHE HB3    H N N 231 
PHE HD1    H N N 232 
PHE HD2    H N N 233 
PHE HE1    H N N 234 
PHE HE2    H N N 235 
PHE HZ     H N N 236 
PHE HXT    H N N 237 
PRO N      N N N 238 
PRO CA     C N S 239 
PRO C      C N N 240 
PRO O      O N N 241 
PRO CB     C N N 242 
PRO CG     C N N 243 
PRO CD     C N N 244 
PRO OXT    O N N 245 
PRO H      H N N 246 
PRO HA     H N N 247 
PRO HB2    H N N 248 
PRO HB3    H N N 249 
PRO HG2    H N N 250 
PRO HG3    H N N 251 
PRO HD2    H N N 252 
PRO HD3    H N N 253 
PRO HXT    H N N 254 
SAL "C1'"  C N N 255 
SAL "O1'"  O N N 256 
SAL "O2'"  O N N 257 
SAL C1     C Y N 258 
SAL C2     C Y N 259 
SAL C3     C Y N 260 
SAL C4     C Y N 261 
SAL C5     C Y N 262 
SAL C6     C Y N 263 
SAL O2     O N N 264 
SAL "HO2'" H N N 265 
SAL H3     H N N 266 
SAL H4     H N N 267 
SAL H5     H N N 268 
SAL H6     H N N 269 
SAL HO2    H N N 270 
SER N      N N N 271 
SER CA     C N S 272 
SER C      C N N 273 
SER O      O N N 274 
SER CB     C N N 275 
SER OG     O N N 276 
SER OXT    O N N 277 
SER H      H N N 278 
SER H2     H N N 279 
SER HA     H N N 280 
SER HB2    H N N 281 
SER HB3    H N N 282 
SER HG     H N N 283 
SER HXT    H N N 284 
THR N      N N N 285 
THR CA     C N S 286 
THR C      C N N 287 
THR O      O N N 288 
THR CB     C N R 289 
THR OG1    O N N 290 
THR CG2    C N N 291 
THR OXT    O N N 292 
THR H      H N N 293 
THR H2     H N N 294 
THR HA     H N N 295 
THR HB     H N N 296 
THR HG1    H N N 297 
THR HG21   H N N 298 
THR HG22   H N N 299 
THR HG23   H N N 300 
THR HXT    H N N 301 
TYR N      N N N 302 
TYR CA     C N S 303 
TYR C      C N N 304 
TYR O      O N N 305 
TYR CB     C N N 306 
TYR CG     C Y N 307 
TYR CD1    C Y N 308 
TYR CD2    C Y N 309 
TYR CE1    C Y N 310 
TYR CE2    C Y N 311 
TYR CZ     C Y N 312 
TYR OH     O N N 313 
TYR OXT    O N N 314 
TYR H      H N N 315 
TYR H2     H N N 316 
TYR HA     H N N 317 
TYR HB2    H N N 318 
TYR HB3    H N N 319 
TYR HD1    H N N 320 
TYR HD2    H N N 321 
TYR HE1    H N N 322 
TYR HE2    H N N 323 
TYR HH     H N N 324 
TYR HXT    H N N 325 
VAL N      N N N 326 
VAL CA     C N S 327 
VAL C      C N N 328 
VAL O      O N N 329 
VAL CB     C N N 330 
VAL CG1    C N N 331 
VAL CG2    C N N 332 
VAL OXT    O N N 333 
VAL H      H N N 334 
VAL H2     H N N 335 
VAL HA     H N N 336 
VAL HB     H N N 337 
VAL HG11   H N N 338 
VAL HG12   H N N 339 
VAL HG13   H N N 340 
VAL HG21   H N N 341 
VAL HG22   H N N 342 
VAL HG23   H N N 343 
VAL HXT    H N N 344 
# 
loop_
_chem_comp_bond.comp_id 
_chem_comp_bond.atom_id_1 
_chem_comp_bond.atom_id_2 
_chem_comp_bond.value_order 
_chem_comp_bond.pdbx_aromatic_flag 
_chem_comp_bond.pdbx_stereo_config 
_chem_comp_bond.pdbx_ordinal 
ALA N     CA     sing N N 1   
ALA N     H      sing N N 2   
ALA N     H2     sing N N 3   
ALA CA    C      sing N N 4   
ALA CA    CB     sing N N 5   
ALA CA    HA     sing N N 6   
ALA C     O      doub N N 7   
ALA C     OXT    sing N N 8   
ALA CB    HB1    sing N N 9   
ALA CB    HB2    sing N N 10  
ALA CB    HB3    sing N N 11  
ALA OXT   HXT    sing N N 12  
ARG N     CA     sing N N 13  
ARG N     H      sing N N 14  
ARG N     H2     sing N N 15  
ARG CA    C      sing N N 16  
ARG CA    CB     sing N N 17  
ARG CA    HA     sing N N 18  
ARG C     O      doub N N 19  
ARG C     OXT    sing N N 20  
ARG CB    CG     sing N N 21  
ARG CB    HB2    sing N N 22  
ARG CB    HB3    sing N N 23  
ARG CG    CD     sing N N 24  
ARG CG    HG2    sing N N 25  
ARG CG    HG3    sing N N 26  
ARG CD    NE     sing N N 27  
ARG CD    HD2    sing N N 28  
ARG CD    HD3    sing N N 29  
ARG NE    CZ     sing N N 30  
ARG NE    HE     sing N N 31  
ARG CZ    NH1    sing N N 32  
ARG CZ    NH2    doub N N 33  
ARG NH1   HH11   sing N N 34  
ARG NH1   HH12   sing N N 35  
ARG NH2   HH21   sing N N 36  
ARG NH2   HH22   sing N N 37  
ARG OXT   HXT    sing N N 38  
ASN N     CA     sing N N 39  
ASN N     H      sing N N 40  
ASN N     H2     sing N N 41  
ASN CA    C      sing N N 42  
ASN CA    CB     sing N N 43  
ASN CA    HA     sing N N 44  
ASN C     O      doub N N 45  
ASN C     OXT    sing N N 46  
ASN CB    CG     sing N N 47  
ASN CB    HB2    sing N N 48  
ASN CB    HB3    sing N N 49  
ASN CG    OD1    doub N N 50  
ASN CG    ND2    sing N N 51  
ASN ND2   HD21   sing N N 52  
ASN ND2   HD22   sing N N 53  
ASN OXT   HXT    sing N N 54  
ASP N     CA     sing N N 55  
ASP N     H      sing N N 56  
ASP N     H2     sing N N 57  
ASP CA    C      sing N N 58  
ASP CA    CB     sing N N 59  
ASP CA    HA     sing N N 60  
ASP C     O      doub N N 61  
ASP C     OXT    sing N N 62  
ASP CB    CG     sing N N 63  
ASP CB    HB2    sing N N 64  
ASP CB    HB3    sing N N 65  
ASP CG    OD1    doub N N 66  
ASP CG    OD2    sing N N 67  
ASP OD2   HD2    sing N N 68  
ASP OXT   HXT    sing N N 69  
GLN N     CA     sing N N 70  
GLN N     H      sing N N 71  
GLN N     H2     sing N N 72  
GLN CA    C      sing N N 73  
GLN CA    CB     sing N N 74  
GLN CA    HA     sing N N 75  
GLN C     O      doub N N 76  
GLN C     OXT    sing N N 77  
GLN CB    CG     sing N N 78  
GLN CB    HB2    sing N N 79  
GLN CB    HB3    sing N N 80  
GLN CG    CD     sing N N 81  
GLN CG    HG2    sing N N 82  
GLN CG    HG3    sing N N 83  
GLN CD    OE1    doub N N 84  
GLN CD    NE2    sing N N 85  
GLN NE2   HE21   sing N N 86  
GLN NE2   HE22   sing N N 87  
GLN OXT   HXT    sing N N 88  
GLU N     CA     sing N N 89  
GLU N     H      sing N N 90  
GLU N     H2     sing N N 91  
GLU CA    C      sing N N 92  
GLU CA    CB     sing N N 93  
GLU CA    HA     sing N N 94  
GLU C     O      doub N N 95  
GLU C     OXT    sing N N 96  
GLU CB    CG     sing N N 97  
GLU CB    HB2    sing N N 98  
GLU CB    HB3    sing N N 99  
GLU CG    CD     sing N N 100 
GLU CG    HG2    sing N N 101 
GLU CG    HG3    sing N N 102 
GLU CD    OE1    doub N N 103 
GLU CD    OE2    sing N N 104 
GLU OE2   HE2    sing N N 105 
GLU OXT   HXT    sing N N 106 
GLY N     CA     sing N N 107 
GLY N     H      sing N N 108 
GLY N     H2     sing N N 109 
GLY CA    C      sing N N 110 
GLY CA    HA2    sing N N 111 
GLY CA    HA3    sing N N 112 
GLY C     O      doub N N 113 
GLY C     OXT    sing N N 114 
GLY OXT   HXT    sing N N 115 
HOH O     H1     sing N N 116 
HOH O     H2     sing N N 117 
ILE N     CA     sing N N 118 
ILE N     H      sing N N 119 
ILE N     H2     sing N N 120 
ILE CA    C      sing N N 121 
ILE CA    CB     sing N N 122 
ILE CA    HA     sing N N 123 
ILE C     O      doub N N 124 
ILE C     OXT    sing N N 125 
ILE CB    CG1    sing N N 126 
ILE CB    CG2    sing N N 127 
ILE CB    HB     sing N N 128 
ILE CG1   CD1    sing N N 129 
ILE CG1   HG12   sing N N 130 
ILE CG1   HG13   sing N N 131 
ILE CG2   HG21   sing N N 132 
ILE CG2   HG22   sing N N 133 
ILE CG2   HG23   sing N N 134 
ILE CD1   HD11   sing N N 135 
ILE CD1   HD12   sing N N 136 
ILE CD1   HD13   sing N N 137 
ILE OXT   HXT    sing N N 138 
LEU N     CA     sing N N 139 
LEU N     H      sing N N 140 
LEU N     H2     sing N N 141 
LEU CA    C      sing N N 142 
LEU CA    CB     sing N N 143 
LEU CA    HA     sing N N 144 
LEU C     O      doub N N 145 
LEU C     OXT    sing N N 146 
LEU CB    CG     sing N N 147 
LEU CB    HB2    sing N N 148 
LEU CB    HB3    sing N N 149 
LEU CG    CD1    sing N N 150 
LEU CG    CD2    sing N N 151 
LEU CG    HG     sing N N 152 
LEU CD1   HD11   sing N N 153 
LEU CD1   HD12   sing N N 154 
LEU CD1   HD13   sing N N 155 
LEU CD2   HD21   sing N N 156 
LEU CD2   HD22   sing N N 157 
LEU CD2   HD23   sing N N 158 
LEU OXT   HXT    sing N N 159 
LYS N     CA     sing N N 160 
LYS N     H      sing N N 161 
LYS N     H2     sing N N 162 
LYS CA    C      sing N N 163 
LYS CA    CB     sing N N 164 
LYS CA    HA     sing N N 165 
LYS C     O      doub N N 166 
LYS C     OXT    sing N N 167 
LYS CB    CG     sing N N 168 
LYS CB    HB2    sing N N 169 
LYS CB    HB3    sing N N 170 
LYS CG    CD     sing N N 171 
LYS CG    HG2    sing N N 172 
LYS CG    HG3    sing N N 173 
LYS CD    CE     sing N N 174 
LYS CD    HD2    sing N N 175 
LYS CD    HD3    sing N N 176 
LYS CE    NZ     sing N N 177 
LYS CE    HE2    sing N N 178 
LYS CE    HE3    sing N N 179 
LYS NZ    HZ1    sing N N 180 
LYS NZ    HZ2    sing N N 181 
LYS NZ    HZ3    sing N N 182 
LYS OXT   HXT    sing N N 183 
MET N     CA     sing N N 184 
MET N     H      sing N N 185 
MET N     H2     sing N N 186 
MET CA    C      sing N N 187 
MET CA    CB     sing N N 188 
MET CA    HA     sing N N 189 
MET C     O      doub N N 190 
MET C     OXT    sing N N 191 
MET CB    CG     sing N N 192 
MET CB    HB2    sing N N 193 
MET CB    HB3    sing N N 194 
MET CG    SD     sing N N 195 
MET CG    HG2    sing N N 196 
MET CG    HG3    sing N N 197 
MET SD    CE     sing N N 198 
MET CE    HE1    sing N N 199 
MET CE    HE2    sing N N 200 
MET CE    HE3    sing N N 201 
MET OXT   HXT    sing N N 202 
PHE N     CA     sing N N 203 
PHE N     H      sing N N 204 
PHE N     H2     sing N N 205 
PHE CA    C      sing N N 206 
PHE CA    CB     sing N N 207 
PHE CA    HA     sing N N 208 
PHE C     O      doub N N 209 
PHE C     OXT    sing N N 210 
PHE CB    CG     sing N N 211 
PHE CB    HB2    sing N N 212 
PHE CB    HB3    sing N N 213 
PHE CG    CD1    doub Y N 214 
PHE CG    CD2    sing Y N 215 
PHE CD1   CE1    sing Y N 216 
PHE CD1   HD1    sing N N 217 
PHE CD2   CE2    doub Y N 218 
PHE CD2   HD2    sing N N 219 
PHE CE1   CZ     doub Y N 220 
PHE CE1   HE1    sing N N 221 
PHE CE2   CZ     sing Y N 222 
PHE CE2   HE2    sing N N 223 
PHE CZ    HZ     sing N N 224 
PHE OXT   HXT    sing N N 225 
PRO N     CA     sing N N 226 
PRO N     CD     sing N N 227 
PRO N     H      sing N N 228 
PRO CA    C      sing N N 229 
PRO CA    CB     sing N N 230 
PRO CA    HA     sing N N 231 
PRO C     O      doub N N 232 
PRO C     OXT    sing N N 233 
PRO CB    CG     sing N N 234 
PRO CB    HB2    sing N N 235 
PRO CB    HB3    sing N N 236 
PRO CG    CD     sing N N 237 
PRO CG    HG2    sing N N 238 
PRO CG    HG3    sing N N 239 
PRO CD    HD2    sing N N 240 
PRO CD    HD3    sing N N 241 
PRO OXT   HXT    sing N N 242 
SAL "C1'" "O1'"  doub N N 243 
SAL "C1'" "O2'"  sing N N 244 
SAL "C1'" C1     sing N N 245 
SAL "O2'" "HO2'" sing N N 246 
SAL C1    C2     sing Y N 247 
SAL C1    C6     doub Y N 248 
SAL C2    C3     doub Y N 249 
SAL C2    O2     sing N N 250 
SAL C3    C4     sing Y N 251 
SAL C3    H3     sing N N 252 
SAL C4    C5     doub Y N 253 
SAL C4    H4     sing N N 254 
SAL C5    C6     sing Y N 255 
SAL C5    H5     sing N N 256 
SAL C6    H6     sing N N 257 
SAL O2    HO2    sing N N 258 
SER N     CA     sing N N 259 
SER N     H      sing N N 260 
SER N     H2     sing N N 261 
SER CA    C      sing N N 262 
SER CA    CB     sing N N 263 
SER CA    HA     sing N N 264 
SER C     O      doub N N 265 
SER C     OXT    sing N N 266 
SER CB    OG     sing N N 267 
SER CB    HB2    sing N N 268 
SER CB    HB3    sing N N 269 
SER OG    HG     sing N N 270 
SER OXT   HXT    sing N N 271 
THR N     CA     sing N N 272 
THR N     H      sing N N 273 
THR N     H2     sing N N 274 
THR CA    C      sing N N 275 
THR CA    CB     sing N N 276 
THR CA    HA     sing N N 277 
THR C     O      doub N N 278 
THR C     OXT    sing N N 279 
THR CB    OG1    sing N N 280 
THR CB    CG2    sing N N 281 
THR CB    HB     sing N N 282 
THR OG1   HG1    sing N N 283 
THR CG2   HG21   sing N N 284 
THR CG2   HG22   sing N N 285 
THR CG2   HG23   sing N N 286 
THR OXT   HXT    sing N N 287 
TYR N     CA     sing N N 288 
TYR N     H      sing N N 289 
TYR N     H2     sing N N 290 
TYR CA    C      sing N N 291 
TYR CA    CB     sing N N 292 
TYR CA    HA     sing N N 293 
TYR C     O      doub N N 294 
TYR C     OXT    sing N N 295 
TYR CB    CG     sing N N 296 
TYR CB    HB2    sing N N 297 
TYR CB    HB3    sing N N 298 
TYR CG    CD1    doub Y N 299 
TYR CG    CD2    sing Y N 300 
TYR CD1   CE1    sing Y N 301 
TYR CD1   HD1    sing N N 302 
TYR CD2   CE2    doub Y N 303 
TYR CD2   HD2    sing N N 304 
TYR CE1   CZ     doub Y N 305 
TYR CE1   HE1    sing N N 306 
TYR CE2   CZ     sing Y N 307 
TYR CE2   HE2    sing N N 308 
TYR CZ    OH     sing N N 309 
TYR OH    HH     sing N N 310 
TYR OXT   HXT    sing N N 311 
VAL N     CA     sing N N 312 
VAL N     H      sing N N 313 
VAL N     H2     sing N N 314 
VAL CA    C      sing N N 315 
VAL CA    CB     sing N N 316 
VAL CA    HA     sing N N 317 
VAL C     O      doub N N 318 
VAL C     OXT    sing N N 319 
VAL CB    CG1    sing N N 320 
VAL CB    CG2    sing N N 321 
VAL CB    HB     sing N N 322 
VAL CG1   HG11   sing N N 323 
VAL CG1   HG12   sing N N 324 
VAL CG1   HG13   sing N N 325 
VAL CG2   HG21   sing N N 326 
VAL CG2   HG22   sing N N 327 
VAL CG2   HG23   sing N N 328 
VAL OXT   HXT    sing N N 329 
# 
loop_
_pdbx_entity_nonpoly.entity_id 
_pdbx_entity_nonpoly.name 
_pdbx_entity_nonpoly.comp_id 
2 '2-HYDROXYBENZOIC ACID' SAL 
3 water                   HOH 
# 
_pdbx_initial_refinement_model.id               1 
_pdbx_initial_refinement_model.entity_id_list   ? 
_pdbx_initial_refinement_model.type             'experimental model' 
_pdbx_initial_refinement_model.source_name      PDB 
_pdbx_initial_refinement_model.accession_code   2EB7 
_pdbx_initial_refinement_model.details          ? 
# 
